data_6NLF
#
_entry.id   6NLF
#
_cell.length_a   129.727
_cell.length_b   197.772
_cell.length_c   204.235
_cell.angle_alpha   90.000
_cell.angle_beta   90.000
_cell.angle_gamma   90.000
#
_symmetry.space_group_name_H-M   'C 2 2 21'
#
loop_
_entity.id
_entity.type
_entity.pdbx_description
1 polymer Ferroxidase
2 non-polymer 'POTASSIUM ION'
3 water water
#
_entity_poly.entity_id   1
_entity_poly.type   'polypeptide(L)'
_entity_poly.pdbx_seq_one_letter_code
;MKGDKKVIQHLNKILGNELIAINQYFLHSRMWNDWGLKRLGAHEYHESIDEMKHADKLIERILFLEGLPNLQDLGKLLIG
ENTQEMLQCDLNLELKATKDLREAIVHCEQVHDYVSRDLLKDILESEEEHIDYLETQLGLIQKVGLENYLQSHMHEDD
;
_entity_poly.pdbx_strand_id   A,B,C,D,E,F,G,H,I,J,K,L
#
# COMPACT_ATOMS: atom_id res chain seq x y z
N MET A 1 -38.45 42.09 -9.42
CA MET A 1 -37.64 43.25 -9.92
C MET A 1 -37.95 43.37 -11.40
N LYS A 2 -38.34 44.54 -11.87
CA LYS A 2 -38.82 44.66 -13.26
C LYS A 2 -37.65 44.57 -14.23
N GLY A 3 -37.60 43.50 -15.03
CA GLY A 3 -36.55 43.32 -16.00
C GLY A 3 -36.82 44.02 -17.33
N ASP A 4 -35.78 44.05 -18.15
CA ASP A 4 -35.86 44.57 -19.52
C ASP A 4 -36.71 43.63 -20.36
N LYS A 5 -37.67 44.19 -21.10
CA LYS A 5 -38.63 43.37 -21.84
C LYS A 5 -37.92 42.50 -22.88
N LYS A 6 -36.94 43.06 -23.58
CA LYS A 6 -36.19 42.30 -24.58
C LYS A 6 -35.31 41.23 -23.94
N VAL A 7 -34.70 41.50 -22.78
CA VAL A 7 -34.01 40.43 -22.07
C VAL A 7 -34.95 39.27 -21.82
N ILE A 8 -36.14 39.56 -21.30
CA ILE A 8 -37.09 38.49 -20.97
C ILE A 8 -37.47 37.70 -22.22
N GLN A 9 -37.69 38.39 -23.34
CA GLN A 9 -37.92 37.71 -24.62
C GLN A 9 -36.76 36.79 -24.97
N HIS A 10 -35.52 37.26 -24.83
CA HIS A 10 -34.37 36.40 -25.11
C HIS A 10 -34.35 35.20 -24.17
N LEU A 11 -34.59 35.42 -22.88
CA LEU A 11 -34.56 34.30 -21.93
C LEU A 11 -35.62 33.27 -22.28
N ASN A 12 -36.80 33.73 -22.72
CA ASN A 12 -37.84 32.79 -23.14
C ASN A 12 -37.44 32.05 -24.42
N LYS A 13 -36.70 32.70 -25.32
CA LYS A 13 -36.24 32.02 -26.53
C LYS A 13 -35.24 30.93 -26.18
N ILE A 14 -34.28 31.24 -25.29
N ILE A 14 -34.33 31.20 -25.25
CA ILE A 14 -33.35 30.23 -24.80
CA ILE A 14 -33.37 30.18 -24.84
C ILE A 14 -34.13 29.08 -24.16
C ILE A 14 -34.06 29.07 -24.07
N LEU A 15 -35.07 29.42 -23.27
CA LEU A 15 -35.88 28.39 -22.61
C LEU A 15 -36.54 27.48 -23.64
N GLY A 16 -37.10 28.06 -24.70
CA GLY A 16 -37.69 27.25 -25.77
C GLY A 16 -36.71 26.28 -26.38
N ASN A 17 -35.46 26.71 -26.59
CA ASN A 17 -34.45 25.81 -27.12
C ASN A 17 -34.15 24.68 -26.15
N GLU A 18 -34.02 25.01 -24.85
N GLU A 18 -34.10 24.99 -24.86
CA GLU A 18 -33.81 23.97 -23.85
CA GLU A 18 -33.81 23.95 -23.88
C GLU A 18 -34.93 22.95 -23.85
C GLU A 18 -34.96 22.97 -23.73
N LEU A 19 -36.20 23.42 -23.94
CA LEU A 19 -37.32 22.49 -23.88
C LEU A 19 -37.29 21.49 -25.04
N ILE A 20 -36.90 21.94 -26.23
CA ILE A 20 -36.72 21.00 -27.35
C ILE A 20 -35.66 19.97 -26.98
N ALA A 21 -34.53 20.44 -26.50
CA ALA A 21 -33.40 19.56 -26.20
C ALA A 21 -33.74 18.54 -25.13
N ILE A 22 -34.45 18.96 -24.07
CA ILE A 22 -34.85 18.01 -23.04
C ILE A 22 -35.57 16.82 -23.66
N ASN A 23 -36.57 17.09 -24.49
CA ASN A 23 -37.39 16.02 -25.06
C ASN A 23 -36.61 15.21 -26.07
N GLN A 24 -35.84 15.88 -26.92
CA GLN A 24 -35.06 15.16 -27.93
C GLN A 24 -34.06 14.23 -27.27
N TYR A 25 -33.34 14.72 -26.26
CA TYR A 25 -32.36 13.87 -25.59
C TYR A 25 -33.05 12.75 -24.83
N PHE A 26 -34.20 13.03 -24.20
CA PHE A 26 -34.86 11.96 -23.45
C PHE A 26 -35.29 10.83 -24.37
N LEU A 27 -35.89 11.17 -25.51
CA LEU A 27 -36.32 10.15 -26.46
C LEU A 27 -35.12 9.39 -27.01
N HIS A 28 -34.08 10.11 -27.43
CA HIS A 28 -32.87 9.42 -27.91
C HIS A 28 -32.33 8.47 -26.87
N SER A 29 -32.31 8.88 -25.61
CA SER A 29 -31.84 8.01 -24.53
C SER A 29 -32.61 6.72 -24.49
N ARG A 30 -33.95 6.81 -24.50
CA ARG A 30 -34.79 5.62 -24.36
C ARG A 30 -34.72 4.75 -25.61
N MET A 31 -34.49 5.34 -26.78
CA MET A 31 -34.25 4.54 -27.99
C MET A 31 -32.97 3.73 -27.87
N TRP A 32 -31.89 4.37 -27.43
CA TRP A 32 -30.65 3.64 -27.23
C TRP A 32 -30.80 2.52 -26.19
N ASN A 33 -31.50 2.79 -25.09
CA ASN A 33 -31.73 1.73 -24.10
C ASN A 33 -32.52 0.57 -24.71
N ASP A 34 -33.58 0.85 -25.48
CA ASP A 34 -34.39 -0.20 -26.11
C ASP A 34 -33.53 -1.08 -27.01
N TRP A 35 -32.53 -0.49 -27.67
CA TRP A 35 -31.64 -1.21 -28.57
C TRP A 35 -30.51 -1.92 -27.83
N GLY A 36 -30.40 -1.77 -26.52
CA GLY A 36 -29.34 -2.42 -25.79
C GLY A 36 -28.03 -1.66 -25.76
N LEU A 37 -28.05 -0.39 -26.17
CA LEU A 37 -26.87 0.47 -26.13
C LEU A 37 -26.95 1.34 -24.88
N LYS A 38 -26.79 0.65 -23.75
CA LYS A 38 -27.11 1.23 -22.44
C LYS A 38 -26.14 2.34 -22.04
N ARG A 39 -24.89 2.31 -22.51
CA ARG A 39 -23.96 3.38 -22.17
C ARG A 39 -24.36 4.69 -22.85
N LEU A 40 -24.76 4.62 -24.12
CA LEU A 40 -25.29 5.80 -24.80
C LEU A 40 -26.60 6.24 -24.17
N GLY A 41 -27.45 5.29 -23.80
CA GLY A 41 -28.71 5.63 -23.17
C GLY A 41 -28.52 6.41 -21.88
N ALA A 42 -27.57 5.97 -21.04
CA ALA A 42 -27.30 6.65 -19.78
C ALA A 42 -26.69 8.03 -20.02
N HIS A 43 -25.73 8.13 -20.93
CA HIS A 43 -25.12 9.44 -21.15
C HIS A 43 -26.14 10.43 -21.68
N GLU A 44 -27.01 9.99 -22.58
CA GLU A 44 -28.00 10.88 -23.16
C GLU A 44 -29.06 11.27 -22.13
N TYR A 45 -29.41 10.36 -21.22
CA TYR A 45 -30.30 10.71 -20.12
C TYR A 45 -29.70 11.84 -19.29
N HIS A 46 -28.41 11.73 -18.96
CA HIS A 46 -27.77 12.80 -18.19
C HIS A 46 -27.76 14.13 -18.96
N GLU A 47 -27.62 14.08 -20.29
CA GLU A 47 -27.71 15.30 -21.07
C GLU A 47 -29.10 15.92 -20.95
N SER A 48 -30.15 15.10 -20.99
CA SER A 48 -31.51 15.61 -20.80
C SER A 48 -31.68 16.27 -19.44
N ILE A 49 -31.25 15.60 -18.36
CA ILE A 49 -31.35 16.14 -17.01
C ILE A 49 -30.59 17.46 -16.90
N ASP A 50 -29.40 17.55 -17.52
CA ASP A 50 -28.64 18.80 -17.45
CA ASP A 50 -28.65 18.80 -17.42
C ASP A 50 -29.39 19.94 -18.12
N GLU A 51 -30.03 19.68 -19.26
CA GLU A 51 -30.86 20.70 -19.91
C GLU A 51 -32.03 21.11 -19.02
N MET A 52 -32.62 20.15 -18.30
CA MET A 52 -33.68 20.50 -17.35
C MET A 52 -33.17 21.49 -16.29
N LYS A 53 -31.95 21.29 -15.79
CA LYS A 53 -31.40 22.21 -14.79
C LYS A 53 -31.27 23.61 -15.38
N HIS A 54 -30.82 23.72 -16.63
CA HIS A 54 -30.73 25.06 -17.25
C HIS A 54 -32.10 25.67 -17.41
N ALA A 55 -33.08 24.89 -17.87
CA ALA A 55 -34.43 25.41 -18.03
C ALA A 55 -34.97 25.92 -16.70
N ASP A 56 -34.74 25.19 -15.61
CA ASP A 56 -35.18 25.63 -14.30
C ASP A 56 -34.60 27.00 -13.97
N LYS A 57 -33.30 27.19 -14.18
CA LYS A 57 -32.69 28.49 -13.88
C LYS A 57 -33.28 29.60 -14.74
N LEU A 58 -33.56 29.32 -16.01
CA LEU A 58 -34.17 30.35 -16.85
C LEU A 58 -35.57 30.70 -16.37
N ILE A 59 -36.38 29.70 -16.04
CA ILE A 59 -37.72 29.93 -15.52
C ILE A 59 -37.67 30.78 -14.26
N GLU A 60 -36.78 30.43 -13.33
CA GLU A 60 -36.65 31.17 -12.09
C GLU A 60 -36.24 32.62 -12.36
N ARG A 61 -35.29 32.84 -13.28
CA ARG A 61 -34.83 34.20 -13.60
C ARG A 61 -35.95 35.01 -14.24
N ILE A 62 -36.70 34.41 -15.17
CA ILE A 62 -37.82 35.11 -15.81
C ILE A 62 -38.84 35.57 -14.77
N LEU A 63 -39.19 34.68 -13.84
CA LEU A 63 -40.16 35.05 -12.81
C LEU A 63 -39.62 36.15 -11.92
N PHE A 64 -38.35 36.06 -11.52
CA PHE A 64 -37.76 37.13 -10.72
C PHE A 64 -37.88 38.49 -11.43
N LEU A 65 -37.65 38.50 -12.74
CA LEU A 65 -37.72 39.72 -13.55
C LEU A 65 -39.17 40.09 -13.93
N GLU A 66 -40.16 39.42 -13.34
CA GLU A 66 -41.57 39.74 -13.50
C GLU A 66 -42.08 39.49 -14.92
N GLY A 67 -41.48 38.49 -15.58
CA GLY A 67 -41.96 38.01 -16.86
C GLY A 67 -42.73 36.69 -16.73
N LEU A 68 -43.31 36.27 -17.85
CA LEU A 68 -44.08 35.04 -17.91
C LEU A 68 -43.28 33.95 -18.60
N PRO A 69 -42.84 32.90 -17.90
CA PRO A 69 -42.11 31.83 -18.60
C PRO A 69 -43.04 31.10 -19.55
N ASN A 70 -42.53 30.84 -20.76
CA ASN A 70 -43.31 30.17 -21.80
C ASN A 70 -42.85 28.71 -21.88
N LEU A 71 -43.65 27.81 -21.29
CA LEU A 71 -43.42 26.37 -21.42
C LEU A 71 -44.40 25.73 -22.40
N GLN A 72 -45.16 26.54 -23.15
CA GLN A 72 -46.24 26.04 -23.99
C GLN A 72 -45.81 25.79 -25.42
N ASP A 73 -44.96 26.66 -25.94
N ASP A 73 -44.83 26.52 -25.97
CA ASP A 73 -44.47 26.54 -27.30
CA ASP A 73 -44.59 26.54 -27.42
C ASP A 73 -43.35 25.51 -27.29
C ASP A 73 -43.34 25.73 -27.81
N LEU A 74 -43.54 24.41 -27.98
CA LEU A 74 -42.47 23.45 -28.19
C LEU A 74 -42.12 23.40 -29.68
N GLY A 75 -40.87 23.70 -29.98
CA GLY A 75 -40.38 23.67 -31.34
C GLY A 75 -40.07 22.26 -31.82
N LYS A 76 -39.42 22.18 -32.99
CA LYS A 76 -39.32 20.90 -33.71
C LYS A 76 -38.24 20.02 -33.10
N LEU A 77 -38.62 18.81 -32.68
CA LEU A 77 -37.64 17.82 -32.25
C LEU A 77 -36.96 17.21 -33.46
N LEU A 78 -35.64 17.06 -33.36
CA LEU A 78 -34.83 16.48 -34.44
C LEU A 78 -34.49 15.07 -33.99
N ILE A 79 -35.24 14.09 -34.48
CA ILE A 79 -35.15 12.71 -33.99
C ILE A 79 -34.46 11.87 -35.05
N GLY A 80 -33.34 11.26 -34.70
CA GLY A 80 -32.68 10.37 -35.64
C GLY A 80 -33.28 8.97 -35.66
N GLU A 81 -32.92 8.20 -36.70
CA GLU A 81 -33.35 6.81 -36.82
C GLU A 81 -32.25 5.80 -36.52
N ASN A 82 -30.99 6.24 -36.40
CA ASN A 82 -29.88 5.38 -36.04
C ASN A 82 -28.88 6.23 -35.27
N THR A 83 -27.88 5.56 -34.68
CA THR A 83 -26.96 6.25 -33.76
C THR A 83 -26.29 7.45 -34.41
N GLN A 84 -25.72 7.28 -35.62
CA GLN A 84 -25.05 8.37 -36.31
CA GLN A 84 -25.04 8.38 -36.27
C GLN A 84 -25.97 9.57 -36.51
N GLU A 85 -27.20 9.32 -36.97
CA GLU A 85 -28.15 10.39 -37.22
C GLU A 85 -28.58 11.08 -35.92
N MET A 86 -28.76 10.29 -34.85
CA MET A 86 -29.19 10.86 -33.58
C MET A 86 -28.12 11.80 -33.01
N LEU A 87 -26.85 11.39 -33.07
CA LEU A 87 -25.78 12.26 -32.60
C LEU A 87 -25.73 13.53 -33.45
N GLN A 88 -25.87 13.39 -34.78
CA GLN A 88 -25.82 14.58 -35.63
C GLN A 88 -27.01 15.50 -35.39
N CYS A 89 -28.19 14.93 -35.12
CA CYS A 89 -29.36 15.72 -34.75
C CYS A 89 -29.10 16.51 -33.47
N ASP A 90 -28.51 15.88 -32.46
CA ASP A 90 -28.18 16.60 -31.22
C ASP A 90 -27.22 17.74 -31.52
N LEU A 91 -26.22 17.48 -32.40
CA LEU A 91 -25.23 18.50 -32.72
C LEU A 91 -25.86 19.65 -33.48
N ASN A 92 -26.75 19.37 -34.43
CA ASN A 92 -27.44 20.44 -35.15
C ASN A 92 -28.21 21.34 -34.19
N LEU A 93 -28.88 20.74 -33.20
CA LEU A 93 -29.65 21.51 -32.24
C LEU A 93 -28.73 22.38 -31.38
N GLU A 94 -27.60 21.80 -30.92
CA GLU A 94 -26.69 22.52 -30.03
C GLU A 94 -26.09 23.73 -30.72
N LEU A 95 -25.81 23.63 -32.01
CA LEU A 95 -25.23 24.75 -32.73
C LEU A 95 -26.22 25.91 -32.88
N LYS A 96 -27.51 25.62 -33.05
CA LYS A 96 -28.53 26.68 -33.04
C LYS A 96 -28.67 27.30 -31.64
N ALA A 97 -28.55 26.47 -30.62
CA ALA A 97 -28.66 26.95 -29.25
C ALA A 97 -27.56 27.94 -28.91
N THR A 98 -26.33 27.67 -29.36
CA THR A 98 -25.22 28.56 -29.03
C THR A 98 -25.32 29.88 -29.78
N LYS A 99 -25.81 29.86 -31.01
CA LYS A 99 -26.05 31.11 -31.72
C LYS A 99 -27.00 32.00 -30.94
N ASP A 100 -28.10 31.42 -30.45
CA ASP A 100 -29.08 32.22 -29.73
C ASP A 100 -28.52 32.70 -28.39
N LEU A 101 -27.73 31.87 -27.71
CA LEU A 101 -27.11 32.28 -26.46
C LEU A 101 -26.20 33.49 -26.66
N ARG A 102 -25.39 33.48 -27.73
CA ARG A 102 -24.50 34.61 -27.96
C ARG A 102 -25.28 35.88 -28.21
N GLU A 103 -26.34 35.81 -29.02
CA GLU A 103 -27.14 37.01 -29.28
C GLU A 103 -27.79 37.54 -27.99
N ALA A 104 -28.23 36.63 -27.11
CA ALA A 104 -28.84 37.06 -25.85
C ALA A 104 -27.83 37.74 -24.94
N ILE A 105 -26.60 37.22 -24.91
CA ILE A 105 -25.55 37.84 -24.09
C ILE A 105 -25.24 39.26 -24.57
N VAL A 106 -25.14 39.46 -25.89
CA VAL A 106 -24.95 40.80 -26.44
C VAL A 106 -26.00 41.75 -25.88
N HIS A 107 -27.27 41.35 -25.91
CA HIS A 107 -28.29 42.26 -25.48
C HIS A 107 -28.25 42.51 -23.98
N CYS A 108 -28.01 41.46 -23.18
CA CYS A 108 -27.88 41.66 -21.74
C CYS A 108 -26.76 42.65 -21.43
N GLU A 109 -25.63 42.52 -22.11
CA GLU A 109 -24.53 43.46 -21.89
C GLU A 109 -24.96 44.90 -22.20
N GLN A 110 -25.70 45.08 -23.31
CA GLN A 110 -26.08 46.42 -23.75
C GLN A 110 -26.98 47.13 -22.74
N VAL A 111 -27.86 46.40 -22.06
CA VAL A 111 -28.79 46.98 -21.10
C VAL A 111 -28.32 46.81 -19.66
N HIS A 112 -27.10 46.32 -19.46
CA HIS A 112 -26.46 46.22 -18.14
C HIS A 112 -27.11 45.17 -17.23
N ASP A 113 -27.73 44.13 -17.82
CA ASP A 113 -28.26 43.02 -17.02
C ASP A 113 -27.15 41.98 -16.91
N TYR A 114 -26.21 42.27 -16.00
CA TYR A 114 -25.00 41.48 -15.91
C TYR A 114 -25.24 40.12 -15.26
N VAL A 115 -26.25 40.03 -14.40
CA VAL A 115 -26.58 38.75 -13.78
C VAL A 115 -27.19 37.81 -14.81
N SER A 116 -28.11 38.30 -15.64
CA SER A 116 -28.63 37.45 -16.72
C SER A 116 -27.52 37.04 -17.66
N ARG A 117 -26.61 37.97 -18.00
CA ARG A 117 -25.46 37.59 -18.84
C ARG A 117 -24.69 36.43 -18.22
N ASP A 118 -24.42 36.50 -16.91
CA ASP A 118 -23.61 35.46 -16.26
C ASP A 118 -24.31 34.12 -16.30
N LEU A 119 -25.63 34.10 -16.11
CA LEU A 119 -26.39 32.85 -16.21
C LEU A 119 -26.27 32.27 -17.61
N LEU A 120 -26.43 33.12 -18.63
CA LEU A 120 -26.35 32.65 -20.00
C LEU A 120 -24.95 32.17 -20.36
N LYS A 121 -23.91 32.81 -19.81
CA LYS A 121 -22.54 32.35 -20.04
C LYS A 121 -22.33 30.96 -19.45
N ASP A 122 -22.86 30.71 -18.25
CA ASP A 122 -22.74 29.38 -17.66
C ASP A 122 -23.45 28.34 -18.53
N ILE A 123 -24.62 28.66 -19.04
CA ILE A 123 -25.34 27.74 -19.92
C ILE A 123 -24.53 27.50 -21.20
N LEU A 124 -23.97 28.57 -21.78
CA LEU A 124 -23.16 28.45 -22.99
C LEU A 124 -21.96 27.53 -22.75
N GLU A 125 -21.32 27.63 -21.59
CA GLU A 125 -20.22 26.72 -21.27
C GLU A 125 -20.68 25.26 -21.29
N SER A 126 -21.85 24.99 -20.71
N SER A 126 -21.85 24.99 -20.70
CA SER A 126 -22.39 23.64 -20.73
CA SER A 126 -22.39 23.64 -20.74
C SER A 126 -22.69 23.20 -22.17
C SER A 126 -22.68 23.20 -22.17
N GLU A 127 -23.24 24.09 -22.98
CA GLU A 127 -23.57 23.71 -24.36
C GLU A 127 -22.32 23.45 -25.17
N GLU A 128 -21.26 24.24 -24.98
CA GLU A 128 -20.00 23.96 -25.66
C GLU A 128 -19.40 22.63 -25.21
N GLU A 129 -19.53 22.28 -23.91
CA GLU A 129 -19.09 20.95 -23.48
C GLU A 129 -19.86 19.86 -24.21
N HIS A 130 -21.16 20.07 -24.44
CA HIS A 130 -21.94 19.08 -25.15
C HIS A 130 -21.50 18.95 -26.60
N ILE A 131 -21.21 20.09 -27.24
CA ILE A 131 -20.69 20.08 -28.61
C ILE A 131 -19.40 19.28 -28.67
N ASP A 132 -18.50 19.49 -27.71
CA ASP A 132 -17.27 18.73 -27.67
C ASP A 132 -17.54 17.23 -27.59
N TYR A 133 -18.45 16.82 -26.71
CA TYR A 133 -18.82 15.42 -26.62
C TYR A 133 -19.32 14.89 -27.96
N LEU A 134 -20.23 15.61 -28.61
CA LEU A 134 -20.86 15.13 -29.84
C LEU A 134 -19.85 15.02 -30.98
N GLU A 135 -19.05 16.06 -31.16
CA GLU A 135 -18.00 16.03 -32.19
C GLU A 135 -17.03 14.88 -31.94
N THR A 136 -16.70 14.62 -30.68
CA THR A 136 -15.79 13.53 -30.33
C THR A 136 -16.42 12.18 -30.69
N GLN A 137 -17.72 11.99 -30.40
CA GLN A 137 -18.35 10.71 -30.70
C GLN A 137 -18.39 10.47 -32.20
N LEU A 138 -18.73 11.50 -32.97
CA LEU A 138 -18.78 11.37 -34.43
C LEU A 138 -17.39 11.04 -34.98
N GLY A 139 -16.35 11.63 -34.40
CA GLY A 139 -14.99 11.32 -34.81
C GLY A 139 -14.58 9.91 -34.44
N LEU A 140 -15.00 9.44 -33.27
CA LEU A 140 -14.67 8.08 -32.86
C LEU A 140 -15.33 7.06 -33.78
N ILE A 141 -16.55 7.31 -34.23
CA ILE A 141 -17.18 6.40 -35.18
C ILE A 141 -16.28 6.22 -36.40
N GLN A 142 -15.69 7.30 -36.89
CA GLN A 142 -14.80 7.19 -38.05
C GLN A 142 -13.51 6.45 -37.72
N LYS A 143 -12.94 6.67 -36.53
CA LYS A 143 -11.65 6.08 -36.18
C LYS A 143 -11.76 4.61 -35.80
N VAL A 144 -12.78 4.22 -35.03
CA VAL A 144 -12.87 2.83 -34.55
C VAL A 144 -13.82 1.99 -35.37
N GLY A 145 -14.61 2.60 -36.24
CA GLY A 145 -15.65 1.97 -37.02
C GLY A 145 -16.94 1.88 -36.23
N LEU A 146 -18.06 1.87 -36.96
CA LEU A 146 -19.37 1.88 -36.32
C LEU A 146 -19.60 0.67 -35.44
N GLU A 147 -19.23 -0.54 -35.91
CA GLU A 147 -19.52 -1.74 -35.13
C GLU A 147 -18.80 -1.72 -33.79
N ASN A 148 -17.51 -1.36 -33.79
CA ASN A 148 -16.78 -1.21 -32.54
C ASN A 148 -17.37 -0.09 -31.68
N TYR A 149 -17.71 1.04 -32.29
CA TYR A 149 -18.24 2.14 -31.50
C TYR A 149 -19.51 1.73 -30.77
N LEU A 150 -20.41 1.05 -31.47
CA LEU A 150 -21.64 0.58 -30.83
C LEU A 150 -21.33 -0.50 -29.77
N GLN A 151 -20.40 -1.42 -30.06
CA GLN A 151 -20.02 -2.43 -29.07
C GLN A 151 -19.58 -1.77 -27.77
N SER A 152 -18.76 -0.71 -27.88
CA SER A 152 -18.26 0.01 -26.71
C SER A 152 -19.35 0.72 -25.92
N HIS A 153 -20.57 0.79 -26.45
CA HIS A 153 -21.65 1.50 -25.78
C HIS A 153 -22.79 0.57 -25.39
N MET A 154 -22.58 -0.74 -25.43
CA MET A 154 -23.58 -1.70 -24.98
CA MET A 154 -23.59 -1.69 -24.98
C MET A 154 -23.71 -1.70 -23.46
N HIS A 155 -22.58 -1.83 -22.77
CA HIS A 155 -22.56 -1.99 -21.33
C HIS A 155 -22.21 -0.67 -20.65
N GLU A 156 -22.94 -0.36 -19.57
CA GLU A 156 -22.59 0.81 -18.75
C GLU A 156 -21.31 0.55 -17.97
N MET B 1 -14.99 22.28 -32.62
CA MET B 1 -15.86 23.44 -32.96
C MET B 1 -14.96 24.53 -33.55
N LYS B 2 -15.24 25.02 -34.76
CA LYS B 2 -14.27 25.90 -35.43
C LYS B 2 -14.24 27.27 -34.75
N GLY B 3 -13.09 27.61 -34.18
CA GLY B 3 -12.93 28.87 -33.49
C GLY B 3 -12.48 30.00 -34.41
N ASP B 4 -12.55 31.22 -33.89
CA ASP B 4 -12.05 32.41 -34.55
C ASP B 4 -10.53 32.33 -34.66
N LYS B 5 -9.98 32.58 -35.86
CA LYS B 5 -8.54 32.44 -36.08
C LYS B 5 -7.71 33.35 -35.16
N LYS B 6 -8.14 34.60 -35.01
CA LYS B 6 -7.42 35.54 -34.15
C LYS B 6 -7.55 35.17 -32.67
N VAL B 7 -8.71 34.67 -32.24
CA VAL B 7 -8.79 34.13 -30.88
C VAL B 7 -7.73 33.06 -30.66
N ILE B 8 -7.63 32.10 -31.58
CA ILE B 8 -6.62 31.04 -31.44
C ILE B 8 -5.21 31.63 -31.39
N GLN B 9 -4.93 32.62 -32.24
CA GLN B 9 -3.64 33.29 -32.19
C GLN B 9 -3.38 33.91 -30.81
N HIS B 10 -4.38 34.59 -30.25
CA HIS B 10 -4.23 35.14 -28.90
C HIS B 10 -4.00 34.05 -27.87
N LEU B 11 -4.77 32.97 -27.95
CA LEU B 11 -4.60 31.88 -26.98
C LEU B 11 -3.18 31.29 -27.08
N ASN B 12 -2.65 31.14 -28.29
CA ASN B 12 -1.27 30.67 -28.44
C ASN B 12 -0.27 31.67 -27.89
N LYS B 13 -0.56 32.97 -28.00
CA LYS B 13 0.35 33.96 -27.44
C LYS B 13 0.38 33.87 -25.92
N ILE B 14 -0.81 33.79 -25.30
N ILE B 14 -0.79 33.71 -25.30
CA ILE B 14 -0.88 33.57 -23.85
CA ILE B 14 -0.85 33.58 -23.84
C ILE B 14 -0.12 32.29 -23.47
C ILE B 14 -0.26 32.25 -23.37
N LEU B 15 -0.40 31.19 -24.17
CA LEU B 15 0.29 29.93 -23.90
C LEU B 15 1.80 30.13 -23.92
N GLY B 16 2.31 30.88 -24.90
CA GLY B 16 3.73 31.13 -24.95
C GLY B 16 4.23 31.84 -23.72
N ASN B 17 3.47 32.81 -23.23
CA ASN B 17 3.85 33.51 -22.01
C ASN B 17 3.88 32.54 -20.82
N GLU B 18 2.87 31.67 -20.72
N GLU B 18 2.92 31.63 -20.75
CA GLU B 18 2.83 30.67 -19.64
CA GLU B 18 2.88 30.70 -19.62
C GLU B 18 4.04 29.75 -19.69
C GLU B 18 4.00 29.68 -19.68
N LEU B 19 4.45 29.31 -20.89
CA LEU B 19 5.58 28.39 -21.00
C LEU B 19 6.88 29.04 -20.52
N ILE B 20 7.09 30.33 -20.81
CA ILE B 20 8.23 31.04 -20.24
C ILE B 20 8.17 30.99 -18.72
N ALA B 21 7.01 31.34 -18.16
CA ALA B 21 6.86 31.43 -16.72
C ALA B 21 7.08 30.08 -16.04
N ILE B 22 6.57 29.00 -16.62
CA ILE B 22 6.77 27.67 -16.04
C ILE B 22 8.26 27.41 -15.82
N ASN B 23 9.07 27.67 -16.85
CA ASN B 23 10.49 27.33 -16.79
C ASN B 23 11.24 28.30 -15.90
N GLN B 24 10.93 29.59 -16.01
CA GLN B 24 11.56 30.59 -15.15
C GLN B 24 11.30 30.31 -13.68
N TYR B 25 10.03 30.06 -13.33
CA TYR B 25 9.70 29.78 -11.93
C TYR B 25 10.32 28.47 -11.47
N PHE B 26 10.34 27.44 -12.32
CA PHE B 26 10.94 26.18 -11.90
C PHE B 26 12.43 26.36 -11.62
N LEU B 27 13.14 27.07 -12.49
CA LEU B 27 14.57 27.28 -12.27
C LEU B 27 14.79 28.12 -11.00
N HIS B 28 14.05 29.21 -10.85
CA HIS B 28 14.18 30.01 -9.63
C HIS B 28 13.93 29.17 -8.38
N SER B 29 12.91 28.30 -8.40
CA SER B 29 12.64 27.42 -7.27
C SER B 29 13.86 26.58 -6.92
N ARG B 30 14.45 25.93 -7.92
CA ARG B 30 15.56 25.04 -7.65
C ARG B 30 16.82 25.81 -7.24
N MET B 31 17.00 27.04 -7.72
CA MET B 31 18.09 27.89 -7.24
C MET B 31 17.91 28.20 -5.77
N TRP B 32 16.70 28.61 -5.38
CA TRP B 32 16.45 28.90 -3.97
C TRP B 32 16.65 27.66 -3.10
N ASN B 33 16.21 26.50 -3.56
CA ASN B 33 16.44 25.28 -2.78
C ASN B 33 17.94 24.98 -2.63
N ASP B 34 18.72 25.14 -3.70
CA ASP B 34 20.16 24.92 -3.65
C ASP B 34 20.83 25.83 -2.63
N TRP B 35 20.32 27.06 -2.49
CA TRP B 35 20.87 28.01 -1.54
C TRP B 35 20.35 27.81 -0.13
N GLY B 36 19.45 26.87 0.10
CA GLY B 36 18.90 26.65 1.43
C GLY B 36 17.75 27.55 1.80
N LEU B 37 17.17 28.25 0.83
CA LEU B 37 16.01 29.10 1.08
C LEU B 37 14.75 28.32 0.67
N LYS B 38 14.44 27.32 1.50
CA LYS B 38 13.49 26.30 1.10
C LYS B 38 12.04 26.79 1.09
N ARG B 39 11.71 27.81 1.88
CA ARG B 39 10.36 28.35 1.85
C ARG B 39 10.10 29.06 0.54
N LEU B 40 11.10 29.84 0.05
CA LEU B 40 11.00 30.45 -1.27
C LEU B 40 10.98 29.39 -2.35
N GLY B 41 11.83 28.37 -2.22
CA GLY B 41 11.84 27.31 -3.22
C GLY B 41 10.50 26.62 -3.36
N ALA B 42 9.84 26.32 -2.24
CA ALA B 42 8.56 25.63 -2.28
C ALA B 42 7.48 26.54 -2.86
N HIS B 43 7.46 27.80 -2.47
CA HIS B 43 6.44 28.70 -2.98
C HIS B 43 6.60 28.87 -4.49
N GLU B 44 7.84 29.03 -4.95
CA GLU B 44 8.09 29.24 -6.37
C GLU B 44 7.77 27.98 -7.18
N TYR B 45 8.02 26.80 -6.60
CA TYR B 45 7.59 25.55 -7.24
C TYR B 45 6.08 25.57 -7.45
N HIS B 46 5.33 25.98 -6.43
CA HIS B 46 3.87 26.00 -6.58
C HIS B 46 3.43 27.03 -7.63
N GLU B 47 4.16 28.16 -7.76
CA GLU B 47 3.88 29.09 -8.85
C GLU B 47 4.09 28.43 -10.21
N SER B 48 5.16 27.64 -10.35
CA SER B 48 5.41 26.94 -11.61
C SER B 48 4.27 25.98 -11.95
N ILE B 49 3.84 25.18 -10.96
CA ILE B 49 2.77 24.21 -11.17
C ILE B 49 1.48 24.92 -11.54
N ASP B 50 1.18 26.04 -10.89
CA ASP B 50 -0.05 26.77 -11.22
CA ASP B 50 -0.05 26.75 -11.22
C ASP B 50 -0.03 27.25 -12.66
N GLU B 51 1.14 27.69 -13.15
CA GLU B 51 1.24 28.12 -14.55
C GLU B 51 1.06 26.93 -15.48
N MET B 52 1.54 25.74 -15.08
CA MET B 52 1.28 24.54 -15.87
C MET B 52 -0.21 24.27 -15.99
N LYS B 53 -0.97 24.49 -14.93
CA LYS B 53 -2.41 24.28 -14.99
C LYS B 53 -3.07 25.23 -15.99
N HIS B 54 -2.65 26.50 -16.03
CA HIS B 54 -3.20 27.43 -17.00
C HIS B 54 -2.81 27.02 -18.41
N ALA B 55 -1.55 26.62 -18.61
CA ALA B 55 -1.13 26.19 -19.94
C ALA B 55 -1.96 25.01 -20.41
N ASP B 56 -2.24 24.06 -19.52
CA ASP B 56 -3.09 22.92 -19.86
C ASP B 56 -4.45 23.38 -20.37
N LYS B 57 -5.10 24.27 -19.63
CA LYS B 57 -6.42 24.75 -20.04
C LYS B 57 -6.38 25.45 -21.38
N LEU B 58 -5.31 26.22 -21.64
CA LEU B 58 -5.16 26.88 -22.93
C LEU B 58 -5.01 25.86 -24.06
N ILE B 59 -4.15 24.86 -23.86
CA ILE B 59 -3.93 23.81 -24.86
C ILE B 59 -5.25 23.11 -25.16
N GLU B 60 -5.98 22.76 -24.12
CA GLU B 60 -7.26 22.09 -24.29
C GLU B 60 -8.24 22.95 -25.08
N ARG B 61 -8.30 24.25 -24.78
CA ARG B 61 -9.23 25.13 -25.49
C ARG B 61 -8.84 25.29 -26.95
N ILE B 62 -7.55 25.46 -27.22
CA ILE B 62 -7.07 25.57 -28.60
C ILE B 62 -7.47 24.34 -29.41
N LEU B 63 -7.27 23.15 -28.84
CA LEU B 63 -7.62 21.92 -29.56
C LEU B 63 -9.12 21.83 -29.79
N PHE B 64 -9.93 22.19 -28.79
CA PHE B 64 -11.37 22.17 -28.99
C PHE B 64 -11.79 23.06 -30.14
N LEU B 65 -11.16 24.25 -30.24
CA LEU B 65 -11.42 25.22 -31.30
C LEU B 65 -10.74 24.87 -32.62
N GLU B 66 -10.10 23.70 -32.68
CA GLU B 66 -9.54 23.13 -33.90
C GLU B 66 -8.31 23.88 -34.38
N GLY B 67 -7.56 24.46 -33.44
CA GLY B 67 -6.26 25.02 -33.72
C GLY B 67 -5.12 24.11 -33.27
N LEU B 68 -3.91 24.55 -33.56
CA LEU B 68 -2.70 23.81 -33.25
C LEU B 68 -1.98 24.50 -32.10
N PRO B 69 -1.97 23.92 -30.90
CA PRO B 69 -1.19 24.51 -29.81
C PRO B 69 0.30 24.55 -30.15
N ASN B 70 0.93 25.70 -29.86
CA ASN B 70 2.35 25.90 -30.13
C ASN B 70 3.13 25.79 -28.82
N LEU B 71 3.77 24.64 -28.60
CA LEU B 71 4.66 24.45 -27.46
C LEU B 71 6.13 24.49 -27.89
N GLN B 72 6.40 24.92 -29.12
CA GLN B 72 7.74 24.87 -29.68
C GLN B 72 8.54 26.15 -29.45
N ASP B 73 7.86 27.28 -29.57
N ASP B 73 7.93 27.35 -29.43
CA ASP B 73 8.50 28.58 -29.41
CA ASP B 73 8.71 28.60 -29.57
C ASP B 73 8.57 28.86 -27.93
C ASP B 73 8.87 29.37 -28.24
N LEU B 74 9.79 28.89 -27.40
CA LEU B 74 10.02 29.37 -26.05
C LEU B 74 10.72 30.73 -26.08
N GLY B 75 10.09 31.73 -25.48
CA GLY B 75 10.68 33.06 -25.39
C GLY B 75 11.72 33.16 -24.29
N LYS B 76 12.15 34.39 -24.03
CA LYS B 76 13.32 34.64 -23.18
C LYS B 76 12.96 34.48 -21.70
N LEU B 77 13.69 33.59 -21.02
CA LEU B 77 13.56 33.46 -19.57
C LEU B 77 14.31 34.62 -18.93
N LEU B 78 13.69 35.20 -17.90
CA LEU B 78 14.28 36.29 -17.12
C LEU B 78 14.77 35.69 -15.82
N ILE B 79 16.06 35.36 -15.76
CA ILE B 79 16.64 34.63 -14.65
C ILE B 79 17.45 35.63 -13.82
N GLY B 80 17.11 35.77 -12.55
CA GLY B 80 17.92 36.64 -11.72
C GLY B 80 19.14 35.93 -11.14
N GLU B 81 20.02 36.68 -10.46
CA GLU B 81 21.17 36.08 -9.79
C GLU B 81 21.13 36.19 -8.27
N ASN B 82 20.19 36.95 -7.71
CA ASN B 82 19.97 36.98 -6.27
C ASN B 82 18.48 37.11 -6.04
N THR B 83 18.07 36.99 -4.78
CA THR B 83 16.65 36.88 -4.44
C THR B 83 15.85 38.08 -4.94
N GLN B 84 16.32 39.30 -4.67
CA GLN B 84 15.59 40.48 -5.11
C GLN B 84 15.45 40.49 -6.62
N GLU B 85 16.53 40.16 -7.33
CA GLU B 85 16.51 40.17 -8.79
C GLU B 85 15.56 39.13 -9.33
N MET B 86 15.52 37.94 -8.71
CA MET B 86 14.64 36.87 -9.18
C MET B 86 13.17 37.25 -9.00
N LEU B 87 12.82 37.81 -7.84
CA LEU B 87 11.45 38.30 -7.62
C LEU B 87 11.10 39.39 -8.62
N GLN B 88 12.03 40.31 -8.87
CA GLN B 88 11.76 41.38 -9.82
C GLN B 88 11.62 40.83 -11.24
N CYS B 89 12.40 39.82 -11.60
CA CYS B 89 12.26 39.20 -12.92
C CYS B 89 10.89 38.53 -13.08
N ASP B 90 10.43 37.86 -12.02
CA ASP B 90 9.08 37.29 -12.06
C ASP B 90 8.04 38.38 -12.25
N LEU B 91 8.19 39.51 -11.54
CA LEU B 91 7.25 40.61 -11.65
C LEU B 91 7.27 41.21 -13.06
N ASN B 92 8.47 41.39 -13.64
CA ASN B 92 8.56 41.91 -15.01
C ASN B 92 7.76 41.03 -15.96
N LEU B 93 7.87 39.72 -15.83
CA LEU B 93 7.17 38.79 -16.70
C LEU B 93 5.65 38.87 -16.50
N GLU B 94 5.21 38.91 -15.23
CA GLU B 94 3.79 38.92 -14.92
C GLU B 94 3.12 40.17 -15.45
N LEU B 95 3.79 41.31 -15.43
CA LEU B 95 3.20 42.55 -15.94
C LEU B 95 3.02 42.48 -17.45
N LYS B 96 3.95 41.83 -18.15
CA LYS B 96 3.75 41.64 -19.60
C LYS B 96 2.60 40.64 -19.85
N ALA B 97 2.51 39.61 -19.02
CA ALA B 97 1.46 38.61 -19.19
C ALA B 97 0.08 39.22 -19.06
N THR B 98 -0.10 40.13 -18.11
CA THR B 98 -1.43 40.71 -17.91
C THR B 98 -1.80 41.65 -19.05
N LYS B 99 -0.83 42.40 -19.59
CA LYS B 99 -1.16 43.22 -20.75
C LYS B 99 -1.70 42.37 -21.89
N ASP B 100 -1.06 41.22 -22.14
CA ASP B 100 -1.49 40.35 -23.23
C ASP B 100 -2.85 39.72 -22.92
N LEU B 101 -3.10 39.34 -21.67
CA LEU B 101 -4.40 38.79 -21.32
C LEU B 101 -5.52 39.80 -21.58
N ARG B 102 -5.31 41.08 -21.20
CA ARG B 102 -6.35 42.08 -21.41
C ARG B 102 -6.66 42.26 -22.89
N GLU B 103 -5.62 42.31 -23.73
CA GLU B 103 -5.84 42.44 -25.17
C GLU B 103 -6.59 41.23 -25.75
N ALA B 104 -6.29 40.04 -25.26
CA ALA B 104 -6.99 38.84 -25.72
C ALA B 104 -8.46 38.87 -25.30
N ILE B 105 -8.76 39.31 -24.08
CA ILE B 105 -10.15 39.40 -23.64
C ILE B 105 -10.95 40.38 -24.51
N VAL B 106 -10.38 41.56 -24.80
CA VAL B 106 -11.02 42.51 -25.70
C VAL B 106 -11.47 41.82 -26.98
N HIS B 107 -10.55 41.05 -27.58
CA HIS B 107 -10.90 40.43 -28.86
C HIS B 107 -11.95 39.33 -28.70
N CYS B 108 -11.83 38.50 -27.66
CA CYS B 108 -12.85 37.48 -27.42
C CYS B 108 -14.23 38.11 -27.30
N GLU B 109 -14.34 39.22 -26.57
CA GLU B 109 -15.62 39.91 -26.43
C GLU B 109 -16.14 40.36 -27.79
N GLN B 110 -15.26 40.92 -28.62
CA GLN B 110 -15.68 41.49 -29.88
C GLN B 110 -16.26 40.43 -30.81
N VAL B 111 -15.72 39.22 -30.77
CA VAL B 111 -16.19 38.13 -31.63
C VAL B 111 -17.14 37.17 -30.90
N HIS B 112 -17.57 37.51 -29.68
CA HIS B 112 -18.59 36.77 -28.95
C HIS B 112 -18.12 35.39 -28.48
N ASP B 113 -16.81 35.22 -28.29
CA ASP B 113 -16.27 33.97 -27.73
C ASP B 113 -16.22 34.14 -26.22
N TYR B 114 -17.40 34.06 -25.61
CA TYR B 114 -17.56 34.34 -24.18
C TYR B 114 -16.93 33.25 -23.31
N VAL B 115 -16.86 32.01 -23.79
CA VAL B 115 -16.23 30.96 -23.00
C VAL B 115 -14.72 31.16 -22.97
N SER B 116 -14.09 31.46 -24.11
CA SER B 116 -12.67 31.80 -24.08
C SER B 116 -12.40 33.03 -23.20
N ARG B 117 -13.27 34.04 -23.27
CA ARG B 117 -13.14 35.19 -22.36
C ARG B 117 -13.10 34.75 -20.91
N ASP B 118 -14.03 33.88 -20.51
CA ASP B 118 -14.14 33.47 -19.11
C ASP B 118 -12.88 32.74 -18.65
N LEU B 119 -12.33 31.89 -19.52
CA LEU B 119 -11.07 31.20 -19.21
C LEU B 119 -9.94 32.20 -19.00
N LEU B 120 -9.83 33.17 -19.90
CA LEU B 120 -8.78 34.17 -19.80
C LEU B 120 -8.95 35.05 -18.55
N LYS B 121 -10.19 35.38 -18.19
CA LYS B 121 -10.44 36.14 -16.97
C LYS B 121 -9.95 35.36 -15.75
N ASP B 122 -10.19 34.05 -15.71
CA ASP B 122 -9.75 33.26 -14.57
C ASP B 122 -8.23 33.24 -14.50
N ILE B 123 -7.56 33.11 -15.64
CA ILE B 123 -6.11 33.17 -15.66
C ILE B 123 -5.63 34.54 -15.20
N LEU B 124 -6.27 35.62 -15.66
CA LEU B 124 -5.90 36.97 -15.25
C LEU B 124 -6.03 37.13 -13.73
N GLU B 125 -7.09 36.58 -13.13
CA GLU B 125 -7.22 36.64 -11.69
C GLU B 125 -6.03 35.99 -11.01
N SER B 126 -5.59 34.83 -11.52
N SER B 126 -5.59 34.83 -11.51
CA SER B 126 -4.44 34.16 -10.94
CA SER B 126 -4.43 34.17 -10.93
C SER B 126 -3.16 34.98 -11.11
C SER B 126 -3.17 35.01 -11.10
N GLU B 127 -3.00 35.62 -12.27
CA GLU B 127 -1.79 36.39 -12.50
C GLU B 127 -1.76 37.65 -11.62
N GLU B 128 -2.92 38.29 -11.40
CA GLU B 128 -2.96 39.44 -10.48
C GLU B 128 -2.64 39.00 -9.04
N GLU B 129 -3.09 37.81 -8.64
CA GLU B 129 -2.69 37.29 -7.32
C GLU B 129 -1.19 37.11 -7.24
N HIS B 130 -0.56 36.64 -8.32
CA HIS B 130 0.90 36.51 -8.32
C HIS B 130 1.58 37.88 -8.24
N ILE B 131 1.08 38.87 -8.96
CA ILE B 131 1.59 40.24 -8.84
C ILE B 131 1.51 40.71 -7.40
N ASP B 132 0.36 40.49 -6.74
CA ASP B 132 0.22 40.89 -5.34
C ASP B 132 1.30 40.23 -4.48
N TYR B 133 1.51 38.93 -4.65
CA TYR B 133 2.55 38.23 -3.88
C TYR B 133 3.93 38.85 -4.14
N LEU B 134 4.27 39.11 -5.39
CA LEU B 134 5.61 39.60 -5.72
C LEU B 134 5.84 41.01 -5.17
N GLU B 135 4.87 41.92 -5.38
CA GLU B 135 4.99 43.27 -4.85
C GLU B 135 5.13 43.23 -3.34
N THR B 136 4.36 42.35 -2.69
CA THR B 136 4.45 42.20 -1.24
C THR B 136 5.83 41.75 -0.80
N GLN B 137 6.42 40.78 -1.51
CA GLN B 137 7.74 40.30 -1.11
C GLN B 137 8.79 41.40 -1.27
N LEU B 138 8.74 42.16 -2.36
CA LEU B 138 9.69 43.24 -2.54
C LEU B 138 9.50 44.30 -1.45
N GLY B 139 8.25 44.56 -1.06
CA GLY B 139 8.00 45.46 0.04
C GLY B 139 8.52 44.95 1.36
N LEU B 140 8.42 43.64 1.59
CA LEU B 140 8.90 43.08 2.86
C LEU B 140 10.43 43.16 2.94
N ILE B 141 11.14 42.95 1.84
CA ILE B 141 12.59 43.12 1.86
C ILE B 141 12.94 44.52 2.37
N GLN B 142 12.20 45.53 1.92
CA GLN B 142 12.47 46.89 2.37
C GLN B 142 12.11 47.05 3.85
N LYS B 143 10.99 46.49 4.30
CA LYS B 143 10.52 46.73 5.66
C LYS B 143 11.31 45.97 6.71
N VAL B 144 11.62 44.70 6.47
CA VAL B 144 12.30 43.89 7.48
C VAL B 144 13.80 43.78 7.23
N GLY B 145 14.29 44.23 6.08
CA GLY B 145 15.68 44.09 5.68
C GLY B 145 15.95 42.76 4.99
N LEU B 146 16.92 42.78 4.07
CA LEU B 146 17.23 41.61 3.27
C LEU B 146 17.63 40.40 4.12
N GLU B 147 18.52 40.59 5.10
CA GLU B 147 18.98 39.45 5.88
C GLU B 147 17.83 38.79 6.62
N ASN B 148 16.97 39.59 7.26
CA ASN B 148 15.79 39.02 7.92
C ASN B 148 14.85 38.35 6.91
N TYR B 149 14.62 39.01 5.76
CA TYR B 149 13.71 38.42 4.78
C TYR B 149 14.20 37.03 4.35
N LEU B 150 15.50 36.92 4.05
CA LEU B 150 16.07 35.64 3.67
C LEU B 150 16.00 34.64 4.83
N GLN B 151 16.32 35.10 6.06
CA GLN B 151 16.21 34.22 7.22
C GLN B 151 14.82 33.60 7.33
N SER B 152 13.77 34.42 7.16
CA SER B 152 12.39 33.97 7.24
C SER B 152 12.01 32.99 6.15
N HIS B 153 12.84 32.81 5.13
CA HIS B 153 12.56 31.88 4.03
C HIS B 153 13.52 30.69 3.98
N MET B 154 14.29 30.46 5.05
CA MET B 154 15.17 29.30 5.11
CA MET B 154 15.16 29.30 5.10
C MET B 154 14.36 28.02 5.31
N HIS B 155 13.45 28.03 6.28
CA HIS B 155 12.71 26.84 6.68
C HIS B 155 11.28 26.89 6.15
N GLU B 156 10.78 25.73 5.70
CA GLU B 156 9.41 25.65 5.19
C GLU B 156 8.38 25.67 6.31
N MET C 1 34.04 -15.65 1.99
CA MET C 1 34.44 -15.66 0.54
C MET C 1 35.74 -14.86 0.44
N LYS C 2 36.79 -15.44 -0.12
CA LYS C 2 38.11 -14.81 -0.10
C LYS C 2 38.11 -13.57 -0.98
N GLY C 3 38.22 -12.37 -0.37
CA GLY C 3 38.26 -11.16 -1.16
C GLY C 3 39.67 -10.79 -1.64
N ASP C 4 39.70 -9.83 -2.57
CA ASP C 4 40.95 -9.24 -3.05
C ASP C 4 41.63 -8.46 -1.91
N LYS C 5 42.92 -8.74 -1.68
CA LYS C 5 43.60 -8.16 -0.52
C LYS C 5 43.61 -6.64 -0.60
N LYS C 6 43.84 -6.09 -1.78
CA LYS C 6 43.85 -4.64 -1.93
C LYS C 6 42.46 -4.02 -1.78
N VAL C 7 41.40 -4.71 -2.23
CA VAL C 7 40.05 -4.23 -1.92
C VAL C 7 39.88 -4.10 -0.42
N ILE C 8 40.25 -5.16 0.32
CA ILE C 8 40.08 -5.12 1.77
C ILE C 8 40.85 -3.95 2.38
N GLN C 9 42.08 -3.70 1.89
CA GLN C 9 42.84 -2.55 2.36
C GLN C 9 42.11 -1.24 2.07
N HIS C 10 41.52 -1.11 0.88
CA HIS C 10 40.74 0.09 0.57
C HIS C 10 39.53 0.21 1.50
N LEU C 11 38.82 -0.89 1.74
CA LEU C 11 37.66 -0.82 2.61
C LEU C 11 38.06 -0.40 4.02
N ASN C 12 39.19 -0.90 4.52
CA ASN C 12 39.67 -0.47 5.83
C ASN C 12 40.06 1.00 5.83
N LYS C 13 40.58 1.53 4.72
CA LYS C 13 40.90 2.94 4.65
C LYS C 13 39.63 3.79 4.73
N ILE C 14 38.60 3.43 3.95
N ILE C 14 38.58 3.40 4.02
CA ILE C 14 37.32 4.11 4.04
CA ILE C 14 37.33 4.13 4.06
C ILE C 14 36.81 4.02 5.48
C ILE C 14 36.68 3.99 5.43
N LEU C 15 36.82 2.82 6.05
CA LEU C 15 36.34 2.64 7.42
C LEU C 15 37.06 3.59 8.36
N GLY C 16 38.38 3.71 8.24
CA GLY C 16 39.11 4.66 9.06
C GLY C 16 38.60 6.09 8.90
N ASN C 17 38.29 6.49 7.67
CA ASN C 17 37.73 7.82 7.47
C ASN C 17 36.40 7.98 8.17
N GLU C 18 35.53 6.97 8.05
N GLU C 18 35.56 6.95 8.12
CA GLU C 18 34.24 7.03 8.72
CA GLU C 18 34.25 7.08 8.75
C GLU C 18 34.42 7.15 10.23
C GLU C 18 34.35 7.06 10.27
N LEU C 19 35.35 6.40 10.81
CA LEU C 19 35.54 6.44 12.27
C LEU C 19 35.94 7.84 12.72
N ILE C 20 36.76 8.56 11.96
CA ILE C 20 37.08 9.95 12.29
C ILE C 20 35.80 10.78 12.29
N ALA C 21 35.02 10.65 11.22
CA ALA C 21 33.82 11.46 11.04
C ALA C 21 32.80 11.21 12.15
N ILE C 22 32.60 9.95 12.53
CA ILE C 22 31.68 9.63 13.62
C ILE C 22 32.00 10.47 14.85
N ASN C 23 33.27 10.42 15.27
CA ASN C 23 33.65 11.11 16.51
C ASN C 23 33.62 12.61 16.35
N GLN C 24 34.10 13.13 15.22
CA GLN C 24 34.10 14.57 15.00
C GLN C 24 32.68 15.13 15.00
N TYR C 25 31.77 14.46 14.27
CA TYR C 25 30.37 14.91 14.22
C TYR C 25 29.72 14.77 15.60
N PHE C 26 30.01 13.69 16.32
CA PHE C 26 29.39 13.55 17.63
C PHE C 26 29.83 14.68 18.57
N LEU C 27 31.12 14.98 18.61
CA LEU C 27 31.59 16.05 19.46
C LEU C 27 31.02 17.40 19.03
N HIS C 28 31.02 17.69 17.73
CA HIS C 28 30.44 18.94 17.26
C HIS C 28 28.96 19.02 17.66
N SER C 29 28.21 17.93 17.55
CA SER C 29 26.81 17.92 17.97
C SER C 29 26.65 18.36 19.41
N ARG C 30 27.43 17.74 20.30
CA ARG C 30 27.33 18.01 21.72
C ARG C 30 27.84 19.40 22.07
N MET C 31 28.82 19.92 21.34
CA MET C 31 29.20 21.32 21.52
C MET C 31 28.05 22.26 21.17
N TRP C 32 27.42 22.05 20.01
CA TRP C 32 26.30 22.90 19.65
C TRP C 32 25.15 22.79 20.64
N ASN C 33 24.87 21.59 21.16
CA ASN C 33 23.82 21.47 22.18
C ASN C 33 24.17 22.26 23.45
N ASP C 34 25.43 22.15 23.90
CA ASP C 34 25.86 22.87 25.11
C ASP C 34 25.71 24.38 24.95
N TRP C 35 25.92 24.90 23.74
CA TRP C 35 25.75 26.32 23.46
C TRP C 35 24.30 26.73 23.22
N GLY C 36 23.34 25.81 23.22
CA GLY C 36 21.96 26.15 22.97
C GLY C 36 21.57 26.26 21.52
N LEU C 37 22.41 25.76 20.61
CA LEU C 37 22.14 25.72 19.18
C LEU C 37 21.63 24.32 18.84
N LYS C 38 20.42 24.03 19.35
CA LYS C 38 19.92 22.67 19.38
C LYS C 38 19.56 22.15 18.00
N ARG C 39 19.22 23.03 17.04
CA ARG C 39 18.91 22.54 15.70
C ARG C 39 20.18 22.04 15.02
N LEU C 40 21.29 22.77 15.18
CA LEU C 40 22.57 22.29 14.68
C LEU C 40 23.00 21.02 15.40
N GLY C 41 22.82 20.99 16.72
CA GLY C 41 23.18 19.80 17.46
C GLY C 41 22.45 18.57 17.00
N ALA C 42 21.14 18.68 16.77
CA ALA C 42 20.36 17.52 16.32
C ALA C 42 20.77 17.09 14.92
N HIS C 43 20.97 18.04 14.02
CA HIS C 43 21.34 17.68 12.67
C HIS C 43 22.70 16.97 12.64
N GLU C 44 23.64 17.49 13.41
CA GLU C 44 24.97 16.93 13.45
C GLU C 44 24.98 15.55 14.13
N TYR C 45 24.12 15.35 15.13
CA TYR C 45 23.94 14.02 15.69
C TYR C 45 23.51 13.02 14.61
N HIS C 46 22.53 13.41 13.80
CA HIS C 46 22.07 12.52 12.74
C HIS C 46 23.19 12.24 11.73
N GLU C 47 24.06 13.22 11.45
CA GLU C 47 25.21 12.98 10.59
C GLU C 47 26.13 11.91 11.20
N SER C 48 26.37 11.96 12.51
CA SER C 48 27.20 10.97 13.18
C SER C 48 26.59 9.57 13.06
N ILE C 49 25.29 9.46 13.36
CA ILE C 49 24.61 8.16 13.27
C ILE C 49 24.68 7.60 11.86
N ASP C 50 24.51 8.45 10.84
CA ASP C 50 24.55 7.98 9.46
CA ASP C 50 24.55 7.97 9.46
C ASP C 50 25.94 7.44 9.13
N GLU C 51 26.99 8.10 9.61
CA GLU C 51 28.34 7.58 9.39
C GLU C 51 28.52 6.26 10.11
N MET C 52 27.92 6.09 11.29
CA MET C 52 27.97 4.78 11.95
C MET C 52 27.36 3.69 11.08
N LYS C 53 26.26 3.99 10.39
CA LYS C 53 25.64 2.97 9.55
C LYS C 53 26.55 2.56 8.41
N HIS C 54 27.26 3.53 7.82
CA HIS C 54 28.23 3.19 6.77
C HIS C 54 29.38 2.35 7.32
N ALA C 55 29.90 2.75 8.49
CA ALA C 55 30.97 1.96 9.09
C ALA C 55 30.53 0.53 9.33
N ASP C 56 29.31 0.32 9.82
CA ASP C 56 28.80 -1.03 10.04
C ASP C 56 28.84 -1.84 8.74
N LYS C 57 28.35 -1.25 7.64
CA LYS C 57 28.33 -2.00 6.39
C LYS C 57 29.74 -2.33 5.90
N LEU C 58 30.70 -1.44 6.11
CA LEU C 58 32.09 -1.73 5.75
C LEU C 58 32.65 -2.88 6.58
N ILE C 59 32.43 -2.83 7.91
CA ILE C 59 32.89 -3.90 8.78
C ILE C 59 32.30 -5.23 8.34
N GLU C 60 31.00 -5.26 8.08
CA GLU C 60 30.33 -6.49 7.66
C GLU C 60 30.91 -7.01 6.34
N ARG C 61 31.20 -6.11 5.40
CA ARG C 61 31.73 -6.53 4.11
C ARG C 61 33.14 -7.06 4.26
N ILE C 62 33.97 -6.40 5.07
CA ILE C 62 35.34 -6.85 5.30
C ILE C 62 35.34 -8.28 5.88
N LEU C 63 34.49 -8.53 6.89
CA LEU C 63 34.42 -9.86 7.48
C LEU C 63 33.94 -10.89 6.47
N PHE C 64 32.94 -10.55 5.66
CA PHE C 64 32.48 -11.49 4.63
C PHE C 64 33.63 -11.87 3.71
N LEU C 65 34.45 -10.89 3.31
CA LEU C 65 35.59 -11.09 2.44
C LEU C 65 36.81 -11.69 3.16
N GLU C 66 36.65 -12.09 4.44
CA GLU C 66 37.69 -12.78 5.21
C GLU C 66 38.87 -11.88 5.55
N GLY C 67 38.63 -10.57 5.69
CA GLY C 67 39.62 -9.65 6.19
C GLY C 67 39.37 -9.29 7.64
N LEU C 68 40.29 -8.51 8.20
CA LEU C 68 40.25 -8.07 9.58
C LEU C 68 39.86 -6.60 9.63
N PRO C 69 38.66 -6.25 10.08
CA PRO C 69 38.32 -4.82 10.18
C PRO C 69 39.21 -4.12 11.20
N ASN C 70 39.69 -2.94 10.83
CA ASN C 70 40.57 -2.14 11.68
C ASN C 70 39.75 -1.01 12.31
N LEU C 71 39.36 -1.22 13.57
CA LEU C 71 38.74 -0.17 14.37
C LEU C 71 39.73 0.47 15.34
N GLN C 72 41.01 0.15 15.23
CA GLN C 72 42.01 0.55 16.21
C GLN C 72 42.68 1.87 15.87
N ASP C 73 42.96 2.07 14.59
N ASP C 73 42.87 2.22 14.60
CA ASP C 73 43.61 3.27 14.12
CA ASP C 73 43.81 3.29 14.20
C ASP C 73 42.56 4.34 13.99
C ASP C 73 43.10 4.58 13.79
N LEU C 74 42.70 5.37 14.79
CA LEU C 74 41.88 6.57 14.63
C LEU C 74 42.74 7.76 14.23
N GLY C 75 42.40 8.35 13.09
CA GLY C 75 43.11 9.50 12.57
C GLY C 75 42.66 10.79 13.21
N LYS C 76 43.17 11.90 12.67
CA LYS C 76 43.05 13.21 13.32
C LYS C 76 41.64 13.76 13.19
N LEU C 77 41.01 14.04 14.34
CA LEU C 77 39.74 14.75 14.37
C LEU C 77 39.99 16.23 14.11
N LEU C 78 39.14 16.84 13.27
CA LEU C 78 39.21 18.27 12.94
C LEU C 78 38.11 18.98 13.73
N ILE C 79 38.48 19.59 14.87
CA ILE C 79 37.50 20.12 15.82
C ILE C 79 37.54 21.64 15.73
N GLY C 80 36.41 22.24 15.43
CA GLY C 80 36.36 23.70 15.39
C GLY C 80 36.14 24.32 16.78
N GLU C 81 36.34 25.64 16.86
CA GLU C 81 36.06 26.37 18.10
C GLU C 81 34.82 27.25 18.02
N ASN C 82 34.24 27.43 16.84
CA ASN C 82 32.99 28.16 16.66
C ASN C 82 32.27 27.55 15.46
N THR C 83 31.02 27.97 15.28
CA THR C 83 30.13 27.34 14.30
C THR C 83 30.75 27.36 12.90
N GLN C 84 31.24 28.53 12.48
CA GLN C 84 31.82 28.62 11.15
C GLN C 84 32.98 27.66 10.97
N GLU C 85 33.86 27.56 11.98
CA GLU C 85 35.01 26.68 11.89
C GLU C 85 34.59 25.22 11.91
N MET C 86 33.58 24.87 12.71
CA MET C 86 33.15 23.49 12.82
C MET C 86 32.57 23.00 11.49
N LEU C 87 31.73 23.82 10.87
CA LEU C 87 31.20 23.46 9.54
C LEU C 87 32.32 23.28 8.52
N GLN C 88 33.31 24.19 8.52
CA GLN C 88 34.41 24.06 7.56
C GLN C 88 35.28 22.84 7.84
N CYS C 89 35.47 22.50 9.12
CA CYS C 89 36.20 21.28 9.47
C CYS C 89 35.45 20.03 8.97
N ASP C 90 34.13 20.00 9.13
CA ASP C 90 33.36 18.89 8.57
C ASP C 90 33.52 18.82 7.05
N LEU C 91 33.47 19.97 6.38
CA LEU C 91 33.62 20.01 4.92
C LEU C 91 35.02 19.54 4.51
N ASN C 92 36.06 20.00 5.20
CA ASN C 92 37.41 19.55 4.87
C ASN C 92 37.51 18.03 4.95
N LEU C 93 36.92 17.44 5.98
CA LEU C 93 36.97 15.99 6.15
C LEU C 93 36.23 15.28 5.03
N GLU C 94 35.02 15.75 4.70
CA GLU C 94 34.20 15.10 3.67
C GLU C 94 34.88 15.11 2.33
N LEU C 95 35.60 16.18 1.99
CA LEU C 95 36.30 16.24 0.70
C LEU C 95 37.42 15.21 0.61
N LYS C 96 38.14 14.98 1.72
CA LYS C 96 39.13 13.90 1.76
C LYS C 96 38.46 12.53 1.65
N ALA C 97 37.31 12.37 2.29
CA ALA C 97 36.61 11.11 2.24
C ALA C 97 36.20 10.75 0.82
N THR C 98 35.72 11.74 0.05
CA THR C 98 35.26 11.44 -1.31
C THR C 98 36.43 11.09 -2.23
N LYS C 99 37.58 11.75 -2.06
CA LYS C 99 38.75 11.37 -2.82
C LYS C 99 39.10 9.88 -2.62
N ASP C 100 39.14 9.42 -1.37
CA ASP C 100 39.46 8.02 -1.09
C ASP C 100 38.38 7.08 -1.63
N LEU C 101 37.10 7.47 -1.53
CA LEU C 101 36.03 6.64 -2.08
C LEU C 101 36.21 6.44 -3.58
N ARG C 102 36.54 7.51 -4.30
CA ARG C 102 36.71 7.39 -5.75
C ARG C 102 37.86 6.45 -6.11
N GLU C 103 39.00 6.55 -5.41
CA GLU C 103 40.12 5.65 -5.68
C GLU C 103 39.76 4.19 -5.38
N ALA C 104 38.98 3.98 -4.31
CA ALA C 104 38.58 2.62 -3.96
C ALA C 104 37.64 2.03 -5.01
N ILE C 105 36.73 2.85 -5.54
CA ILE C 105 35.81 2.38 -6.58
C ILE C 105 36.57 1.98 -7.83
N VAL C 106 37.56 2.79 -8.24
CA VAL C 106 38.43 2.42 -9.37
C VAL C 106 39.00 1.03 -9.18
N HIS C 107 39.60 0.76 -8.02
CA HIS C 107 40.22 -0.54 -7.83
C HIS C 107 39.19 -1.67 -7.82
N CYS C 108 38.03 -1.45 -7.17
CA CYS C 108 36.99 -2.48 -7.17
C CYS C 108 36.58 -2.82 -8.59
N GLU C 109 36.39 -1.81 -9.45
CA GLU C 109 36.03 -2.07 -10.84
C GLU C 109 37.11 -2.88 -11.54
N GLN C 110 38.39 -2.52 -11.31
CA GLN C 110 39.50 -3.20 -11.99
C GLN C 110 39.60 -4.68 -11.62
N VAL C 111 39.24 -5.06 -10.39
CA VAL C 111 39.30 -6.47 -9.98
C VAL C 111 37.92 -7.14 -10.01
N HIS C 112 36.90 -6.46 -10.52
CA HIS C 112 35.57 -7.03 -10.76
C HIS C 112 34.81 -7.32 -9.46
N ASP C 113 35.13 -6.57 -8.40
CA ASP C 113 34.35 -6.67 -7.15
C ASP C 113 33.21 -5.66 -7.22
N TYR C 114 32.16 -6.03 -7.95
CA TYR C 114 31.11 -5.10 -8.28
C TYR C 114 30.20 -4.84 -7.10
N VAL C 115 30.08 -5.80 -6.18
CA VAL C 115 29.28 -5.62 -4.96
C VAL C 115 29.96 -4.62 -4.01
N SER C 116 31.29 -4.74 -3.81
CA SER C 116 31.99 -3.71 -3.04
C SER C 116 31.88 -2.35 -3.70
N ARG C 117 32.02 -2.29 -5.03
CA ARG C 117 31.84 -1.01 -5.71
C ARG C 117 30.48 -0.41 -5.39
N ASP C 118 29.41 -1.22 -5.44
CA ASP C 118 28.06 -0.69 -5.23
C ASP C 118 27.91 -0.14 -3.81
N LEU C 119 28.47 -0.83 -2.82
CA LEU C 119 28.46 -0.33 -1.43
C LEU C 119 29.16 1.02 -1.36
N LEU C 120 30.34 1.12 -1.96
CA LEU C 120 31.08 2.38 -1.92
C LEU C 120 30.36 3.50 -2.65
N LYS C 121 29.68 3.19 -3.77
CA LYS C 121 28.93 4.22 -4.47
C LYS C 121 27.80 4.74 -3.59
N ASP C 122 27.13 3.86 -2.86
CA ASP C 122 26.05 4.30 -1.97
C ASP C 122 26.62 5.21 -0.88
N ILE C 123 27.75 4.85 -0.29
CA ILE C 123 28.40 5.71 0.70
C ILE C 123 28.77 7.04 0.07
N LEU C 124 29.34 7.02 -1.14
CA LEU C 124 29.72 8.25 -1.81
C LEU C 124 28.51 9.16 -2.02
N GLU C 125 27.35 8.59 -2.37
CA GLU C 125 26.15 9.42 -2.52
C GLU C 125 25.81 10.10 -1.20
N SER C 126 25.91 9.37 -0.09
N SER C 126 25.91 9.37 -0.09
CA SER C 126 25.66 9.97 1.21
CA SER C 126 25.66 9.98 1.21
C SER C 126 26.66 11.08 1.51
C SER C 126 26.66 11.08 1.52
N GLU C 127 27.94 10.86 1.21
CA GLU C 127 28.95 11.88 1.47
C GLU C 127 28.72 13.14 0.63
N GLU C 128 28.34 12.98 -0.63
CA GLU C 128 28.02 14.16 -1.45
C GLU C 128 26.80 14.92 -0.92
N GLU C 129 25.80 14.20 -0.40
CA GLU C 129 24.66 14.88 0.24
C GLU C 129 25.13 15.70 1.43
N HIS C 130 26.08 15.16 2.20
CA HIS C 130 26.63 15.93 3.32
C HIS C 130 27.39 17.16 2.85
N ILE C 131 28.19 17.03 1.79
CA ILE C 131 28.85 18.20 1.22
C ILE C 131 27.84 19.26 0.82
N ASP C 132 26.73 18.85 0.20
CA ASP C 132 25.70 19.81 -0.20
C ASP C 132 25.17 20.56 1.03
N TYR C 133 24.86 19.82 2.10
CA TYR C 133 24.39 20.42 3.34
C TYR C 133 25.41 21.45 3.86
N LEU C 134 26.69 21.06 3.89
CA LEU C 134 27.71 21.92 4.49
C LEU C 134 27.94 23.18 3.67
N GLU C 135 28.08 23.02 2.35
CA GLU C 135 28.23 24.19 1.48
C GLU C 135 27.03 25.11 1.60
N THR C 136 25.83 24.54 1.76
CA THR C 136 24.62 25.35 1.87
C THR C 136 24.63 26.15 3.17
N GLN C 137 25.04 25.54 4.28
CA GLN C 137 25.06 26.26 5.55
C GLN C 137 26.07 27.40 5.50
N LEU C 138 27.25 27.14 4.96
CA LEU C 138 28.26 28.18 4.84
C LEU C 138 27.76 29.34 3.98
N GLY C 139 27.04 29.03 2.89
CA GLY C 139 26.43 30.07 2.09
C GLY C 139 25.34 30.85 2.82
N LEU C 140 24.53 30.16 3.63
CA LEU C 140 23.50 30.84 4.40
C LEU C 140 24.10 31.81 5.40
N ILE C 141 25.22 31.46 6.04
CA ILE C 141 25.88 32.41 6.93
C ILE C 141 26.17 33.71 6.19
N GLN C 142 26.63 33.61 4.93
CA GLN C 142 26.92 34.84 4.18
C GLN C 142 25.64 35.60 3.81
N LYS C 143 24.55 34.89 3.46
CA LYS C 143 23.35 35.55 2.95
C LYS C 143 22.50 36.16 4.06
N VAL C 144 22.39 35.50 5.22
CA VAL C 144 21.53 36.00 6.28
C VAL C 144 22.33 36.66 7.41
N GLY C 145 23.65 36.51 7.42
CA GLY C 145 24.48 37.00 8.50
C GLY C 145 24.61 35.98 9.62
N LEU C 146 25.76 36.01 10.29
CA LEU C 146 26.05 34.99 11.31
C LEU C 146 25.01 35.02 12.43
N GLU C 147 24.65 36.21 12.92
CA GLU C 147 23.74 36.27 14.06
C GLU C 147 22.38 35.67 13.74
N ASN C 148 21.82 36.00 12.58
CA ASN C 148 20.55 35.39 12.18
C ASN C 148 20.70 33.89 11.95
N TYR C 149 21.82 33.47 11.33
CA TYR C 149 22.02 32.05 11.08
C TYR C 149 22.00 31.27 12.39
N LEU C 150 22.73 31.77 13.40
CA LEU C 150 22.73 31.10 14.70
C LEU C 150 21.36 31.18 15.37
N GLN C 151 20.69 32.33 15.28
CA GLN C 151 19.34 32.44 15.83
C GLN C 151 18.44 31.35 15.26
N SER C 152 18.51 31.13 13.94
CA SER C 152 17.68 30.13 13.27
C SER C 152 18.00 28.70 13.67
N HIS C 153 19.09 28.48 14.42
CA HIS C 153 19.49 27.14 14.82
C HIS C 153 19.43 26.94 16.33
N MET C 154 18.77 27.86 17.05
CA MET C 154 18.58 27.70 18.49
CA MET C 154 18.60 27.70 18.49
C MET C 154 17.56 26.62 18.79
N HIS C 155 16.39 26.69 18.15
CA HIS C 155 15.27 25.81 18.46
C HIS C 155 15.15 24.73 17.40
N GLU C 156 14.79 23.52 17.84
CA GLU C 156 14.69 22.39 16.91
C GLU C 156 13.45 22.48 16.01
N MET D 1 -29.10 -49.97 4.73
CA MET D 1 -28.90 -50.52 3.36
C MET D 1 -28.09 -51.80 3.50
N LYS D 2 -28.56 -52.93 2.99
CA LYS D 2 -27.89 -54.20 3.30
C LYS D 2 -26.55 -54.27 2.56
N GLY D 3 -25.46 -54.34 3.31
CA GLY D 3 -24.14 -54.42 2.73
C GLY D 3 -23.69 -55.85 2.48
N ASP D 4 -22.58 -55.96 1.78
CA ASP D 4 -21.93 -57.24 1.50
C ASP D 4 -21.32 -57.78 2.80
N LYS D 5 -21.56 -59.06 3.07
CA LYS D 5 -21.18 -59.65 4.35
C LYS D 5 -19.67 -59.62 4.54
N LYS D 6 -18.92 -59.93 3.48
CA LYS D 6 -17.47 -59.91 3.56
C LYS D 6 -16.93 -58.49 3.69
N VAL D 7 -17.54 -57.50 3.00
CA VAL D 7 -17.17 -56.11 3.25
C VAL D 7 -17.31 -55.80 4.74
N ILE D 8 -18.46 -56.15 5.32
CA ILE D 8 -18.66 -55.86 6.74
C ILE D 8 -17.59 -56.55 7.59
N GLN D 9 -17.22 -57.79 7.25
CA GLN D 9 -16.17 -58.47 7.99
C GLN D 9 -14.85 -57.74 7.88
N HIS D 10 -14.51 -57.27 6.67
CA HIS D 10 -13.29 -56.47 6.50
C HIS D 10 -13.37 -55.17 7.31
N LEU D 11 -14.51 -54.47 7.28
CA LEU D 11 -14.61 -53.24 8.05
C LEU D 11 -14.42 -53.50 9.52
N ASN D 12 -14.97 -54.59 10.04
CA ASN D 12 -14.76 -54.94 11.44
C ASN D 12 -13.30 -55.30 11.73
N LYS D 13 -12.61 -55.92 10.78
CA LYS D 13 -11.19 -56.20 10.99
C LYS D 13 -10.38 -54.91 11.08
N ILE D 14 -10.61 -53.97 10.14
N ILE D 14 -10.66 -53.95 10.19
CA ILE D 14 -9.98 -52.66 10.21
CA ILE D 14 -9.94 -52.68 10.23
C ILE D 14 -10.29 -52.00 11.55
C ILE D 14 -10.31 -51.89 11.49
N LEU D 15 -11.56 -51.98 11.93
CA LEU D 15 -11.95 -51.39 13.20
C LEU D 15 -11.14 -51.99 14.35
N GLY D 16 -11.00 -53.31 14.37
CA GLY D 16 -10.20 -53.94 15.40
C GLY D 16 -8.78 -53.42 15.43
N ASN D 17 -8.18 -53.23 14.26
CA ASN D 17 -6.83 -52.66 14.21
C ASN D 17 -6.79 -51.26 14.80
N GLU D 18 -7.79 -50.44 14.44
N GLU D 18 -7.82 -50.46 14.51
CA GLU D 18 -7.86 -49.06 14.97
CA GLU D 18 -7.82 -49.09 14.99
C GLU D 18 -7.99 -49.08 16.48
C GLU D 18 -8.06 -49.03 16.48
N LEU D 19 -8.80 -49.99 17.03
CA LEU D 19 -9.00 -50.06 18.47
C LEU D 19 -7.70 -50.40 19.20
N ILE D 20 -6.86 -51.28 18.64
CA ILE D 20 -5.54 -51.54 19.24
C ILE D 20 -4.73 -50.26 19.22
N ALA D 21 -4.69 -49.57 18.09
CA ALA D 21 -3.87 -48.38 17.95
C ALA D 21 -4.30 -47.28 18.91
N ILE D 22 -5.62 -47.07 19.08
CA ILE D 22 -6.11 -46.03 19.99
C ILE D 22 -5.49 -46.22 21.37
N ASN D 23 -5.58 -47.44 21.91
CA ASN D 23 -5.11 -47.70 23.26
C ASN D 23 -3.59 -47.69 23.34
N GLN D 24 -2.91 -48.27 22.36
CA GLN D 24 -1.45 -48.25 22.34
C GLN D 24 -0.91 -46.83 22.28
N TYR D 25 -1.46 -46.00 21.37
CA TYR D 25 -0.99 -44.63 21.28
C TYR D 25 -1.34 -43.83 22.52
N PHE D 26 -2.51 -44.06 23.11
CA PHE D 26 -2.86 -43.30 24.30
C PHE D 26 -1.92 -43.62 25.46
N LEU D 27 -1.62 -44.91 25.66
CA LEU D 27 -0.69 -45.29 26.71
C LEU D 27 0.71 -44.74 26.45
N HIS D 28 1.21 -44.87 25.21
CA HIS D 28 2.51 -44.29 24.89
C HIS D 28 2.53 -42.80 25.18
N SER D 29 1.46 -42.08 24.80
CA SER D 29 1.39 -40.64 25.07
C SER D 29 1.59 -40.35 26.56
N ARG D 30 0.87 -41.06 27.41
CA ARG D 30 0.91 -40.79 28.83
C ARG D 30 2.23 -41.24 29.46
N MET D 31 2.86 -42.27 28.90
CA MET D 31 4.21 -42.63 29.32
C MET D 31 5.20 -41.51 29.01
N TRP D 32 5.16 -41.00 27.79
CA TRP D 32 6.05 -39.90 27.44
C TRP D 32 5.79 -38.68 28.31
N ASN D 33 4.52 -38.36 28.61
CA ASN D 33 4.25 -37.24 29.49
C ASN D 33 4.83 -37.46 30.89
N ASP D 34 4.65 -38.66 31.45
CA ASP D 34 5.18 -38.98 32.77
C ASP D 34 6.70 -38.79 32.82
N TRP D 35 7.39 -39.07 31.72
CA TRP D 35 8.85 -38.95 31.63
C TRP D 35 9.30 -37.53 31.32
N GLY D 36 8.38 -36.58 31.12
CA GLY D 36 8.76 -35.22 30.81
C GLY D 36 9.06 -34.97 29.35
N LEU D 37 8.71 -35.91 28.47
CA LEU D 37 8.89 -35.75 27.03
C LEU D 37 7.56 -35.31 26.43
N LYS D 38 7.19 -34.08 26.79
CA LYS D 38 5.84 -33.54 26.53
C LYS D 38 5.56 -33.34 25.05
N ARG D 39 6.57 -33.05 24.22
CA ARG D 39 6.30 -32.89 22.81
C ARG D 39 5.93 -34.23 22.17
N LEU D 40 6.62 -35.31 22.56
CA LEU D 40 6.23 -36.64 22.10
C LEU D 40 4.88 -37.02 22.67
N GLY D 41 4.63 -36.71 23.94
CA GLY D 41 3.34 -37.04 24.53
C GLY D 41 2.19 -36.39 23.80
N ALA D 42 2.33 -35.10 23.45
CA ALA D 42 1.27 -34.39 22.76
C ALA D 42 1.06 -34.95 21.37
N HIS D 43 2.15 -35.18 20.63
CA HIS D 43 2.01 -35.73 19.29
C HIS D 43 1.31 -37.09 19.29
N GLU D 44 1.70 -37.96 20.22
CA GLU D 44 1.12 -39.30 20.30
C GLU D 44 -0.33 -39.24 20.75
N TYR D 45 -0.70 -38.27 21.60
CA TYR D 45 -2.10 -38.05 21.94
C TYR D 45 -2.90 -37.76 20.69
N HIS D 46 -2.39 -36.86 19.85
CA HIS D 46 -3.09 -36.53 18.62
C HIS D 46 -3.19 -37.73 17.69
N GLU D 47 -2.19 -38.61 17.68
CA GLU D 47 -2.32 -39.84 16.88
C GLU D 47 -3.45 -40.72 17.40
N SER D 48 -3.58 -40.84 18.72
CA SER D 48 -4.67 -41.62 19.31
C SER D 48 -6.04 -41.06 18.90
N ILE D 49 -6.21 -39.74 19.01
CA ILE D 49 -7.47 -39.09 18.66
C ILE D 49 -7.78 -39.29 17.19
N ASP D 50 -6.77 -39.17 16.31
CA ASP D 50 -7.01 -39.40 14.89
C ASP D 50 -7.52 -40.81 14.62
N GLU D 51 -6.96 -41.81 15.31
CA GLU D 51 -7.44 -43.18 15.16
C GLU D 51 -8.88 -43.32 15.66
N MET D 52 -9.23 -42.61 16.73
CA MET D 52 -10.61 -42.59 17.20
C MET D 52 -11.54 -42.10 16.10
N LYS D 53 -11.12 -41.06 15.35
CA LYS D 53 -11.97 -40.53 14.29
C LYS D 53 -12.19 -41.57 13.20
N HIS D 54 -11.15 -42.33 12.85
CA HIS D 54 -11.33 -43.38 11.86
C HIS D 54 -12.23 -44.49 12.38
N ALA D 55 -12.04 -44.89 13.64
CA ALA D 55 -12.91 -45.92 14.23
C ALA D 55 -14.38 -45.49 14.18
N ASP D 56 -14.64 -44.21 14.48
CA ASP D 56 -16.01 -43.70 14.44
C ASP D 56 -16.60 -43.88 13.04
N LYS D 57 -15.87 -43.46 12.00
CA LYS D 57 -16.38 -43.59 10.65
C LYS D 57 -16.64 -45.05 10.29
N LEU D 58 -15.77 -45.97 10.72
CA LEU D 58 -15.99 -47.39 10.45
C LEU D 58 -17.26 -47.91 11.14
N ILE D 59 -17.43 -47.56 12.42
CA ILE D 59 -18.63 -47.95 13.17
C ILE D 59 -19.87 -47.43 12.46
N GLU D 60 -19.85 -46.17 12.03
CA GLU D 60 -20.99 -45.56 11.36
C GLU D 60 -21.30 -46.28 10.05
N ARG D 61 -20.27 -46.60 9.26
CA ARG D 61 -20.48 -47.32 8.00
C ARG D 61 -21.03 -48.71 8.22
N ILE D 62 -20.49 -49.45 9.20
CA ILE D 62 -20.98 -50.79 9.51
C ILE D 62 -22.46 -50.75 9.86
N LEU D 63 -22.87 -49.81 10.71
CA LEU D 63 -24.28 -49.72 11.09
C LEU D 63 -25.15 -49.37 9.89
N PHE D 64 -24.70 -48.46 9.02
CA PHE D 64 -25.48 -48.12 7.84
C PHE D 64 -25.70 -49.36 6.98
N LEU D 65 -24.66 -50.20 6.83
CA LEU D 65 -24.68 -51.44 6.07
C LEU D 65 -25.38 -52.57 6.80
N GLU D 66 -25.97 -52.29 7.96
CA GLU D 66 -26.78 -53.23 8.73
C GLU D 66 -25.97 -54.37 9.33
N GLY D 67 -24.70 -54.10 9.63
CA GLY D 67 -23.87 -55.02 10.37
C GLY D 67 -23.73 -54.61 11.82
N LEU D 68 -23.05 -55.47 12.58
CA LEU D 68 -22.84 -55.28 14.01
C LEU D 68 -21.40 -54.86 14.23
N PRO D 69 -21.12 -53.61 14.62
CA PRO D 69 -19.73 -53.26 14.93
C PRO D 69 -19.22 -54.02 16.14
N ASN D 70 -17.98 -54.53 16.03
CA ASN D 70 -17.34 -55.33 17.07
C ASN D 70 -16.32 -54.45 17.79
N LEU D 71 -16.70 -53.95 18.97
CA LEU D 71 -15.80 -53.22 19.85
C LEU D 71 -15.33 -54.07 21.01
N GLN D 72 -15.62 -55.37 20.97
CA GLN D 72 -15.37 -56.27 22.09
C GLN D 72 -14.02 -56.96 22.03
N ASP D 73 -13.64 -57.37 20.83
N ASP D 73 -13.45 -57.25 20.85
CA ASP D 73 -12.38 -58.03 20.60
CA ASP D 73 -12.35 -58.23 20.75
C ASP D 73 -11.32 -56.95 20.58
C ASP D 73 -10.99 -57.58 20.49
N LEU D 74 -10.43 -56.98 21.55
CA LEU D 74 -9.23 -56.17 21.50
C LEU D 74 -8.00 -57.04 21.34
N GLY D 75 -7.24 -56.80 20.27
CA GLY D 75 -6.01 -57.52 20.03
C GLY D 75 -4.85 -57.00 20.85
N LYS D 76 -3.66 -57.50 20.53
CA LYS D 76 -2.48 -57.34 21.36
C LYS D 76 -1.90 -55.93 21.20
N LEU D 77 -1.79 -55.21 22.32
CA LEU D 77 -1.13 -53.92 22.33
C LEU D 77 0.37 -54.14 22.32
N LEU D 78 1.08 -53.38 21.49
CA LEU D 78 2.55 -53.43 21.39
C LEU D 78 3.09 -52.24 22.17
N ILE D 79 3.51 -52.49 23.42
CA ILE D 79 3.91 -51.44 24.34
C ILE D 79 5.42 -51.47 24.47
N GLY D 80 6.07 -50.38 24.15
CA GLY D 80 7.51 -50.33 24.34
C GLY D 80 7.89 -49.93 25.77
N GLU D 81 9.18 -50.08 26.10
CA GLU D 81 9.70 -49.65 27.40
C GLU D 81 10.66 -48.45 27.32
N ASN D 82 11.02 -48.01 26.13
CA ASN D 82 11.78 -46.78 25.92
C ASN D 82 11.34 -46.14 24.61
N THR D 83 11.81 -44.92 24.34
CA THR D 83 11.29 -44.14 23.21
C THR D 83 11.49 -44.86 21.88
N GLN D 84 12.70 -45.35 21.61
CA GLN D 84 12.96 -46.10 20.37
CA GLN D 84 12.91 -46.05 20.35
C GLN D 84 11.99 -47.26 20.22
N GLU D 85 11.83 -48.04 21.29
CA GLU D 85 10.97 -49.22 21.25
C GLU D 85 9.52 -48.84 21.01
N MET D 86 9.06 -47.76 21.64
CA MET D 86 7.67 -47.33 21.50
C MET D 86 7.40 -46.90 20.06
N LEU D 87 8.29 -46.10 19.49
CA LEU D 87 8.14 -45.70 18.09
C LEU D 87 8.15 -46.92 17.17
N GLN D 88 9.05 -47.87 17.42
CA GLN D 88 9.10 -49.08 16.61
C GLN D 88 7.84 -49.92 16.77
N CYS D 89 7.29 -50.00 17.98
CA CYS D 89 6.04 -50.71 18.21
C CYS D 89 4.90 -50.08 17.42
N ASP D 90 4.82 -48.74 17.43
CA ASP D 90 3.81 -48.06 16.61
C ASP D 90 4.02 -48.40 15.13
N LEU D 91 5.27 -48.44 14.68
CA LEU D 91 5.54 -48.72 13.28
C LEU D 91 5.14 -50.16 12.94
N ASN D 92 5.43 -51.10 13.83
CA ASN D 92 5.02 -52.49 13.60
C ASN D 92 3.51 -52.59 13.40
N LEU D 93 2.75 -51.91 14.25
CA LEU D 93 1.29 -51.94 14.14
C LEU D 93 0.82 -51.31 12.84
N GLU D 94 1.42 -50.17 12.45
CA GLU D 94 0.95 -49.46 11.27
C GLU D 94 1.20 -50.26 10.02
N LEU D 95 2.28 -51.04 9.97
CA LEU D 95 2.55 -51.83 8.77
C LEU D 95 1.54 -52.97 8.61
N LYS D 96 1.11 -53.57 9.73
CA LYS D 96 0.03 -54.55 9.68
C LYS D 96 -1.29 -53.89 9.26
N ALA D 97 -1.56 -52.70 9.78
CA ALA D 97 -2.81 -52.00 9.47
C ALA D 97 -2.93 -51.73 7.97
N THR D 98 -1.82 -51.31 7.33
CA THR D 98 -1.92 -50.97 5.93
C THR D 98 -2.09 -52.21 5.07
N LYS D 99 -1.46 -53.33 5.46
CA LYS D 99 -1.70 -54.58 4.75
C LYS D 99 -3.19 -54.94 4.74
N ASP D 100 -3.84 -54.85 5.90
CA ASP D 100 -5.26 -55.18 5.99
C ASP D 100 -6.12 -54.19 5.21
N LEU D 101 -5.75 -52.90 5.21
CA LEU D 101 -6.50 -51.91 4.44
C LEU D 101 -6.47 -52.21 2.95
N ARG D 102 -5.30 -52.60 2.42
CA ARG D 102 -5.20 -52.89 1.00
C ARG D 102 -6.06 -54.09 0.62
N GLU D 103 -6.06 -55.13 1.47
CA GLU D 103 -6.89 -56.31 1.18
C GLU D 103 -8.38 -55.96 1.24
N ALA D 104 -8.77 -55.07 2.15
CA ALA D 104 -10.17 -54.67 2.23
C ALA D 104 -10.58 -53.86 1.00
N ILE D 105 -9.70 -52.98 0.53
CA ILE D 105 -10.00 -52.21 -0.67
C ILE D 105 -10.19 -53.12 -1.89
N VAL D 106 -9.33 -54.13 -2.06
CA VAL D 106 -9.49 -55.07 -3.17
C VAL D 106 -10.89 -55.66 -3.15
N HIS D 107 -11.35 -56.08 -1.99
CA HIS D 107 -12.66 -56.72 -1.93
C HIS D 107 -13.79 -55.72 -2.20
N CYS D 108 -13.70 -54.51 -1.63
CA CYS D 108 -14.72 -53.50 -1.90
C CYS D 108 -14.83 -53.22 -3.38
N GLU D 109 -13.69 -53.10 -4.08
CA GLU D 109 -13.72 -52.90 -5.53
C GLU D 109 -14.43 -54.05 -6.23
N GLN D 110 -14.14 -55.29 -5.81
CA GLN D 110 -14.68 -56.46 -6.50
C GLN D 110 -16.20 -56.52 -6.41
N VAL D 111 -16.78 -56.10 -5.29
CA VAL D 111 -18.23 -56.13 -5.09
C VAL D 111 -18.90 -54.79 -5.34
N HIS D 112 -18.15 -53.82 -5.88
CA HIS D 112 -18.67 -52.52 -6.29
C HIS D 112 -19.14 -51.66 -5.11
N ASP D 113 -18.59 -51.85 -3.91
CA ASP D 113 -18.87 -50.98 -2.77
C ASP D 113 -17.85 -49.83 -2.79
N TYR D 114 -18.10 -48.89 -3.71
CA TYR D 114 -17.15 -47.82 -3.97
C TYR D 114 -17.10 -46.81 -2.84
N VAL D 115 -18.20 -46.63 -2.10
CA VAL D 115 -18.20 -45.71 -0.97
C VAL D 115 -17.37 -46.27 0.17
N SER D 116 -17.50 -47.56 0.49
CA SER D 116 -16.60 -48.14 1.48
C SER D 116 -15.15 -48.08 1.04
N ARG D 117 -14.88 -48.36 -0.24
CA ARG D 117 -13.51 -48.21 -0.74
C ARG D 117 -12.97 -46.81 -0.47
N ASP D 118 -13.77 -45.78 -0.77
CA ASP D 118 -13.29 -44.40 -0.59
C ASP D 118 -12.96 -44.13 0.87
N LEU D 119 -13.80 -44.59 1.80
CA LEU D 119 -13.52 -44.45 3.22
C LEU D 119 -12.18 -45.10 3.59
N LEU D 120 -11.97 -46.33 3.09
CA LEU D 120 -10.75 -47.04 3.44
C LEU D 120 -9.52 -46.38 2.83
N LYS D 121 -9.65 -45.83 1.62
CA LYS D 121 -8.54 -45.11 1.01
C LYS D 121 -8.15 -43.90 1.85
N ASP D 122 -9.14 -43.17 2.36
CA ASP D 122 -8.85 -42.02 3.22
C ASP D 122 -8.13 -42.46 4.49
N ILE D 123 -8.58 -43.56 5.11
CA ILE D 123 -7.88 -44.08 6.29
C ILE D 123 -6.46 -44.49 5.94
N LEU D 124 -6.29 -45.15 4.78
CA LEU D 124 -4.96 -45.58 4.34
C LEU D 124 -4.03 -44.38 4.14
N GLU D 125 -4.54 -43.27 3.59
CA GLU D 125 -3.70 -42.07 3.47
C GLU D 125 -3.22 -41.59 4.84
N SER D 126 -4.11 -41.60 5.83
N SER D 126 -4.10 -41.59 5.83
CA SER D 126 -3.73 -41.22 7.19
CA SER D 126 -3.70 -41.21 7.18
C SER D 126 -2.69 -42.16 7.76
C SER D 126 -2.67 -42.16 7.75
N GLU D 127 -2.86 -43.47 7.55
CA GLU D 127 -1.89 -44.43 8.09
C GLU D 127 -0.53 -44.30 7.43
N GLU D 128 -0.48 -44.04 6.12
CA GLU D 128 0.81 -43.80 5.46
C GLU D 128 1.46 -42.52 5.96
N GLU D 129 0.68 -41.48 6.27
CA GLU D 129 1.24 -40.29 6.89
C GLU D 129 1.87 -40.64 8.23
N HIS D 130 1.22 -41.51 8.99
CA HIS D 130 1.77 -41.92 10.28
C HIS D 130 3.06 -42.72 10.11
N ILE D 131 3.10 -43.63 9.14
CA ILE D 131 4.35 -44.33 8.82
C ILE D 131 5.46 -43.36 8.50
N ASP D 132 5.18 -42.34 7.67
CA ASP D 132 6.19 -41.33 7.37
C ASP D 132 6.72 -40.68 8.66
N TYR D 133 5.81 -40.26 9.54
CA TYR D 133 6.24 -39.69 10.81
C TYR D 133 7.17 -40.63 11.56
N LEU D 134 6.78 -41.90 11.69
CA LEU D 134 7.51 -42.85 12.51
C LEU D 134 8.89 -43.14 11.93
N GLU D 135 8.96 -43.39 10.62
CA GLU D 135 10.24 -43.63 9.97
C GLU D 135 11.14 -42.41 10.13
N THR D 136 10.56 -41.22 10.02
CA THR D 136 11.35 -39.98 10.15
C THR D 136 11.91 -39.85 11.56
N GLN D 137 11.12 -40.16 12.59
CA GLN D 137 11.62 -40.06 13.95
C GLN D 137 12.76 -41.03 14.19
N LEU D 138 12.61 -42.28 13.74
CA LEU D 138 13.70 -43.25 13.91
C LEU D 138 14.96 -42.78 13.18
N GLY D 139 14.80 -42.17 12.00
CA GLY D 139 15.94 -41.64 11.28
C GLY D 139 16.61 -40.48 12.02
N LEU D 140 15.80 -39.61 12.64
CA LEU D 140 16.35 -38.48 13.40
C LEU D 140 17.12 -38.96 14.63
N ILE D 141 16.66 -40.03 15.29
CA ILE D 141 17.43 -40.57 16.40
C ILE D 141 18.85 -40.92 15.93
N GLN D 142 18.96 -41.51 14.74
CA GLN D 142 20.27 -41.85 14.21
C GLN D 142 21.07 -40.60 13.82
N LYS D 143 20.42 -39.60 13.22
CA LYS D 143 21.14 -38.43 12.71
C LYS D 143 21.59 -37.48 13.83
N VAL D 144 20.72 -37.20 14.81
CA VAL D 144 21.06 -36.21 15.85
C VAL D 144 21.54 -36.87 17.12
N GLY D 145 21.42 -38.19 17.24
CA GLY D 145 21.74 -38.89 18.46
C GLY D 145 20.56 -38.96 19.42
N LEU D 146 20.47 -40.03 20.21
CA LEU D 146 19.31 -40.22 21.07
C LEU D 146 19.16 -39.09 22.09
N GLU D 147 20.25 -38.69 22.75
CA GLU D 147 20.14 -37.67 23.79
C GLU D 147 19.59 -36.35 23.24
N ASN D 148 20.12 -35.90 22.10
CA ASN D 148 19.59 -34.71 21.44
C ASN D 148 18.14 -34.91 21.00
N TYR D 149 17.80 -36.08 20.46
CA TYR D 149 16.43 -36.32 20.01
C TYR D 149 15.44 -36.17 21.17
N LEU D 150 15.77 -36.78 22.32
CA LEU D 150 14.90 -36.68 23.47
C LEU D 150 14.86 -35.26 24.00
N GLN D 151 16.02 -34.58 24.01
CA GLN D 151 16.06 -33.18 24.44
C GLN D 151 15.10 -32.33 23.63
N SER D 152 15.05 -32.54 22.31
CA SER D 152 14.18 -31.80 21.42
C SER D 152 12.71 -32.09 21.64
N HIS D 153 12.38 -33.10 22.45
CA HIS D 153 10.99 -33.48 22.69
C HIS D 153 10.57 -33.28 24.12
N MET D 154 11.36 -32.55 24.91
CA MET D 154 10.99 -32.25 26.29
CA MET D 154 10.98 -32.26 26.29
C MET D 154 9.89 -31.21 26.35
N HIS D 155 10.06 -30.11 25.60
CA HIS D 155 9.15 -28.98 25.63
C HIS D 155 8.26 -28.98 24.40
N GLU D 156 6.97 -28.70 24.61
CA GLU D 156 6.03 -28.65 23.49
C GLU D 156 6.31 -27.48 22.54
N MET E 1 29.60 22.00 -4.95
CA MET E 1 30.83 21.18 -5.18
C MET E 1 31.19 21.37 -6.64
N LYS E 2 32.44 21.68 -6.97
CA LYS E 2 32.77 22.03 -8.34
C LYS E 2 32.80 20.78 -9.20
N GLY E 3 31.87 20.68 -10.15
CA GLY E 3 31.82 19.54 -11.03
C GLY E 3 32.73 19.68 -12.25
N ASP E 4 32.91 18.55 -12.94
CA ASP E 4 33.62 18.52 -14.21
C ASP E 4 32.81 19.27 -15.26
N LYS E 5 33.47 20.16 -16.01
CA LYS E 5 32.75 21.01 -16.96
C LYS E 5 32.05 20.17 -18.03
N LYS E 6 32.72 19.13 -18.54
CA LYS E 6 32.12 18.29 -19.57
C LYS E 6 30.97 17.46 -19.02
N VAL E 7 31.08 16.97 -17.77
CA VAL E 7 29.92 16.33 -17.14
C VAL E 7 28.73 17.28 -17.16
N ILE E 8 28.93 18.52 -16.72
CA ILE E 8 27.84 19.48 -16.67
C ILE E 8 27.27 19.72 -18.07
N GLN E 9 28.14 19.82 -19.08
CA GLN E 9 27.65 19.94 -20.46
C GLN E 9 26.79 18.73 -20.85
N HIS E 10 27.23 17.52 -20.51
CA HIS E 10 26.43 16.33 -20.79
C HIS E 10 25.10 16.37 -20.04
N LEU E 11 25.10 16.77 -18.76
CA LEU E 11 23.84 16.83 -18.03
C LEU E 11 22.88 17.84 -18.64
N ASN E 12 23.39 18.99 -19.11
CA ASN E 12 22.53 19.96 -19.79
C ASN E 12 22.02 19.43 -21.12
N LYS E 13 22.79 18.58 -21.81
CA LYS E 13 22.30 17.97 -23.05
C LYS E 13 21.15 17.01 -22.74
N ILE E 14 21.34 16.15 -21.74
N ILE E 14 21.29 16.20 -21.71
CA ILE E 14 20.24 15.27 -21.32
CA ILE E 14 20.23 15.26 -21.34
C ILE E 14 19.02 16.09 -20.94
C ILE E 14 19.01 16.02 -20.83
N LEU E 15 19.23 17.12 -20.11
CA LEU E 15 18.11 17.98 -19.70
C LEU E 15 17.37 18.52 -20.92
N GLY E 16 18.12 18.98 -21.93
CA GLY E 16 17.48 19.44 -23.15
C GLY E 16 16.60 18.39 -23.80
N ASN E 17 17.08 17.13 -23.84
CA ASN E 17 16.26 16.05 -24.40
C ASN E 17 14.99 15.86 -23.58
N GLU E 18 15.11 15.88 -22.24
N GLU E 18 15.08 15.94 -22.26
CA GLU E 18 13.94 15.73 -21.38
CA GLU E 18 13.90 15.73 -21.45
C GLU E 18 12.93 16.84 -21.63
C GLU E 18 12.92 16.87 -21.57
N LEU E 19 13.40 18.08 -21.81
CA LEU E 19 12.50 19.22 -22.05
C LEU E 19 11.72 19.05 -23.36
N ILE E 20 12.34 18.56 -24.42
CA ILE E 20 11.59 18.24 -25.64
C ILE E 20 10.50 17.23 -25.33
N ALA E 21 10.88 16.12 -24.68
CA ALA E 21 9.95 15.05 -24.38
C ALA E 21 8.78 15.53 -23.53
N ILE E 22 9.02 16.35 -22.50
CA ILE E 22 7.93 16.84 -21.66
C ILE E 22 6.85 17.48 -22.52
N ASN E 23 7.26 18.37 -23.41
CA ASN E 23 6.29 19.12 -24.20
C ASN E 23 5.65 18.24 -25.27
N GLN E 24 6.44 17.40 -25.94
CA GLN E 24 5.89 16.49 -26.95
C GLN E 24 4.84 15.56 -26.34
N TYR E 25 5.17 14.95 -25.20
CA TYR E 25 4.23 14.04 -24.57
C TYR E 25 3.00 14.78 -24.06
N PHE E 26 3.18 15.98 -23.50
CA PHE E 26 2.02 16.71 -23.01
C PHE E 26 1.06 17.05 -24.15
N LEU E 27 1.59 17.53 -25.27
CA LEU E 27 0.74 17.83 -26.40
C LEU E 27 0.07 16.56 -26.95
N HIS E 28 0.84 15.48 -27.12
CA HIS E 28 0.25 14.23 -27.58
C HIS E 28 -0.89 13.77 -26.65
N SER E 29 -0.68 13.90 -25.33
CA SER E 29 -1.73 13.54 -24.36
C SER E 29 -3.01 14.31 -24.63
N ARG E 30 -2.90 15.63 -24.77
CA ARG E 30 -4.10 16.46 -24.94
C ARG E 30 -4.75 16.25 -26.30
N MET E 31 -3.97 15.92 -27.33
CA MET E 31 -4.55 15.54 -28.62
C MET E 31 -5.40 14.28 -28.48
N TRP E 32 -4.84 13.24 -27.86
CA TRP E 32 -5.58 12.02 -27.62
C TRP E 32 -6.86 12.27 -26.81
N ASN E 33 -6.79 13.13 -25.78
CA ASN E 33 -8.00 13.42 -25.01
C ASN E 33 -9.05 14.11 -25.88
N ASP E 34 -8.62 15.06 -26.72
CA ASP E 34 -9.53 15.77 -27.61
C ASP E 34 -10.23 14.81 -28.56
N TRP E 35 -9.54 13.76 -28.99
CA TRP E 35 -10.13 12.76 -29.88
C TRP E 35 -10.95 11.70 -29.16
N GLY E 36 -11.03 11.73 -27.83
CA GLY E 36 -11.79 10.75 -27.08
C GLY E 36 -11.05 9.47 -26.80
N LEU E 37 -9.74 9.47 -27.00
CA LEU E 37 -8.91 8.33 -26.69
C LEU E 37 -8.27 8.54 -25.31
N LYS E 38 -9.13 8.49 -24.29
CA LYS E 38 -8.75 8.95 -22.96
C LYS E 38 -7.72 8.06 -22.28
N ARG E 39 -7.70 6.76 -22.59
CA ARG E 39 -6.69 5.88 -22.00
C ARG E 39 -5.30 6.23 -22.50
N LEU E 40 -5.16 6.50 -23.80
CA LEU E 40 -3.89 6.97 -24.33
C LEU E 40 -3.55 8.34 -23.76
N GLY E 41 -4.54 9.22 -23.67
CA GLY E 41 -4.28 10.54 -23.12
C GLY E 41 -3.76 10.48 -21.70
N ALA E 42 -4.34 9.61 -20.87
CA ALA E 42 -3.89 9.52 -19.48
C ALA E 42 -2.49 8.92 -19.39
N HIS E 43 -2.24 7.85 -20.15
CA HIS E 43 -0.92 7.24 -20.11
C HIS E 43 0.17 8.23 -20.57
N GLU E 44 -0.10 8.99 -21.63
CA GLU E 44 0.88 9.91 -22.17
C GLU E 44 1.10 11.09 -21.23
N TYR E 45 0.05 11.52 -20.52
CA TYR E 45 0.22 12.51 -19.47
C TYR E 45 1.20 12.01 -18.41
N HIS E 46 1.04 10.76 -17.97
CA HIS E 46 1.96 10.23 -16.98
C HIS E 46 3.39 10.15 -17.51
N GLU E 47 3.56 9.87 -18.81
CA GLU E 47 4.90 9.90 -19.39
C GLU E 47 5.50 11.29 -19.32
N SER E 48 4.70 12.33 -19.57
CA SER E 48 5.18 13.71 -19.48
C SER E 48 5.62 14.04 -18.06
N ILE E 49 4.79 13.67 -17.07
CA ILE E 49 5.14 13.94 -15.67
C ILE E 49 6.41 13.21 -15.29
N ASP E 50 6.58 11.96 -15.72
CA ASP E 50 7.79 11.21 -15.40
CA ASP E 50 7.79 11.25 -15.36
C ASP E 50 9.02 11.91 -15.94
N GLU E 51 8.92 12.47 -17.16
CA GLU E 51 10.04 13.20 -17.74
C GLU E 51 10.34 14.46 -16.94
N MET E 52 9.30 15.13 -16.45
CA MET E 52 9.48 16.28 -15.55
C MET E 52 10.28 15.89 -14.32
N LYS E 53 10.01 14.71 -13.75
CA LYS E 53 10.77 14.27 -12.58
C LYS E 53 12.24 14.09 -12.90
N HIS E 54 12.56 13.55 -14.08
CA HIS E 54 13.97 13.40 -14.46
C HIS E 54 14.62 14.75 -14.68
N ALA E 55 13.92 15.67 -15.37
CA ALA E 55 14.45 17.01 -15.57
C ALA E 55 14.76 17.68 -14.24
N ASP E 56 13.87 17.52 -13.26
CA ASP E 56 14.09 18.10 -11.93
C ASP E 56 15.40 17.60 -11.35
N LYS E 57 15.61 16.27 -11.38
CA LYS E 57 16.83 15.71 -10.81
C LYS E 57 18.08 16.22 -11.53
N LEU E 58 18.00 16.38 -12.85
CA LEU E 58 19.14 16.92 -13.61
C LEU E 58 19.42 18.37 -13.21
N ILE E 59 18.39 19.19 -13.12
CA ILE E 59 18.55 20.58 -12.71
C ILE E 59 19.20 20.64 -11.34
N GLU E 60 18.70 19.84 -10.40
CA GLU E 60 19.24 19.84 -9.04
C GLU E 60 20.71 19.43 -9.05
N ARG E 61 21.06 18.43 -9.83
CA ARG E 61 22.45 17.96 -9.87
C ARG E 61 23.37 19.01 -10.49
N ILE E 62 22.93 19.63 -11.58
CA ILE E 62 23.71 20.70 -12.21
C ILE E 62 23.99 21.82 -11.20
N LEU E 63 22.96 22.25 -10.47
CA LEU E 63 23.16 23.33 -9.49
C LEU E 63 24.12 22.90 -8.38
N PHE E 64 24.01 21.67 -7.90
CA PHE E 64 24.93 21.19 -6.87
C PHE E 64 26.37 21.23 -7.39
N LEU E 65 26.59 20.86 -8.65
CA LEU E 65 27.90 20.89 -9.30
C LEU E 65 28.34 22.28 -9.73
N GLU E 66 27.56 23.30 -9.40
CA GLU E 66 27.90 24.71 -9.62
C GLU E 66 27.89 25.07 -11.10
N GLY E 67 27.00 24.44 -11.86
CA GLY E 67 26.74 24.80 -13.23
C GLY E 67 25.42 25.53 -13.38
N LEU E 68 25.17 25.97 -14.61
CA LEU E 68 23.95 26.71 -14.95
C LEU E 68 23.00 25.84 -15.73
N PRO E 69 21.87 25.42 -15.16
CA PRO E 69 20.91 24.63 -15.93
C PRO E 69 20.33 25.45 -17.07
N ASN E 70 20.27 24.84 -18.24
CA ASN E 70 19.78 25.48 -19.46
C ASN E 70 18.35 24.99 -19.72
N LEU E 71 17.38 25.82 -19.36
CA LEU E 71 15.98 25.58 -19.69
C LEU E 71 15.52 26.45 -20.85
N GLN E 72 16.45 27.13 -21.52
CA GLN E 72 16.10 28.12 -22.53
C GLN E 72 16.04 27.54 -23.93
N ASP E 73 16.97 26.65 -24.22
N ASP E 73 16.84 26.52 -24.28
CA ASP E 73 17.05 26.02 -25.52
CA ASP E 73 17.07 26.16 -25.70
C ASP E 73 16.03 24.89 -25.54
C ASP E 73 16.35 24.88 -26.11
N LEU E 74 15.06 25.02 -26.42
CA LEU E 74 14.16 23.90 -26.69
C LEU E 74 14.35 23.41 -28.12
N GLY E 75 14.67 22.12 -28.24
CA GLY E 75 14.85 21.49 -29.52
C GLY E 75 13.52 21.15 -30.17
N LYS E 76 13.61 20.41 -31.29
CA LYS E 76 12.47 20.16 -32.16
C LYS E 76 11.52 19.12 -31.56
N LEU E 77 10.25 19.52 -31.40
CA LEU E 77 9.20 18.59 -31.02
C LEU E 77 8.81 17.76 -32.24
N LEU E 78 8.63 16.46 -32.03
CA LEU E 78 8.22 15.53 -33.10
C LEU E 78 6.74 15.21 -32.86
N ILE E 79 5.85 15.91 -33.56
CA ILE E 79 4.41 15.84 -33.32
C ILE E 79 3.80 15.02 -34.43
N GLY E 80 3.12 13.97 -34.08
CA GLY E 80 2.43 13.20 -35.11
C GLY E 80 1.05 13.78 -35.45
N GLU E 81 0.47 13.26 -36.54
CA GLU E 81 -0.89 13.64 -36.96
C GLU E 81 -1.95 12.55 -36.74
N ASN E 82 -1.55 11.35 -36.31
CA ASN E 82 -2.48 10.30 -35.92
C ASN E 82 -1.78 9.45 -34.86
N THR E 83 -2.53 8.52 -34.26
CA THR E 83 -1.98 7.70 -33.18
C THR E 83 -0.71 6.98 -33.61
N GLN E 84 -0.71 6.39 -34.80
CA GLN E 84 0.44 5.62 -35.27
C GLN E 84 1.68 6.50 -35.31
N GLU E 85 1.55 7.69 -35.87
CA GLU E 85 2.67 8.61 -36.02
C GLU E 85 3.11 9.15 -34.67
N MET E 86 2.18 9.44 -33.76
CA MET E 86 2.54 9.98 -32.46
C MET E 86 3.37 8.99 -31.66
N LEU E 87 2.97 7.71 -31.65
CA LEU E 87 3.77 6.69 -30.97
C LEU E 87 5.16 6.56 -31.58
N GLN E 88 5.25 6.56 -32.91
CA GLN E 88 6.55 6.45 -33.55
C GLN E 88 7.39 7.69 -33.31
N CYS E 89 6.78 8.88 -33.26
CA CYS E 89 7.53 10.10 -32.92
C CYS E 89 8.10 10.00 -31.51
N ASP E 90 7.31 9.51 -30.55
CA ASP E 90 7.82 9.31 -29.20
C ASP E 90 8.99 8.33 -29.21
N LEU E 91 8.86 7.24 -29.98
CA LEU E 91 9.93 6.25 -30.03
C LEU E 91 11.19 6.82 -30.65
N ASN E 92 11.06 7.61 -31.73
CA ASN E 92 12.23 8.22 -32.36
C ASN E 92 12.97 9.11 -31.36
N LEU E 93 12.22 9.86 -30.56
CA LEU E 93 12.84 10.74 -29.57
C LEU E 93 13.54 9.92 -28.48
N GLU E 94 12.87 8.86 -27.97
CA GLU E 94 13.47 8.04 -26.91
C GLU E 94 14.76 7.37 -27.35
N LEU E 95 14.86 6.97 -28.62
CA LEU E 95 16.08 6.32 -29.08
C LEU E 95 17.25 7.30 -29.14
N LYS E 96 16.97 8.54 -29.51
CA LYS E 96 18.03 9.56 -29.45
C LYS E 96 18.43 9.84 -27.98
N ALA E 97 17.45 9.81 -27.09
CA ALA E 97 17.73 10.09 -25.70
C ALA E 97 18.64 9.04 -25.10
N THR E 98 18.42 7.76 -25.43
CA THR E 98 19.26 6.70 -24.86
C THR E 98 20.67 6.78 -25.39
N LYS E 99 20.84 7.13 -26.66
CA LYS E 99 22.18 7.31 -27.20
C LYS E 99 22.96 8.34 -26.40
N ASP E 100 22.34 9.50 -26.14
CA ASP E 100 23.01 10.55 -25.38
C ASP E 100 23.26 10.13 -23.94
N LEU E 101 22.31 9.40 -23.31
CA LEU E 101 22.54 8.92 -21.94
C LEU E 101 23.76 8.01 -21.86
N ARG E 102 23.90 7.07 -22.80
CA ARG E 102 25.06 6.18 -22.78
C ARG E 102 26.38 6.96 -22.94
N GLU E 103 26.41 7.96 -23.83
CA GLU E 103 27.64 8.73 -23.98
C GLU E 103 27.98 9.52 -22.73
N ALA E 104 26.96 10.04 -22.06
CA ALA E 104 27.20 10.78 -20.82
C ALA E 104 27.72 9.86 -19.71
N ILE E 105 27.16 8.65 -19.61
CA ILE E 105 27.64 7.69 -18.61
C ILE E 105 29.11 7.36 -18.82
N VAL E 106 29.52 7.12 -20.09
CA VAL E 106 30.92 6.88 -20.40
C VAL E 106 31.79 7.97 -19.83
N HIS E 107 31.40 9.23 -20.05
CA HIS E 107 32.26 10.32 -19.61
C HIS E 107 32.27 10.44 -18.10
N CYS E 108 31.11 10.29 -17.44
CA CYS E 108 31.07 10.30 -15.98
C CYS E 108 32.02 9.25 -15.41
N GLU E 109 32.01 8.03 -15.96
CA GLU E 109 32.91 6.98 -15.50
C GLU E 109 34.38 7.39 -15.62
N GLN E 110 34.74 8.00 -16.76
CA GLN E 110 36.13 8.34 -17.01
C GLN E 110 36.67 9.38 -16.02
N VAL E 111 35.82 10.32 -15.59
CA VAL E 111 36.25 11.36 -14.65
C VAL E 111 35.83 11.03 -13.21
N HIS E 112 35.34 9.82 -12.95
CA HIS E 112 35.07 9.31 -11.61
C HIS E 112 33.88 10.00 -10.95
N ASP E 113 32.95 10.56 -11.74
CA ASP E 113 31.71 11.16 -11.19
C ASP E 113 30.66 10.05 -11.11
N TYR E 114 30.85 9.18 -10.12
CA TYR E 114 30.03 7.98 -9.99
C TYR E 114 28.61 8.30 -9.57
N VAL E 115 28.39 9.40 -8.84
CA VAL E 115 27.04 9.78 -8.45
C VAL E 115 26.26 10.27 -9.65
N SER E 116 26.88 11.10 -10.51
CA SER E 116 26.20 11.48 -11.74
C SER E 116 25.93 10.27 -12.62
N ARG E 117 26.89 9.33 -12.71
CA ARG E 117 26.64 8.12 -13.49
C ARG E 117 25.40 7.40 -12.99
N ASP E 118 25.27 7.26 -11.67
CA ASP E 118 24.15 6.52 -11.09
C ASP E 118 22.81 7.20 -11.38
N LEU E 119 22.77 8.53 -11.33
CA LEU E 119 21.56 9.27 -11.70
C LEU E 119 21.20 8.99 -13.16
N LEU E 120 22.20 9.03 -14.04
CA LEU E 120 21.93 8.82 -15.47
C LEU E 120 21.50 7.38 -15.75
N LYS E 121 22.05 6.40 -15.03
CA LYS E 121 21.62 5.02 -15.17
C LYS E 121 20.15 4.87 -14.78
N ASP E 122 19.73 5.51 -13.69
CA ASP E 122 18.31 5.45 -13.30
C ASP E 122 17.42 6.04 -14.38
N ILE E 123 17.83 7.18 -14.95
CA ILE E 123 17.05 7.79 -16.03
C ILE E 123 17.02 6.85 -17.24
N LEU E 124 18.17 6.25 -17.58
CA LEU E 124 18.22 5.30 -18.70
C LEU E 124 17.28 4.12 -18.48
N GLU E 125 17.19 3.60 -17.26
CA GLU E 125 16.25 2.53 -16.98
C GLU E 125 14.81 2.98 -17.28
N SER E 126 14.45 4.20 -16.86
CA SER E 126 13.12 4.73 -17.16
CA SER E 126 13.12 4.73 -17.15
C SER E 126 12.90 4.87 -18.65
N GLU E 127 13.91 5.37 -19.39
CA GLU E 127 13.73 5.55 -20.82
C GLU E 127 13.61 4.19 -21.53
N GLU E 128 14.34 3.17 -21.10
CA GLU E 128 14.17 1.85 -21.69
C GLU E 128 12.79 1.27 -21.40
N GLU E 129 12.22 1.54 -20.22
CA GLU E 129 10.85 1.13 -19.95
C GLU E 129 9.89 1.82 -20.90
N HIS E 130 10.13 3.09 -21.20
CA HIS E 130 9.28 3.79 -22.15
C HIS E 130 9.41 3.20 -23.55
N ILE E 131 10.63 2.87 -23.97
CA ILE E 131 10.81 2.18 -25.26
C ILE E 131 10.01 0.89 -25.29
N ASP E 132 10.06 0.11 -24.22
CA ASP E 132 9.30 -1.13 -24.16
C ASP E 132 7.82 -0.86 -24.36
N TYR E 133 7.28 0.13 -23.64
CA TYR E 133 5.88 0.50 -23.80
C TYR E 133 5.55 0.83 -25.25
N LEU E 134 6.38 1.66 -25.88
CA LEU E 134 6.09 2.14 -27.23
C LEU E 134 6.18 1.02 -28.26
N GLU E 135 7.22 0.20 -28.17
CA GLU E 135 7.34 -0.93 -29.09
C GLU E 135 6.15 -1.86 -28.92
N THR E 136 5.72 -2.06 -27.68
CA THR E 136 4.56 -2.91 -27.41
C THR E 136 3.30 -2.35 -28.03
N GLN E 137 3.09 -1.03 -27.93
CA GLN E 137 1.87 -0.45 -28.51
C GLN E 137 1.87 -0.61 -30.02
N LEU E 138 3.00 -0.36 -30.67
CA LEU E 138 3.08 -0.51 -32.11
C LEU E 138 2.83 -1.95 -32.52
N GLY E 139 3.32 -2.90 -31.73
CA GLY E 139 3.05 -4.30 -32.01
C GLY E 139 1.58 -4.66 -31.81
N LEU E 140 0.94 -4.08 -30.80
CA LEU E 140 -0.48 -4.35 -30.58
C LEU E 140 -1.33 -3.79 -31.71
N ILE E 141 -0.96 -2.62 -32.26
CA ILE E 141 -1.68 -2.11 -33.42
C ILE E 141 -1.67 -3.14 -34.55
N GLN E 142 -0.55 -3.82 -34.74
CA GLN E 142 -0.48 -4.90 -35.73
C GLN E 142 -1.33 -6.09 -35.31
N LYS E 143 -1.19 -6.55 -34.07
CA LYS E 143 -1.79 -7.82 -33.64
C LYS E 143 -3.30 -7.75 -33.47
N VAL E 144 -3.85 -6.64 -32.93
CA VAL E 144 -5.30 -6.51 -32.76
C VAL E 144 -5.97 -5.70 -33.85
N GLY E 145 -5.22 -5.02 -34.71
CA GLY E 145 -5.75 -4.14 -35.72
C GLY E 145 -5.97 -2.74 -35.18
N LEU E 146 -5.88 -1.75 -36.06
CA LEU E 146 -5.94 -0.36 -35.62
C LEU E 146 -7.28 -0.03 -34.97
N GLU E 147 -8.37 -0.46 -35.57
CA GLU E 147 -9.69 -0.10 -35.03
C GLU E 147 -9.86 -0.65 -33.62
N ASN E 148 -9.51 -1.92 -33.39
CA ASN E 148 -9.59 -2.48 -32.04
C ASN E 148 -8.62 -1.77 -31.11
N TYR E 149 -7.40 -1.47 -31.57
CA TYR E 149 -6.45 -0.83 -30.66
C TYR E 149 -6.99 0.51 -30.19
N LEU E 150 -7.54 1.30 -31.11
CA LEU E 150 -8.11 2.59 -30.74
C LEU E 150 -9.33 2.39 -29.83
N GLN E 151 -10.20 1.43 -30.16
CA GLN E 151 -11.35 1.14 -29.31
C GLN E 151 -10.93 0.87 -27.88
N SER E 152 -9.88 0.07 -27.69
CA SER E 152 -9.36 -0.29 -26.37
C SER E 152 -8.80 0.89 -25.62
N HIS E 153 -8.59 2.03 -26.27
CA HIS E 153 -8.01 3.20 -25.62
C HIS E 153 -8.99 4.37 -25.51
N MET E 154 -10.29 4.12 -25.75
CA MET E 154 -11.31 5.14 -25.59
CA MET E 154 -11.29 5.15 -25.59
C MET E 154 -11.56 5.43 -24.12
N HIS E 155 -11.78 4.38 -23.33
CA HIS E 155 -12.17 4.51 -21.94
C HIS E 155 -10.97 4.27 -21.03
N GLU E 156 -10.82 5.11 -20.01
CA GLU E 156 -9.76 4.93 -19.02
C GLU E 156 -9.95 3.65 -18.21
N MET F 1 13.58 -3.83 -28.29
CA MET F 1 14.79 -3.01 -28.54
C MET F 1 15.90 -3.99 -28.86
N LYS F 2 16.61 -3.82 -29.97
CA LYS F 2 17.55 -4.86 -30.38
C LYS F 2 18.80 -4.81 -29.50
N GLY F 3 19.03 -5.88 -28.75
CA GLY F 3 20.18 -5.96 -27.89
C GLY F 3 21.43 -6.47 -28.59
N ASP F 4 22.55 -6.32 -27.89
CA ASP F 4 23.83 -6.87 -28.32
C ASP F 4 23.79 -8.40 -28.27
N LYS F 5 24.25 -9.05 -29.35
CA LYS F 5 24.13 -10.50 -29.44
C LYS F 5 24.87 -11.21 -28.33
N LYS F 6 26.09 -10.75 -28.02
CA LYS F 6 26.88 -11.39 -26.98
C LYS F 6 26.29 -11.13 -25.60
N VAL F 7 25.73 -9.93 -25.38
CA VAL F 7 24.99 -9.71 -24.13
C VAL F 7 23.91 -10.75 -23.97
N ILE F 8 23.11 -10.99 -25.02
CA ILE F 8 22.03 -11.96 -24.94
C ILE F 8 22.57 -13.36 -24.67
N GLN F 9 23.69 -13.71 -25.28
CA GLN F 9 24.32 -15.00 -24.98
C GLN F 9 24.71 -15.09 -23.51
N HIS F 10 25.30 -14.02 -22.96
CA HIS F 10 25.68 -14.02 -21.56
C HIS F 10 24.44 -14.14 -20.67
N LEU F 11 23.38 -13.39 -20.99
CA LEU F 11 22.16 -13.48 -20.20
C LEU F 11 21.60 -14.90 -20.23
N ASN F 12 21.62 -15.56 -21.40
CA ASN F 12 21.18 -16.96 -21.47
C ASN F 12 22.09 -17.90 -20.67
N LYS F 13 23.39 -17.60 -20.60
CA LYS F 13 24.29 -18.40 -19.78
C LYS F 13 23.95 -18.27 -18.30
N ILE F 14 23.75 -17.02 -17.83
N ILE F 14 23.68 -17.05 -17.83
CA ILE F 14 23.31 -16.81 -16.46
CA ILE F 14 23.32 -16.86 -16.43
C ILE F 14 21.99 -17.53 -16.20
C ILE F 14 21.94 -17.44 -16.14
N LEU F 15 21.02 -17.35 -17.09
CA LEU F 15 19.73 -18.02 -16.95
C LEU F 15 19.90 -19.53 -16.78
N GLY F 16 20.78 -20.13 -17.60
CA GLY F 16 21.05 -21.56 -17.45
C GLY F 16 21.53 -21.91 -16.05
N ASN F 17 22.43 -21.09 -15.50
CA ASN F 17 22.92 -21.33 -14.15
C ASN F 17 21.79 -21.26 -13.14
N GLU F 18 20.91 -20.24 -13.29
N GLU F 18 20.88 -20.31 -13.32
CA GLU F 18 19.77 -20.11 -12.38
CA GLU F 18 19.78 -20.15 -12.37
C GLU F 18 18.88 -21.35 -12.45
C GLU F 18 18.77 -21.28 -12.48
N LEU F 19 18.62 -21.86 -13.67
CA LEU F 19 17.73 -23.01 -13.81
C LEU F 19 18.30 -24.26 -13.13
N ILE F 20 19.61 -24.47 -13.18
CA ILE F 20 20.22 -25.56 -12.40
C ILE F 20 19.94 -25.37 -10.92
N ALA F 21 20.18 -24.15 -10.42
CA ALA F 21 20.04 -23.86 -9.00
C ALA F 21 18.60 -24.04 -8.52
N ILE F 22 17.62 -23.60 -9.32
CA ILE F 22 16.23 -23.77 -8.94
C ILE F 22 15.94 -25.24 -8.62
N ASN F 23 16.35 -26.14 -9.52
CA ASN F 23 16.02 -27.55 -9.36
C ASN F 23 16.83 -28.19 -8.26
N GLN F 24 18.13 -27.85 -8.18
CA GLN F 24 18.99 -28.40 -7.14
C GLN F 24 18.48 -27.99 -5.76
N TYR F 25 18.17 -26.71 -5.57
CA TYR F 25 17.66 -26.25 -4.28
C TYR F 25 16.29 -26.84 -3.97
N PHE F 26 15.42 -26.95 -4.97
CA PHE F 26 14.11 -27.52 -4.67
C PHE F 26 14.23 -28.98 -4.21
N LEU F 27 15.04 -29.77 -4.91
CA LEU F 27 15.22 -31.16 -4.49
C LEU F 27 15.87 -31.25 -3.11
N HIS F 28 16.93 -30.48 -2.87
CA HIS F 28 17.54 -30.49 -1.55
C HIS F 28 16.52 -30.13 -0.47
N SER F 29 15.69 -29.11 -0.73
CA SER F 29 14.63 -28.73 0.21
C SER F 29 13.74 -29.92 0.56
N ARG F 30 13.25 -30.65 -0.45
CA ARG F 30 12.32 -31.73 -0.19
C ARG F 30 13.01 -32.92 0.46
N MET F 31 14.30 -33.15 0.16
CA MET F 31 15.06 -34.16 0.88
C MET F 31 15.15 -33.83 2.37
N TRP F 32 15.49 -32.58 2.69
CA TRP F 32 15.57 -32.19 4.10
C TRP F 32 14.22 -32.34 4.78
N ASN F 33 13.13 -31.98 4.09
CA ASN F 33 11.80 -32.15 4.69
C ASN F 33 11.49 -33.62 4.96
N ASP F 34 11.80 -34.50 3.99
CA ASP F 34 11.56 -35.94 4.16
C ASP F 34 12.32 -36.49 5.38
N TRP F 35 13.52 -35.96 5.65
CA TRP F 35 14.31 -36.39 6.80
C TRP F 35 13.89 -35.75 8.11
N GLY F 36 12.93 -34.84 8.11
CA GLY F 36 12.52 -34.19 9.33
C GLY F 36 13.35 -32.99 9.71
N LEU F 37 14.17 -32.50 8.79
CA LEU F 37 14.98 -31.31 9.02
C LEU F 37 14.28 -30.12 8.39
N LYS F 38 13.15 -29.75 9.02
CA LYS F 38 12.20 -28.83 8.40
C LYS F 38 12.73 -27.40 8.31
N ARG F 39 13.62 -26.99 9.22
CA ARG F 39 14.15 -25.64 9.12
C ARG F 39 15.08 -25.51 7.91
N LEU F 40 15.92 -26.51 7.66
CA LEU F 40 16.71 -26.52 6.42
C LEU F 40 15.80 -26.62 5.21
N GLY F 41 14.79 -27.47 5.26
CA GLY F 41 13.88 -27.60 4.13
C GLY F 41 13.24 -26.27 3.76
N ALA F 42 12.76 -25.53 4.77
CA ALA F 42 12.10 -24.26 4.50
C ALA F 42 13.08 -23.23 3.95
N HIS F 43 14.27 -23.15 4.52
CA HIS F 43 15.23 -22.15 4.04
C HIS F 43 15.64 -22.45 2.60
N GLU F 44 15.87 -23.72 2.28
CA GLU F 44 16.30 -24.11 0.93
C GLU F 44 15.17 -23.90 -0.07
N TYR F 45 13.92 -24.10 0.35
CA TYR F 45 12.79 -23.74 -0.50
C TYR F 45 12.83 -22.26 -0.87
N HIS F 46 13.03 -21.39 0.11
CA HIS F 46 13.09 -19.97 -0.18
C HIS F 46 14.28 -19.62 -1.09
N GLU F 47 15.40 -20.34 -0.97
CA GLU F 47 16.50 -20.15 -1.94
C GLU F 47 16.07 -20.51 -3.35
N SER F 48 15.31 -21.60 -3.51
CA SER F 48 14.84 -21.98 -4.83
C SER F 48 13.92 -20.90 -5.43
N ILE F 49 12.97 -20.40 -4.63
CA ILE F 49 12.07 -19.35 -5.09
C ILE F 49 12.84 -18.09 -5.47
N ASP F 50 13.85 -17.71 -4.68
CA ASP F 50 14.61 -16.52 -5.01
CA ASP F 50 14.65 -16.54 -5.00
C ASP F 50 15.32 -16.68 -6.36
N GLU F 51 15.83 -17.88 -6.65
CA GLU F 51 16.45 -18.12 -7.96
C GLU F 51 15.41 -18.04 -9.06
N MET F 52 14.18 -18.51 -8.81
CA MET F 52 13.11 -18.35 -9.79
C MET F 52 12.90 -16.87 -10.12
N LYS F 53 12.92 -16.00 -9.11
CA LYS F 53 12.73 -14.59 -9.35
C LYS F 53 13.82 -14.00 -10.25
N HIS F 54 15.08 -14.41 -10.04
CA HIS F 54 16.16 -13.96 -10.91
C HIS F 54 15.97 -14.48 -12.33
N ALA F 55 15.63 -15.76 -12.46
CA ALA F 55 15.39 -16.33 -13.79
C ALA F 55 14.32 -15.55 -14.52
N ASP F 56 13.23 -15.20 -13.82
CA ASP F 56 12.16 -14.42 -14.41
C ASP F 56 12.69 -13.09 -14.97
N LYS F 57 13.46 -12.35 -14.18
CA LYS F 57 13.98 -11.07 -14.67
C LYS F 57 14.89 -11.26 -15.88
N LEU F 58 15.69 -12.33 -15.90
CA LEU F 58 16.55 -12.59 -17.05
C LEU F 58 15.73 -12.90 -18.29
N ILE F 59 14.70 -13.74 -18.15
CA ILE F 59 13.83 -14.07 -19.29
C ILE F 59 13.18 -12.80 -19.82
N GLU F 60 12.66 -11.96 -18.91
CA GLU F 60 12.03 -10.71 -19.31
C GLU F 60 13.01 -9.80 -20.06
N ARG F 61 14.25 -9.67 -19.56
CA ARG F 61 15.24 -8.80 -20.23
C ARG F 61 15.61 -9.35 -21.60
N ILE F 62 15.82 -10.66 -21.71
CA ILE F 62 16.16 -11.27 -22.99
C ILE F 62 15.07 -10.99 -24.03
N LEU F 63 13.80 -11.17 -23.63
CA LEU F 63 12.70 -10.89 -24.56
C LEU F 63 12.66 -9.42 -24.96
N PHE F 64 12.85 -8.52 -24.01
CA PHE F 64 12.87 -7.10 -24.35
C PHE F 64 13.95 -6.80 -25.38
N LEU F 65 15.13 -7.42 -25.23
CA LEU F 65 16.25 -7.25 -26.15
C LEU F 65 16.12 -8.07 -27.42
N GLU F 66 14.97 -8.71 -27.61
CA GLU F 66 14.64 -9.41 -28.86
C GLU F 66 15.45 -10.68 -29.06
N GLY F 67 15.86 -11.30 -27.95
CA GLY F 67 16.46 -12.61 -27.98
C GLY F 67 15.49 -13.71 -27.59
N LEU F 68 15.97 -14.95 -27.69
CA LEU F 68 15.22 -16.14 -27.37
C LEU F 68 15.69 -16.72 -26.05
N PRO F 69 14.89 -16.64 -24.98
CA PRO F 69 15.33 -17.27 -23.72
C PRO F 69 15.42 -18.78 -23.89
N ASN F 70 16.51 -19.36 -23.37
CA ASN F 70 16.75 -20.80 -23.47
C ASN F 70 16.44 -21.46 -22.13
N LEU F 71 15.27 -22.08 -22.04
CA LEU F 71 14.88 -22.86 -20.87
C LEU F 71 15.00 -24.35 -21.12
N GLN F 72 15.59 -24.74 -22.25
CA GLN F 72 15.63 -26.14 -22.67
C GLN F 72 16.88 -26.89 -22.18
N ASP F 73 18.01 -26.21 -22.26
N ASP F 73 18.04 -26.23 -22.04
CA ASP F 73 19.28 -26.79 -21.84
CA ASP F 73 19.32 -26.96 -21.95
C ASP F 73 19.30 -26.68 -20.33
C ASP F 73 19.88 -26.98 -20.53
N LEU F 74 19.28 -27.82 -19.69
CA LEU F 74 19.53 -27.87 -18.26
C LEU F 74 20.86 -28.56 -17.98
N GLY F 75 21.76 -27.84 -17.34
CA GLY F 75 23.05 -28.38 -16.99
C GLY F 75 23.00 -29.31 -15.79
N LYS F 76 24.18 -29.68 -15.29
CA LYS F 76 24.32 -30.75 -14.31
C LYS F 76 23.90 -30.30 -12.91
N LEU F 77 22.91 -30.97 -12.34
CA LEU F 77 22.52 -30.71 -10.95
C LEU F 77 23.53 -31.36 -10.03
N LEU F 78 23.91 -30.66 -8.97
CA LEU F 78 24.87 -31.15 -7.97
C LEU F 78 24.06 -31.55 -6.74
N ILE F 79 23.69 -32.82 -6.67
CA ILE F 79 22.77 -33.31 -5.65
C ILE F 79 23.59 -34.03 -4.59
N GLY F 80 23.57 -33.51 -3.37
CA GLY F 80 24.25 -34.20 -2.28
C GLY F 80 23.39 -35.30 -1.67
N GLU F 81 24.01 -36.13 -0.84
CA GLU F 81 23.35 -37.29 -0.23
CA GLU F 81 23.28 -37.24 -0.24
C GLU F 81 23.20 -37.19 1.28
N ASN F 82 23.79 -36.16 1.90
CA ASN F 82 23.61 -35.86 3.31
C ASN F 82 23.79 -34.34 3.44
N THR F 83 23.46 -33.83 4.63
CA THR F 83 23.41 -32.38 4.82
C THR F 83 24.71 -31.71 4.44
N GLN F 84 25.84 -32.21 4.96
CA GLN F 84 27.12 -31.57 4.66
C GLN F 84 27.38 -31.52 3.16
N GLU F 85 27.14 -32.63 2.46
CA GLU F 85 27.37 -32.66 1.02
C GLU F 85 26.45 -31.72 0.28
N MET F 86 25.19 -31.63 0.72
CA MET F 86 24.22 -30.77 0.03
C MET F 86 24.59 -29.30 0.14
N LEU F 87 25.01 -28.87 1.34
CA LEU F 87 25.47 -27.49 1.51
C LEU F 87 26.71 -27.21 0.65
N GLN F 88 27.65 -28.16 0.60
CA GLN F 88 28.83 -27.95 -0.22
C GLN F 88 28.50 -27.95 -1.71
N CYS F 89 27.55 -28.79 -2.15
CA CYS F 89 27.12 -28.77 -3.55
C CYS F 89 26.51 -27.43 -3.92
N ASP F 90 25.66 -26.88 -3.03
CA ASP F 90 25.11 -25.54 -3.28
C ASP F 90 26.23 -24.50 -3.37
N LEU F 91 27.24 -24.59 -2.49
CA LEU F 91 28.34 -23.63 -2.53
C LEU F 91 29.14 -23.78 -3.82
N ASN F 92 29.40 -25.01 -4.24
CA ASN F 92 30.15 -25.21 -5.48
C ASN F 92 29.44 -24.57 -6.66
N LEU F 93 28.12 -24.71 -6.70
CA LEU F 93 27.33 -24.11 -7.78
C LEU F 93 27.34 -22.60 -7.72
N GLU F 94 27.18 -22.02 -6.51
CA GLU F 94 27.15 -20.57 -6.36
C GLU F 94 28.46 -19.94 -6.79
N LEU F 95 29.59 -20.62 -6.51
CA LEU F 95 30.89 -20.07 -6.91
C LEU F 95 31.06 -20.06 -8.42
N LYS F 96 30.50 -21.04 -9.14
CA LYS F 96 30.52 -21.00 -10.60
C LYS F 96 29.61 -19.90 -11.13
N ALA F 97 28.47 -19.71 -10.48
CA ALA F 97 27.53 -18.67 -10.89
C ALA F 97 28.14 -17.28 -10.79
N THR F 98 28.87 -16.98 -9.71
CA THR F 98 29.44 -15.64 -9.57
C THR F 98 30.54 -15.38 -10.60
N LYS F 99 31.33 -16.41 -10.93
CA LYS F 99 32.32 -16.24 -11.99
C LYS F 99 31.66 -15.81 -13.30
N ASP F 100 30.58 -16.48 -13.68
CA ASP F 100 29.89 -16.15 -14.92
C ASP F 100 29.24 -14.76 -14.85
N LEU F 101 28.69 -14.38 -13.69
CA LEU F 101 28.10 -13.04 -13.54
C LEU F 101 29.13 -11.94 -13.74
N ARG F 102 30.34 -12.13 -13.20
CA ARG F 102 31.36 -11.11 -13.36
C ARG F 102 31.77 -10.96 -14.82
N GLU F 103 31.95 -12.07 -15.53
CA GLU F 103 32.31 -11.99 -16.95
C GLU F 103 31.20 -11.33 -17.77
N ALA F 104 29.94 -11.59 -17.42
CA ALA F 104 28.83 -10.95 -18.12
C ALA F 104 28.80 -9.44 -17.88
N ILE F 105 29.05 -9.01 -16.64
CA ILE F 105 29.08 -7.59 -16.33
C ILE F 105 30.17 -6.88 -17.11
N VAL F 106 31.37 -7.48 -17.19
CA VAL F 106 32.47 -6.91 -18.00
C VAL F 106 31.97 -6.61 -19.40
N HIS F 107 31.29 -7.57 -20.02
CA HIS F 107 30.88 -7.36 -21.40
C HIS F 107 29.79 -6.30 -21.51
N CYS F 108 28.81 -6.33 -20.62
CA CYS F 108 27.78 -5.30 -20.65
C CYS F 108 28.38 -3.90 -20.57
N GLU F 109 29.37 -3.72 -19.69
CA GLU F 109 30.03 -2.42 -19.56
C GLU F 109 30.70 -2.02 -20.88
N GLN F 110 31.37 -2.98 -21.53
CA GLN F 110 32.10 -2.68 -22.75
C GLN F 110 31.19 -2.21 -23.88
N VAL F 111 29.99 -2.77 -23.97
CA VAL F 111 29.05 -2.39 -25.03
C VAL F 111 28.01 -1.37 -24.56
N HIS F 112 28.15 -0.83 -23.35
CA HIS F 112 27.32 0.26 -22.85
C HIS F 112 25.89 -0.17 -22.53
N ASP F 113 25.68 -1.46 -22.26
CA ASP F 113 24.36 -1.95 -21.82
C ASP F 113 24.32 -1.85 -20.30
N TYR F 114 24.11 -0.62 -19.84
CA TYR F 114 24.21 -0.30 -18.43
C TYR F 114 23.01 -0.83 -17.66
N VAL F 115 21.85 -0.96 -18.31
CA VAL F 115 20.69 -1.55 -17.65
C VAL F 115 20.88 -3.05 -17.42
N SER F 116 21.36 -3.78 -18.43
CA SER F 116 21.68 -5.20 -18.19
C SER F 116 22.73 -5.35 -17.11
N ARG F 117 23.75 -4.47 -17.10
CA ARG F 117 24.74 -4.54 -16.03
C ARG F 117 24.09 -4.41 -14.65
N ASP F 118 23.16 -3.47 -14.51
CA ASP F 118 22.55 -3.23 -13.20
C ASP F 118 21.76 -4.45 -12.76
N LEU F 119 21.04 -5.08 -13.68
CA LEU F 119 20.29 -6.31 -13.36
C LEU F 119 21.24 -7.39 -12.85
N LEU F 120 22.37 -7.56 -13.56
CA LEU F 120 23.32 -8.60 -13.20
C LEU F 120 24.00 -8.30 -11.88
N LYS F 121 24.28 -7.02 -11.59
CA LYS F 121 24.84 -6.64 -10.30
C LYS F 121 23.88 -6.99 -9.16
N ASP F 122 22.59 -6.73 -9.33
CA ASP F 122 21.60 -7.10 -8.30
C ASP F 122 21.59 -8.61 -8.09
N ILE F 123 21.64 -9.39 -9.17
CA ILE F 123 21.68 -10.84 -9.04
C ILE F 123 22.96 -11.26 -8.32
N LEU F 124 24.09 -10.66 -8.69
CA LEU F 124 25.37 -10.97 -8.03
C LEU F 124 25.31 -10.70 -6.53
N GLU F 125 24.67 -9.60 -6.12
CA GLU F 125 24.51 -9.32 -4.70
C GLU F 125 23.74 -10.46 -4.02
N SER F 126 22.66 -10.93 -4.64
N SER F 126 22.65 -10.92 -4.63
CA SER F 126 21.88 -12.02 -4.07
CA SER F 126 21.88 -12.02 -4.07
C SER F 126 22.71 -13.31 -3.98
C SER F 126 22.72 -13.29 -3.97
N GLU F 127 23.51 -13.60 -5.01
CA GLU F 127 24.32 -14.81 -4.98
C GLU F 127 25.43 -14.72 -3.94
N GLU F 128 26.04 -13.54 -3.75
CA GLU F 128 27.03 -13.42 -2.67
C GLU F 128 26.37 -13.57 -1.30
N GLU F 129 25.14 -13.10 -1.13
CA GLU F 129 24.42 -13.34 0.12
C GLU F 129 24.21 -14.83 0.34
N HIS F 130 23.92 -15.58 -0.72
CA HIS F 130 23.77 -17.02 -0.58
C HIS F 130 25.09 -17.69 -0.22
N ILE F 131 26.19 -17.24 -0.82
CA ILE F 131 27.50 -17.74 -0.43
C ILE F 131 27.75 -17.51 1.05
N ASP F 132 27.42 -16.30 1.54
CA ASP F 132 27.59 -16.00 2.97
C ASP F 132 26.82 -17.00 3.83
N TYR F 133 25.56 -17.25 3.49
CA TYR F 133 24.75 -18.22 4.23
C TYR F 133 25.40 -19.60 4.23
N LEU F 134 25.83 -20.07 3.06
CA LEU F 134 26.38 -21.41 2.95
C LEU F 134 27.68 -21.57 3.72
N GLU F 135 28.59 -20.61 3.58
CA GLU F 135 29.85 -20.64 4.33
C GLU F 135 29.57 -20.61 5.83
N THR F 136 28.58 -19.83 6.25
CA THR F 136 28.22 -19.76 7.66
C THR F 136 27.72 -21.11 8.16
N GLN F 137 26.86 -21.79 7.38
CA GLN F 137 26.34 -23.07 7.83
C GLN F 137 27.46 -24.09 7.96
N LEU F 138 28.36 -24.11 6.98
CA LEU F 138 29.47 -25.08 7.04
C LEU F 138 30.35 -24.78 8.23
N GLY F 139 30.55 -23.51 8.56
CA GLY F 139 31.32 -23.16 9.74
C GLY F 139 30.62 -23.53 11.03
N LEU F 140 29.30 -23.39 11.07
CA LEU F 140 28.54 -23.79 12.27
C LEU F 140 28.63 -25.30 12.52
N ILE F 141 28.60 -26.11 11.46
CA ILE F 141 28.77 -27.55 11.64
C ILE F 141 30.07 -27.84 12.39
N GLN F 142 31.14 -27.12 12.03
CA GLN F 142 32.41 -27.31 12.72
C GLN F 142 32.35 -26.83 14.17
N LYS F 143 31.71 -25.69 14.42
CA LYS F 143 31.73 -25.06 15.75
C LYS F 143 30.81 -25.76 16.75
N VAL F 144 29.61 -26.19 16.32
CA VAL F 144 28.63 -26.78 17.25
C VAL F 144 28.58 -28.30 17.13
N GLY F 145 29.20 -28.88 16.11
CA GLY F 145 29.12 -30.31 15.85
C GLY F 145 27.92 -30.65 14.99
N LEU F 146 28.08 -31.71 14.19
CA LEU F 146 27.03 -32.06 13.24
C LEU F 146 25.71 -32.42 13.93
N GLU F 147 25.77 -33.20 15.02
CA GLU F 147 24.53 -33.62 15.67
C GLU F 147 23.74 -32.43 16.18
N ASN F 148 24.42 -31.48 16.86
CA ASN F 148 23.75 -30.26 17.30
C ASN F 148 23.27 -29.43 16.12
N TYR F 149 24.08 -29.30 15.07
CA TYR F 149 23.66 -28.52 13.91
C TYR F 149 22.36 -29.08 13.35
N LEU F 150 22.28 -30.40 13.18
CA LEU F 150 21.07 -31.00 12.63
C LEU F 150 19.91 -30.87 13.61
N GLN F 151 20.16 -31.07 14.91
CA GLN F 151 19.12 -30.85 15.92
C GLN F 151 18.48 -29.48 15.79
N SER F 152 19.31 -28.44 15.61
CA SER F 152 18.85 -27.05 15.52
C SER F 152 18.07 -26.78 14.25
N HIS F 153 18.05 -27.73 13.32
CA HIS F 153 17.33 -27.56 12.08
C HIS F 153 16.15 -28.51 11.92
N MET F 154 15.77 -29.20 13.00
CA MET F 154 14.60 -30.08 12.97
CA MET F 154 14.60 -30.08 12.96
C MET F 154 13.31 -29.28 12.89
N HIS F 155 13.14 -28.31 13.78
CA HIS F 155 11.90 -27.57 13.89
C HIS F 155 12.04 -26.19 13.25
N GLU F 156 10.98 -25.76 12.57
CA GLU F 156 10.99 -24.43 11.95
C GLU F 156 11.03 -23.31 12.98
N MET G 1 10.55 10.72 63.41
CA MET G 1 11.87 10.09 63.71
C MET G 1 12.85 11.22 64.04
N LYS G 2 13.41 11.26 65.23
CA LYS G 2 14.21 12.40 65.65
C LYS G 2 15.48 12.55 64.79
N GLY G 3 15.56 13.64 64.03
CA GLY G 3 16.72 13.92 63.21
C GLY G 3 17.82 14.68 63.94
N ASP G 4 18.96 14.77 63.27
CA ASP G 4 20.10 15.51 63.78
C ASP G 4 19.81 17.02 63.71
N LYS G 5 20.12 17.74 64.79
CA LYS G 5 19.78 19.16 64.88
C LYS G 5 20.45 19.96 63.77
N LYS G 6 21.73 19.70 63.50
CA LYS G 6 22.44 20.43 62.45
C LYS G 6 21.92 20.07 61.06
N VAL G 7 21.54 18.81 60.82
CA VAL G 7 20.89 18.48 59.55
C VAL G 7 19.65 19.34 59.37
N ILE G 8 18.81 19.42 60.40
CA ILE G 8 17.58 20.20 60.30
C ILE G 8 17.90 21.66 60.04
N GLN G 9 18.92 22.21 60.69
CA GLN G 9 19.33 23.58 60.40
C GLN G 9 19.73 23.75 58.94
N HIS G 10 20.49 22.80 58.39
CA HIS G 10 20.90 22.88 56.99
C HIS G 10 19.68 22.78 56.07
N LEU G 11 18.75 21.87 56.37
CA LEU G 11 17.55 21.75 55.55
C LEU G 11 16.76 23.05 55.57
N ASN G 12 16.66 23.72 56.74
CA ASN G 12 15.98 25.00 56.79
C ASN G 12 16.73 26.08 56.01
N LYS G 13 18.05 26.02 55.98
CA LYS G 13 18.83 26.96 55.18
C LYS G 13 18.54 26.77 53.70
N ILE G 14 18.60 25.52 53.24
N ILE G 14 18.51 25.52 53.25
CA ILE G 14 18.24 25.22 51.86
CA ILE G 14 18.23 25.26 51.83
C ILE G 14 16.83 25.73 51.56
C ILE G 14 16.79 25.63 51.49
N LEU G 15 15.87 25.38 52.42
CA LEU G 15 14.48 25.83 52.26
C LEU G 15 14.42 27.35 52.10
N GLY G 16 15.15 28.09 52.94
CA GLY G 16 15.17 29.53 52.79
C GLY G 16 15.66 29.98 51.42
N ASN G 17 16.68 29.30 50.90
CA ASN G 17 17.16 29.65 49.55
C ASN G 17 16.08 29.37 48.52
N GLU G 18 15.39 28.22 48.62
N GLU G 18 15.34 28.27 48.66
CA GLU G 18 14.31 27.92 47.70
CA GLU G 18 14.31 27.95 47.68
C GLU G 18 13.22 29.00 47.74
C GLU G 18 13.13 28.91 47.76
N LEU G 19 12.84 29.46 48.94
CA LEU G 19 11.77 30.43 49.05
C LEU G 19 12.13 31.76 48.38
N ILE G 20 13.39 32.19 48.46
CA ILE G 20 13.83 33.36 47.69
C ILE G 20 13.64 33.10 46.20
N ALA G 21 14.11 31.94 45.73
CA ALA G 21 14.08 31.64 44.31
C ALA G 21 12.65 31.56 43.78
N ILE G 22 11.73 30.96 44.56
CA ILE G 22 10.33 30.88 44.14
C ILE G 22 9.81 32.27 43.80
N ASN G 23 10.02 33.23 44.71
CA ASN G 23 9.47 34.57 44.53
C ASN G 23 10.22 35.34 43.46
N GLN G 24 11.55 35.22 43.41
CA GLN G 24 12.33 35.91 42.39
C GLN G 24 11.97 35.43 41.00
N TYR G 25 11.89 34.10 40.82
CA TYR G 25 11.52 33.57 39.51
C TYR G 25 10.08 33.92 39.16
N PHE G 26 9.16 33.91 40.14
CA PHE G 26 7.78 34.24 39.82
C PHE G 26 7.66 35.68 39.35
N LEU G 27 8.30 36.61 40.05
CA LEU G 27 8.28 38.01 39.65
C LEU G 27 8.94 38.19 38.28
N HIS G 28 10.11 37.57 38.05
CA HIS G 28 10.75 37.69 36.75
C HIS G 28 9.82 37.18 35.65
N SER G 29 9.15 36.05 35.88
CA SER G 29 8.23 35.50 34.90
C SER G 29 7.17 36.52 34.51
N ARG G 30 6.54 37.12 35.51
CA ARG G 30 5.45 38.06 35.26
C ARG G 30 5.94 39.35 34.63
N MET G 31 7.17 39.78 34.94
CA MET G 31 7.76 40.91 34.23
C MET G 31 7.96 40.60 32.76
N TRP G 32 8.52 39.43 32.45
CA TRP G 32 8.72 39.06 31.06
C TRP G 32 7.39 38.96 30.32
N ASN G 33 6.36 38.41 30.96
CA ASN G 33 5.05 38.35 30.31
C ASN G 33 4.50 39.75 30.03
N ASP G 34 4.63 40.67 31.00
CA ASP G 34 4.17 42.05 30.83
C ASP G 34 4.85 42.71 29.65
N TRP G 35 6.12 42.37 29.41
CA TRP G 35 6.87 42.93 28.31
C TRP G 35 6.63 42.23 26.99
N GLY G 36 5.84 41.15 26.96
CA GLY G 36 5.59 40.44 25.73
C GLY G 36 6.64 39.40 25.38
N LEU G 37 7.53 39.08 26.31
CA LEU G 37 8.55 38.05 26.09
C LEU G 37 8.03 36.75 26.71
N LYS G 38 6.98 36.21 26.07
CA LYS G 38 6.19 35.14 26.68
C LYS G 38 6.96 33.82 26.78
N ARG G 39 7.94 33.57 25.91
CA ARG G 39 8.70 32.34 26.03
C ARG G 39 9.56 32.35 27.28
N LEU G 40 10.20 33.48 27.56
CA LEU G 40 10.93 33.64 28.82
C LEU G 40 9.98 33.57 30.00
N GLY G 41 8.83 34.23 29.90
CA GLY G 41 7.88 34.22 31.00
C GLY G 41 7.45 32.81 31.34
N ALA G 42 7.14 32.02 30.33
CA ALA G 42 6.69 30.64 30.58
C ALA G 42 7.81 29.79 31.18
N HIS G 43 9.03 29.90 30.64
CA HIS G 43 10.12 29.10 31.15
C HIS G 43 10.42 29.46 32.61
N GLU G 44 10.41 30.75 32.93
CA GLU G 44 10.69 31.20 34.30
C GLU G 44 9.58 30.80 35.27
N TYR G 45 8.33 30.81 34.81
CA TYR G 45 7.22 30.27 35.61
C TYR G 45 7.48 28.81 35.97
N HIS G 46 7.91 28.00 35.00
CA HIS G 46 8.19 26.60 35.30
C HIS G 46 9.38 26.44 36.26
N GLU G 47 10.37 27.33 36.19
CA GLU G 47 11.46 27.33 37.16
C GLU G 47 10.93 27.61 38.57
N SER G 48 10.03 28.58 38.71
CA SER G 48 9.42 28.86 40.00
C SER G 48 8.68 27.65 40.55
N ILE G 49 7.86 27.00 39.73
CA ILE G 49 7.12 25.81 40.16
C ILE G 49 8.08 24.70 40.58
N ASP G 50 9.16 24.49 39.83
CA ASP G 50 10.12 23.45 40.21
CA ASP G 50 10.15 23.47 40.19
C ASP G 50 10.71 23.74 41.58
N GLU G 51 11.00 25.00 41.89
CA GLU G 51 11.54 25.35 43.20
C GLU G 51 10.50 25.11 44.29
N MET G 52 9.22 25.36 43.98
CA MET G 52 8.16 25.01 44.93
C MET G 52 8.17 23.52 45.25
N LYS G 53 8.37 22.67 44.25
CA LYS G 53 8.39 21.22 44.50
C LYS G 53 9.54 20.85 45.41
N HIS G 54 10.72 21.45 45.23
CA HIS G 54 11.83 21.19 46.13
C HIS G 54 11.53 21.66 47.54
N ALA G 55 10.97 22.87 47.68
CA ALA G 55 10.60 23.38 49.00
C ALA G 55 9.64 22.42 49.70
N ASP G 56 8.65 21.92 48.96
CA ASP G 56 7.71 20.96 49.55
C ASP G 56 8.45 19.74 50.11
N LYS G 57 9.36 19.15 49.34
CA LYS G 57 10.06 17.98 49.82
C LYS G 57 10.91 18.30 51.06
N LEU G 58 11.53 19.49 51.11
CA LEU G 58 12.31 19.89 52.29
C LEU G 58 11.41 20.04 53.52
N ILE G 59 10.26 20.72 53.36
CA ILE G 59 9.30 20.87 54.45
C ILE G 59 8.88 19.50 54.96
N GLU G 60 8.54 18.59 54.06
CA GLU G 60 8.12 17.25 54.45
C GLU G 60 9.22 16.52 55.20
N ARG G 61 10.47 16.61 54.73
CA ARG G 61 11.58 15.94 55.41
C ARG G 61 11.82 16.53 56.80
N ILE G 62 11.80 17.86 56.92
CA ILE G 62 11.98 18.51 58.22
C ILE G 62 10.93 18.03 59.21
N LEU G 63 9.67 17.99 58.80
CA LEU G 63 8.63 17.54 59.72
C LEU G 63 8.81 16.08 60.12
N PHE G 64 9.17 15.21 59.16
CA PHE G 64 9.42 13.81 59.50
C PHE G 64 10.51 13.70 60.56
N LEU G 65 11.56 14.51 60.43
CA LEU G 65 12.68 14.56 61.38
C LEU G 65 12.37 15.34 62.64
N GLU G 66 11.11 15.73 62.83
CA GLU G 66 10.63 16.36 64.07
C GLU G 66 11.23 17.75 64.29
N GLY G 67 11.54 18.44 63.20
CA GLY G 67 11.91 19.84 63.24
C GLY G 67 10.78 20.78 62.81
N LEU G 68 11.05 22.07 62.93
CA LEU G 68 10.12 23.13 62.59
C LEU G 68 10.53 23.79 61.28
N PRO G 69 9.81 23.57 60.19
CA PRO G 69 10.13 24.27 58.94
C PRO G 69 9.92 25.78 59.11
N ASN G 70 10.91 26.54 58.65
CA ASN G 70 10.91 28.00 58.72
C ASN G 70 10.51 28.57 57.36
N LEU G 71 9.26 28.99 57.23
CA LEU G 71 8.79 29.71 56.05
C LEU G 71 8.65 31.19 56.31
N GLN G 72 9.15 31.68 57.44
CA GLN G 72 8.93 33.06 57.86
C GLN G 72 10.02 34.01 57.40
N ASP G 73 11.26 33.52 57.44
N ASP G 73 11.28 33.57 57.24
CA ASP G 73 12.42 34.31 57.08
CA ASP G 73 12.42 34.53 57.19
C ASP G 73 12.53 34.26 55.57
C ASP G 73 13.02 34.69 55.78
N LEU G 74 12.28 35.38 54.92
CA LEU G 74 12.56 35.50 53.49
C LEU G 74 13.77 36.43 53.29
N GLY G 75 14.81 35.90 52.65
CA GLY G 75 15.99 36.68 52.34
C GLY G 75 15.80 37.55 51.09
N LYS G 76 16.92 38.12 50.63
CA LYS G 76 16.87 39.19 49.63
C LYS G 76 16.62 38.65 48.22
N LEU G 77 15.55 39.15 47.61
CA LEU G 77 15.27 38.84 46.21
C LEU G 77 16.20 39.67 45.33
N LEU G 78 16.76 39.04 44.30
CA LEU G 78 17.66 39.71 43.35
C LEU G 78 16.86 39.95 42.09
N ILE G 79 16.28 41.15 41.96
CA ILE G 79 15.36 41.48 40.88
C ILE G 79 16.10 42.33 39.84
N GLY G 80 16.16 41.86 38.62
CA GLY G 80 16.75 42.66 37.56
C GLY G 80 15.79 43.72 36.98
N GLU G 81 16.36 44.63 36.19
CA GLU G 81 15.59 45.65 35.50
C GLU G 81 15.45 45.42 34.01
N ASN G 82 16.22 44.49 33.44
CA ASN G 82 16.11 44.11 32.05
C ASN G 82 16.51 42.65 31.95
N THR G 83 16.36 42.07 30.75
CA THR G 83 16.50 40.62 30.60
C THR G 83 17.89 40.16 31.00
N GLN G 84 18.93 40.83 30.53
CA GLN G 84 20.31 40.47 30.85
CA GLN G 84 20.28 40.42 30.84
C GLN G 84 20.53 40.43 32.35
N GLU G 85 20.09 41.47 33.05
CA GLU G 85 20.28 41.55 34.49
C GLU G 85 19.46 40.48 35.21
N MET G 86 18.24 40.24 34.76
CA MET G 86 17.40 39.25 35.43
C MET G 86 18.00 37.85 35.33
N LEU G 87 18.50 37.48 34.15
CA LEU G 87 19.16 36.19 34.01
C LEU G 87 20.39 36.10 34.91
N GLN G 88 21.20 37.17 34.96
CA GLN G 88 22.38 37.15 35.82
C GLN G 88 22.00 37.09 37.30
N CYS G 89 20.91 37.75 37.70
CA CYS G 89 20.43 37.66 39.08
C CYS G 89 20.02 36.24 39.42
N ASP G 90 19.29 35.57 38.54
CA ASP G 90 18.95 34.16 38.76
C ASP G 90 20.22 33.32 38.90
N LEU G 91 21.23 33.55 38.04
CA LEU G 91 22.47 32.79 38.10
C LEU G 91 23.21 33.04 39.41
N ASN G 92 23.30 34.30 39.83
CA ASN G 92 23.95 34.59 41.11
C ASN G 92 23.27 33.85 42.26
N LEU G 93 21.94 33.82 42.25
CA LEU G 93 21.22 33.12 43.31
C LEU G 93 21.50 31.61 43.27
N GLU G 94 21.49 31.01 42.06
CA GLU G 94 21.70 29.56 41.93
C GLU G 94 23.09 29.15 42.40
N LEU G 95 24.09 30.01 42.18
CA LEU G 95 25.45 29.67 42.61
C LEU G 95 25.57 29.65 44.13
N LYS G 96 24.86 30.56 44.82
CA LYS G 96 24.80 30.50 46.28
C LYS G 96 24.03 29.23 46.75
N ALA G 97 22.98 28.88 46.03
CA ALA G 97 22.17 27.72 46.39
C ALA G 97 22.99 26.44 46.31
N THR G 98 23.82 26.29 45.27
CA THR G 98 24.59 25.06 45.14
C THR G 98 25.69 24.99 46.19
N LYS G 99 26.31 26.12 46.52
CA LYS G 99 27.29 26.15 47.61
C LYS G 99 26.67 25.61 48.89
N ASP G 100 25.47 26.07 49.22
CA ASP G 100 24.82 25.62 50.45
C ASP G 100 24.41 24.15 50.37
N LEU G 101 23.94 23.69 49.21
CA LEU G 101 23.57 22.28 49.06
C LEU G 101 24.77 21.39 49.28
N ARG G 102 25.92 21.76 48.72
CA ARG G 102 27.11 20.92 48.89
C ARG G 102 27.52 20.85 50.37
N GLU G 103 27.48 21.98 51.09
CA GLU G 103 27.84 21.96 52.51
C GLU G 103 26.86 21.11 53.31
N ALA G 104 25.58 21.16 52.95
CA ALA G 104 24.60 20.35 53.66
C ALA G 104 24.81 18.86 53.41
N ILE G 105 25.15 18.47 52.17
CA ILE G 105 25.41 17.08 51.88
C ILE G 105 26.59 16.57 52.71
N VAL G 106 27.68 17.35 52.81
CA VAL G 106 28.83 16.98 53.63
C VAL G 106 28.38 16.62 55.03
N HIS G 107 27.53 17.46 55.63
CA HIS G 107 27.11 17.21 57.00
C HIS G 107 26.21 15.98 57.11
N CYS G 108 25.30 15.79 56.15
CA CYS G 108 24.44 14.61 56.20
C CYS G 108 25.27 13.33 56.14
N GLU G 109 26.31 13.33 55.30
CA GLU G 109 27.19 12.18 55.20
C GLU G 109 27.88 11.92 56.53
N GLN G 110 28.36 12.99 57.19
CA GLN G 110 29.10 12.83 58.44
C GLN G 110 28.25 12.18 59.53
N VAL G 111 26.95 12.49 59.58
CA VAL G 111 26.08 11.97 60.62
C VAL G 111 25.23 10.79 60.14
N HIS G 112 25.50 10.28 58.94
CA HIS G 112 24.88 9.06 58.43
C HIS G 112 23.41 9.26 58.05
N ASP G 113 23.01 10.50 57.76
CA ASP G 113 21.64 10.77 57.27
C ASP G 113 21.66 10.66 55.74
N TYR G 114 21.73 9.40 55.30
CA TYR G 114 21.89 9.10 53.88
C TYR G 114 20.63 9.41 53.08
N VAL G 115 19.46 9.37 53.71
CA VAL G 115 18.23 9.69 52.99
C VAL G 115 18.13 11.19 52.75
N SER G 116 18.44 12.01 53.76
CA SER G 116 18.50 13.46 53.54
C SER G 116 19.55 13.80 52.49
N ARG G 117 20.70 13.13 52.52
CA ARG G 117 21.71 13.35 51.46
C ARG G 117 21.13 13.09 50.08
N ASP G 118 20.41 11.98 49.90
CA ASP G 118 19.87 11.64 48.60
C ASP G 118 18.88 12.70 48.11
N LEU G 119 18.03 13.20 49.02
CA LEU G 119 17.10 14.28 48.68
C LEU G 119 17.87 15.52 48.19
N LEU G 120 18.90 15.91 48.94
CA LEU G 120 19.68 17.09 48.58
C LEU G 120 20.42 16.89 47.25
N LYS G 121 20.94 15.68 47.00
CA LYS G 121 21.58 15.39 45.71
C LYS G 121 20.62 15.58 44.55
N ASP G 122 19.36 15.12 44.72
CA ASP G 122 18.38 15.30 43.66
C ASP G 122 18.09 16.79 43.44
N ILE G 123 17.96 17.55 44.52
CA ILE G 123 17.76 18.99 44.39
C ILE G 123 18.96 19.62 43.69
N LEU G 124 20.18 19.23 44.07
CA LEU G 124 21.37 19.78 43.44
C LEU G 124 21.42 19.49 41.93
N GLU G 125 20.97 18.31 41.52
CA GLU G 125 20.91 18.00 40.09
C GLU G 125 19.99 18.98 39.38
N SER G 126 18.84 19.28 39.98
N SER G 126 18.82 19.27 39.97
CA SER G 126 17.91 20.24 39.38
CA SER G 126 17.92 20.25 39.37
C SER G 126 18.51 21.63 39.33
C SER G 126 18.56 21.62 39.31
N GLU G 127 19.20 22.04 40.39
CA GLU G 127 19.83 23.37 40.40
C GLU G 127 20.95 23.48 39.35
N GLU G 128 21.75 22.42 39.17
CA GLU G 128 22.77 22.46 38.11
C GLU G 128 22.15 22.51 36.72
N GLU G 129 21.00 21.86 36.52
CA GLU G 129 20.28 22.01 35.25
C GLU G 129 19.86 23.46 35.05
N HIS G 130 19.47 24.15 36.11
N HIS G 130 19.38 24.13 36.11
CA HIS G 130 19.06 25.53 35.97
CA HIS G 130 19.05 25.55 36.02
C HIS G 130 20.25 26.44 35.69
C HIS G 130 20.28 26.35 35.61
N ILE G 131 21.41 26.12 36.28
CA ILE G 131 22.64 26.83 35.94
C ILE G 131 22.98 26.66 34.47
N ASP G 132 22.91 25.41 33.96
CA ASP G 132 23.16 25.15 32.54
C ASP G 132 22.25 26.01 31.66
N TYR G 133 20.94 26.04 31.96
CA TYR G 133 20.02 26.89 31.21
C TYR G 133 20.45 28.35 31.23
N LEU G 134 20.77 28.88 32.42
CA LEU G 134 21.09 30.30 32.55
C LEU G 134 22.38 30.65 31.80
N GLU G 135 23.43 29.86 32.00
CA GLU G 135 24.69 30.11 31.27
C GLU G 135 24.45 30.04 29.77
N THR G 136 23.64 29.10 29.32
CA THR G 136 23.34 28.98 27.90
C THR G 136 22.63 30.22 27.38
N GLN G 137 21.65 30.74 28.12
CA GLN G 137 20.95 31.95 27.67
C GLN G 137 21.89 33.13 27.58
N LEU G 138 22.72 33.33 28.60
CA LEU G 138 23.68 34.43 28.57
C LEU G 138 24.65 34.29 27.39
N GLY G 139 25.08 33.06 27.09
CA GLY G 139 25.93 32.83 25.94
C GLY G 139 25.23 33.11 24.62
N LEU G 140 23.94 32.76 24.53
CA LEU G 140 23.20 33.02 23.28
C LEU G 140 23.05 34.51 23.03
N ILE G 141 22.83 35.31 24.08
CA ILE G 141 22.77 36.76 23.90
C ILE G 141 24.03 37.24 23.20
N GLN G 142 25.18 36.70 23.58
CA GLN G 142 26.43 37.10 22.93
C GLN G 142 26.52 36.60 21.49
N LYS G 143 26.05 35.38 21.23
CA LYS G 143 26.24 34.76 19.92
C LYS G 143 25.26 35.28 18.88
N VAL G 144 24.00 35.54 19.27
CA VAL G 144 22.98 35.95 18.31
C VAL G 144 22.65 37.43 18.41
N GLY G 145 23.14 38.13 19.44
CA GLY G 145 22.82 39.51 19.71
C GLY G 145 21.56 39.64 20.54
N LEU G 146 21.51 40.72 21.34
CA LEU G 146 20.38 40.90 22.25
C LEU G 146 19.04 41.01 21.52
N GLU G 147 18.99 41.79 20.43
CA GLU G 147 17.70 41.99 19.76
C GLU G 147 17.15 40.68 19.19
N ASN G 148 18.01 39.87 18.57
CA ASN G 148 17.59 38.55 18.11
C ASN G 148 17.21 37.65 19.28
N TYR G 149 18.01 37.67 20.35
CA TYR G 149 17.70 36.80 21.48
C TYR G 149 16.30 37.11 22.01
N LEU G 150 15.99 38.40 22.19
CA LEU G 150 14.67 38.77 22.67
C LEU G 150 13.58 38.43 21.67
N GLN G 151 13.84 38.66 20.37
CA GLN G 151 12.87 38.29 19.36
C GLN G 151 12.48 36.81 19.45
N SER G 152 13.46 35.93 19.67
CA SER G 152 13.25 34.50 19.75
C SER G 152 12.50 34.09 21.01
N HIS G 153 12.28 35.03 21.93
CA HIS G 153 11.57 34.76 23.18
C HIS G 153 10.24 35.50 23.29
N MET G 154 9.75 36.08 22.20
CA MET G 154 8.45 36.73 22.21
CA MET G 154 8.45 36.74 22.21
C MET G 154 7.32 35.73 22.25
N HIS G 155 7.37 34.72 21.37
CA HIS G 155 6.28 33.77 21.20
C HIS G 155 6.64 32.45 21.89
N GLU G 156 5.66 31.88 22.57
CA GLU G 156 5.87 30.60 23.26
C GLU G 156 6.09 29.47 22.26
N MET H 1 -12.81 -32.37 -25.32
CA MET H 1 -11.92 -33.56 -25.27
C MET H 1 -12.80 -34.77 -25.56
N LYS H 2 -12.51 -35.53 -26.62
CA LYS H 2 -13.44 -36.56 -27.08
C LYS H 2 -13.51 -37.71 -26.06
N GLY H 3 -14.69 -37.91 -25.48
CA GLY H 3 -14.88 -38.98 -24.54
C GLY H 3 -15.31 -40.30 -25.18
N ASP H 4 -15.28 -41.35 -24.36
CA ASP H 4 -15.74 -42.68 -24.74
C ASP H 4 -17.26 -42.66 -24.96
N LYS H 5 -17.72 -43.21 -26.07
CA LYS H 5 -19.14 -43.13 -26.40
C LYS H 5 -19.99 -43.79 -25.33
N LYS H 6 -19.54 -44.95 -24.82
CA LYS H 6 -20.32 -45.66 -23.82
C LYS H 6 -20.30 -44.93 -22.47
N VAL H 7 -19.18 -44.32 -22.11
CA VAL H 7 -19.18 -43.45 -20.92
C VAL H 7 -20.28 -42.40 -21.05
N ILE H 8 -20.34 -41.71 -22.19
CA ILE H 8 -21.31 -40.64 -22.38
C ILE H 8 -22.74 -41.18 -22.29
N GLN H 9 -22.99 -42.38 -22.83
CA GLN H 9 -24.31 -42.99 -22.70
C GLN H 9 -24.63 -43.26 -21.24
N HIS H 10 -23.66 -43.76 -20.47
CA HIS H 10 -23.86 -43.96 -19.03
C HIS H 10 -24.13 -42.64 -18.31
N LEU H 11 -23.37 -41.60 -18.63
CA LEU H 11 -23.61 -40.31 -17.99
C LEU H 11 -25.01 -39.79 -18.29
N ASN H 12 -25.48 -39.97 -19.53
CA ASN H 12 -26.84 -39.56 -19.88
C ASN H 12 -27.88 -40.39 -19.17
N LYS H 13 -27.60 -41.69 -18.94
CA LYS H 13 -28.53 -42.51 -18.17
C LYS H 13 -28.63 -42.03 -16.73
N ILE H 14 -27.48 -41.77 -16.09
N ILE H 14 -27.50 -41.70 -16.11
CA ILE H 14 -27.48 -41.21 -14.74
CA ILE H 14 -27.53 -41.21 -14.73
C ILE H 14 -28.25 -39.89 -14.73
C ILE H 14 -28.17 -39.83 -14.67
N LEU H 15 -27.92 -38.99 -15.68
CA LEU H 15 -28.62 -37.71 -15.75
C LEU H 15 -30.13 -37.91 -15.81
N GLY H 16 -30.59 -38.88 -16.61
CA GLY H 16 -32.01 -39.15 -16.69
C GLY H 16 -32.59 -39.52 -15.34
N ASN H 17 -31.87 -40.36 -14.56
CA ASN H 17 -32.32 -40.71 -13.22
C ASN H 17 -32.42 -39.48 -12.33
N GLU H 18 -31.41 -38.60 -12.40
N GLU H 18 -31.46 -38.58 -12.44
CA GLU H 18 -31.43 -37.37 -11.60
CA GLU H 18 -31.48 -37.40 -11.60
C GLU H 18 -32.64 -36.51 -11.97
C GLU H 18 -32.59 -36.43 -11.99
N LEU H 19 -32.95 -36.40 -13.27
CA LEU H 19 -34.07 -35.55 -13.68
C LEU H 19 -35.39 -36.07 -13.13
N ILE H 20 -35.60 -37.40 -13.08
CA ILE H 20 -36.78 -37.95 -12.42
C ILE H 20 -36.82 -37.51 -10.96
N ALA H 21 -35.70 -37.70 -10.26
CA ALA H 21 -35.65 -37.40 -8.82
C ALA H 21 -35.89 -35.92 -8.53
N ILE H 22 -35.34 -35.01 -9.35
CA ILE H 22 -35.57 -33.59 -9.14
C ILE H 22 -37.06 -33.30 -9.06
N ASN H 23 -37.82 -33.79 -10.05
CA ASN H 23 -39.24 -33.48 -10.14
C ASN H 23 -40.04 -34.21 -9.09
N GLN H 24 -39.70 -35.47 -8.83
CA GLN H 24 -40.41 -36.24 -7.81
C GLN H 24 -40.22 -35.61 -6.44
N TYR H 25 -38.98 -35.24 -6.09
CA TYR H 25 -38.74 -34.62 -4.80
C TYR H 25 -39.38 -33.25 -4.71
N PHE H 26 -39.37 -32.48 -5.80
CA PHE H 26 -39.97 -31.15 -5.76
C PHE H 26 -41.47 -31.25 -5.51
N LEU H 27 -42.14 -32.14 -6.24
CA LEU H 27 -43.57 -32.32 -6.03
C LEU H 27 -43.85 -32.82 -4.62
N HIS H 28 -43.11 -33.82 -4.16
CA HIS H 28 -43.32 -34.31 -2.79
C HIS H 28 -43.15 -33.17 -1.77
N SER H 29 -42.12 -32.33 -1.96
CA SER H 29 -41.92 -31.20 -1.06
C SER H 29 -43.14 -30.30 -1.00
N ARG H 30 -43.66 -29.92 -2.16
CA ARG H 30 -44.80 -29.00 -2.21
C ARG H 30 -46.07 -29.64 -1.69
N MET H 31 -46.24 -30.96 -1.87
CA MET H 31 -47.36 -31.67 -1.23
C MET H 31 -47.27 -31.59 0.29
N TRP H 32 -46.11 -31.91 0.85
CA TRP H 32 -45.95 -31.80 2.29
C TRP H 32 -46.19 -30.39 2.80
N ASN H 33 -45.71 -29.37 2.07
CA ASN H 33 -45.98 -28.00 2.51
C ASN H 33 -47.48 -27.68 2.49
N ASP H 34 -48.18 -28.13 1.45
CA ASP H 34 -49.63 -27.90 1.36
C ASP H 34 -50.35 -28.51 2.56
N TRP H 35 -49.88 -29.67 3.03
CA TRP H 35 -50.49 -30.36 4.16
C TRP H 35 -50.05 -29.80 5.51
N GLY H 36 -49.13 -28.85 5.54
CA GLY H 36 -48.67 -28.30 6.79
C GLY H 36 -47.54 -29.06 7.45
N LEU H 37 -46.91 -29.98 6.71
CA LEU H 37 -45.78 -30.75 7.21
C LEU H 37 -44.48 -30.09 6.72
N LYS H 38 -44.24 -28.89 7.27
CA LYS H 38 -43.25 -27.99 6.70
C LYS H 38 -41.82 -28.47 6.89
N ARG H 39 -41.54 -29.25 7.94
CA ARG H 39 -40.19 -29.79 8.09
C ARG H 39 -39.88 -30.81 7.01
N LEU H 40 -40.83 -31.70 6.71
CA LEU H 40 -40.66 -32.62 5.57
C LEU H 40 -40.56 -31.85 4.27
N GLY H 41 -41.41 -30.84 4.10
CA GLY H 41 -41.37 -30.06 2.87
C GLY H 41 -40.02 -29.41 2.64
N ALA H 42 -39.44 -28.84 3.69
CA ALA H 42 -38.14 -28.17 3.54
C ALA H 42 -37.03 -29.17 3.28
N HIS H 43 -37.03 -30.31 3.98
CA HIS H 43 -35.99 -31.30 3.75
C HIS H 43 -36.05 -31.85 2.33
N GLU H 44 -37.26 -32.14 1.85
CA GLU H 44 -37.43 -32.69 0.52
C GLU H 44 -37.07 -31.67 -0.56
N TYR H 45 -37.36 -30.40 -0.33
CA TYR H 45 -36.88 -29.34 -1.22
C TYR H 45 -35.36 -29.38 -1.34
N HIS H 46 -34.67 -29.49 -0.20
CA HIS H 46 -33.22 -29.55 -0.26
C HIS H 46 -32.74 -30.80 -1.00
N GLU H 47 -33.45 -31.92 -0.88
CA GLU H 47 -33.07 -33.10 -1.68
C GLU H 47 -33.21 -32.81 -3.18
N SER H 48 -34.26 -32.11 -3.59
CA SER H 48 -34.43 -31.77 -5.00
C SER H 48 -33.28 -30.89 -5.49
N ILE H 49 -32.94 -29.85 -4.73
CA ILE H 49 -31.83 -28.95 -5.08
C ILE H 49 -30.53 -29.73 -5.19
N ASP H 50 -30.28 -30.66 -4.26
CA ASP H 50 -29.04 -31.41 -4.32
CA ASP H 50 -29.02 -31.39 -4.34
C ASP H 50 -28.97 -32.26 -5.58
N GLU H 51 -30.10 -32.84 -6.00
CA GLU H 51 -30.12 -33.59 -7.25
C GLU H 51 -29.86 -32.65 -8.45
N MET H 52 -30.37 -31.42 -8.40
CA MET H 52 -30.08 -30.45 -9.46
C MET H 52 -28.58 -30.22 -9.58
N LYS H 53 -27.88 -30.15 -8.45
CA LYS H 53 -26.44 -29.92 -8.49
C LYS H 53 -25.71 -31.09 -9.14
N HIS H 54 -26.16 -32.33 -8.88
CA HIS H 54 -25.55 -33.49 -9.54
C HIS H 54 -25.85 -33.46 -11.03
N ALA H 55 -27.09 -33.13 -11.39
CA ALA H 55 -27.44 -33.06 -12.81
C ALA H 55 -26.58 -32.04 -13.54
N ASP H 56 -26.36 -30.88 -12.92
CA ASP H 56 -25.49 -29.85 -13.50
C ASP H 56 -24.09 -30.42 -13.78
N LYS H 57 -23.51 -31.11 -12.80
CA LYS H 57 -22.16 -31.63 -13.01
C LYS H 57 -22.13 -32.66 -14.13
N LEU H 58 -23.16 -33.50 -14.23
CA LEU H 58 -23.24 -34.46 -15.32
C LEU H 58 -23.33 -33.76 -16.68
N ILE H 59 -24.20 -32.74 -16.78
CA ILE H 59 -24.36 -31.99 -18.03
C ILE H 59 -23.02 -31.38 -18.44
N GLU H 60 -22.34 -30.76 -17.48
CA GLU H 60 -21.06 -30.12 -17.73
C GLU H 60 -20.03 -31.15 -18.21
N ARG H 61 -20.00 -32.33 -17.57
CA ARG H 61 -19.03 -33.36 -17.97
C ARG H 61 -19.33 -33.89 -19.37
N ILE H 62 -20.61 -34.13 -19.67
CA ILE H 62 -21.00 -34.61 -21.01
C ILE H 62 -20.55 -33.62 -22.08
N LEU H 63 -20.78 -32.32 -21.85
CA LEU H 63 -20.39 -31.31 -22.83
C LEU H 63 -18.87 -31.25 -22.99
N PHE H 64 -18.12 -31.35 -21.88
CA PHE H 64 -16.67 -31.36 -21.98
C PHE H 64 -16.19 -32.54 -22.84
N LEU H 65 -16.82 -33.69 -22.67
CA LEU H 65 -16.51 -34.90 -23.42
C LEU H 65 -17.09 -34.90 -24.84
N GLU H 66 -17.68 -33.78 -25.26
CA GLU H 66 -18.16 -33.58 -26.63
C GLU H 66 -19.38 -34.45 -26.96
N GLY H 67 -20.17 -34.76 -25.93
CA GLY H 67 -21.45 -35.40 -26.11
C GLY H 67 -22.61 -34.42 -25.99
N LEU H 68 -23.81 -34.96 -26.19
CA LEU H 68 -25.04 -34.19 -26.16
C LEU H 68 -25.83 -34.55 -24.91
N PRO H 69 -25.94 -33.67 -23.92
CA PRO H 69 -26.79 -33.96 -22.76
C PRO H 69 -28.25 -34.11 -23.16
N ASN H 70 -28.90 -35.14 -22.62
CA ASN H 70 -30.30 -35.43 -22.90
C ASN H 70 -31.14 -34.98 -21.72
N LEU H 71 -31.75 -33.81 -21.85
CA LEU H 71 -32.73 -33.32 -20.88
C LEU H 71 -34.16 -33.50 -21.37
N GLN H 72 -34.37 -34.22 -22.47
CA GLN H 72 -35.68 -34.34 -23.08
C GLN H 72 -36.48 -35.53 -22.58
N ASP H 73 -35.80 -36.64 -22.37
N ASP H 73 -35.88 -36.66 -22.21
CA ASP H 73 -36.43 -37.87 -21.92
CA ASP H 73 -36.63 -37.92 -22.08
C ASP H 73 -36.62 -37.75 -20.43
C ASP H 73 -36.88 -38.34 -20.63
N LEU H 74 -37.87 -37.70 -20.00
CA LEU H 74 -38.17 -37.82 -18.59
C LEU H 74 -38.89 -39.14 -18.31
N GLY H 75 -38.32 -39.95 -17.42
CA GLY H 75 -38.92 -41.21 -17.05
C GLY H 75 -40.02 -41.06 -16.00
N LYS H 76 -40.46 -42.21 -15.47
CA LYS H 76 -41.67 -42.26 -14.65
C LYS H 76 -41.44 -41.71 -13.25
N LEU H 77 -42.19 -40.67 -12.88
CA LEU H 77 -42.16 -40.18 -11.53
C LEU H 77 -42.96 -41.13 -10.65
N LEU H 78 -42.43 -41.40 -9.44
CA LEU H 78 -43.06 -42.28 -8.47
C LEU H 78 -43.65 -41.37 -7.38
N ILE H 79 -44.94 -41.05 -7.49
CA ILE H 79 -45.57 -40.05 -6.65
C ILE H 79 -46.44 -40.78 -5.63
N GLY H 80 -46.16 -40.58 -4.35
CA GLY H 80 -47.02 -41.14 -3.32
C GLY H 80 -48.29 -40.34 -3.05
N GLU H 81 -49.20 -40.94 -2.28
CA GLU H 81 -50.45 -40.27 -1.86
C GLU H 81 -50.48 -39.93 -0.38
N ASN H 82 -49.53 -40.44 0.41
CA ASN H 82 -49.41 -40.10 1.82
C ASN H 82 -47.93 -40.18 2.16
N THR H 83 -47.60 -39.74 3.38
CA THR H 83 -46.21 -39.62 3.79
C THR H 83 -45.46 -40.94 3.67
N GLN H 84 -46.03 -42.04 4.18
CA GLN H 84 -45.34 -43.33 4.13
C GLN H 84 -45.06 -43.74 2.69
N GLU H 85 -46.04 -43.57 1.81
CA GLU H 85 -45.86 -43.95 0.41
C GLU H 85 -44.83 -43.08 -0.28
N MET H 86 -44.83 -41.77 0.02
CA MET H 86 -43.91 -40.84 -0.62
C MET H 86 -42.47 -41.18 -0.25
N LEU H 87 -42.22 -41.45 1.03
CA LEU H 87 -40.87 -41.85 1.44
C LEU H 87 -40.43 -43.14 0.75
N GLN H 88 -41.34 -44.12 0.69
CA GLN H 88 -40.99 -45.39 0.04
C GLN H 88 -40.75 -45.21 -1.46
N CYS H 89 -41.54 -44.35 -2.13
CA CYS H 89 -41.30 -44.04 -3.53
C CYS H 89 -39.93 -43.42 -3.74
N ASP H 90 -39.53 -42.49 -2.87
CA ASP H 90 -38.19 -41.91 -2.96
C ASP H 90 -37.13 -43.00 -2.79
N LEU H 91 -37.33 -43.91 -1.83
CA LEU H 91 -36.38 -44.98 -1.60
C LEU H 91 -36.29 -45.92 -2.79
N ASN H 92 -37.44 -46.27 -3.37
CA ASN H 92 -37.43 -47.14 -4.55
C ASN H 92 -36.62 -46.51 -5.69
N LEU H 93 -36.80 -45.21 -5.90
CA LEU H 93 -36.05 -44.53 -6.95
C LEU H 93 -34.56 -44.53 -6.64
N GLU H 94 -34.18 -44.25 -5.39
CA GLU H 94 -32.76 -44.15 -5.04
C GLU H 94 -32.05 -45.48 -5.20
N LEU H 95 -32.74 -46.59 -4.95
CA LEU H 95 -32.11 -47.89 -5.11
C LEU H 95 -31.85 -48.22 -6.58
N LYS H 96 -32.72 -47.79 -7.49
CA LYS H 96 -32.43 -47.94 -8.92
C LYS H 96 -31.27 -47.02 -9.32
N ALA H 97 -31.24 -45.81 -8.78
CA ALA H 97 -30.16 -44.88 -9.09
C ALA H 97 -28.80 -45.44 -8.72
N THR H 98 -28.68 -46.08 -7.54
CA THR H 98 -27.37 -46.59 -7.13
C THR H 98 -26.93 -47.78 -8.00
N LYS H 99 -27.86 -48.64 -8.39
CA LYS H 99 -27.50 -49.72 -9.30
C LYS H 99 -26.88 -49.18 -10.58
N ASP H 100 -27.50 -48.15 -11.19
CA ASP H 100 -26.98 -47.58 -12.41
C ASP H 100 -25.63 -46.89 -12.20
N LEU H 101 -25.45 -46.19 -11.07
CA LEU H 101 -24.16 -45.56 -10.76
C LEU H 101 -23.04 -46.60 -10.68
N ARG H 102 -23.31 -47.74 -10.02
CA ARG H 102 -22.27 -48.76 -9.91
C ARG H 102 -21.88 -49.32 -11.28
N GLU H 103 -22.86 -49.58 -12.15
CA GLU H 103 -22.55 -50.07 -13.48
C GLU H 103 -21.77 -49.05 -14.30
N ALA H 104 -22.10 -47.76 -14.15
CA ALA H 104 -21.37 -46.73 -14.87
C ALA H 104 -19.92 -46.64 -14.37
N ILE H 105 -19.70 -46.76 -13.06
CA ILE H 105 -18.35 -46.73 -12.51
C ILE H 105 -17.51 -47.87 -13.06
N VAL H 106 -18.07 -49.09 -13.11
CA VAL H 106 -17.36 -50.23 -13.70
C VAL H 106 -16.86 -49.88 -15.08
N HIS H 107 -17.73 -49.32 -15.92
CA HIS H 107 -17.32 -49.03 -17.28
C HIS H 107 -16.28 -47.91 -17.34
N CYS H 108 -16.43 -46.87 -16.53
CA CYS H 108 -15.42 -45.81 -16.53
C CYS H 108 -14.05 -46.36 -16.16
N GLU H 109 -14.00 -47.25 -15.17
CA GLU H 109 -12.73 -47.86 -14.78
C GLU H 109 -12.14 -48.64 -15.93
N GLN H 110 -12.97 -49.39 -16.65
CA GLN H 110 -12.48 -50.25 -17.72
C GLN H 110 -11.83 -49.46 -18.84
N VAL H 111 -12.37 -48.28 -19.17
CA VAL H 111 -11.82 -47.45 -20.24
C VAL H 111 -10.92 -46.33 -19.73
N HIS H 112 -10.58 -46.35 -18.44
CA HIS H 112 -9.58 -45.45 -17.86
C HIS H 112 -10.06 -44.00 -17.76
N ASP H 113 -11.38 -43.77 -17.70
CA ASP H 113 -11.94 -42.42 -17.52
C ASP H 113 -12.09 -42.21 -16.02
N TYR H 114 -10.96 -41.94 -15.38
CA TYR H 114 -10.89 -41.90 -13.93
C TYR H 114 -11.54 -40.65 -13.37
N VAL H 115 -11.59 -39.56 -14.16
CA VAL H 115 -12.25 -38.34 -13.70
C VAL H 115 -13.76 -38.53 -13.71
N SER H 116 -14.31 -39.15 -14.75
CA SER H 116 -15.75 -39.46 -14.71
C SER H 116 -16.09 -40.41 -13.59
N ARG H 117 -15.23 -41.42 -13.34
CA ARG H 117 -15.45 -42.31 -12.20
C ARG H 117 -15.54 -41.52 -10.91
N ASP H 118 -14.61 -40.58 -10.71
CA ASP H 118 -14.59 -39.82 -9.45
C ASP H 118 -15.86 -38.99 -9.27
N LEU H 119 -16.34 -38.37 -10.35
CA LEU H 119 -17.60 -37.66 -10.30
C LEU H 119 -18.75 -38.57 -9.88
N LEU H 120 -18.83 -39.75 -10.50
CA LEU H 120 -19.91 -40.68 -10.20
C LEU H 120 -19.80 -41.22 -8.78
N LYS H 121 -18.57 -41.42 -8.28
CA LYS H 121 -18.39 -41.84 -6.90
C LYS H 121 -18.93 -40.78 -5.94
N ASP H 122 -18.67 -39.50 -6.24
CA ASP H 122 -19.19 -38.45 -5.37
C ASP H 122 -20.72 -38.43 -5.39
N ILE H 123 -21.31 -38.62 -6.57
CA ILE H 123 -22.77 -38.68 -6.65
C ILE H 123 -23.29 -39.89 -5.87
N LEU H 124 -22.64 -41.05 -6.02
CA LEU H 124 -23.04 -42.24 -5.28
C LEU H 124 -23.00 -42.04 -3.77
N GLU H 125 -21.97 -41.34 -3.27
CA GLU H 125 -21.94 -41.02 -1.84
C GLU H 125 -23.17 -40.23 -1.42
N SER H 126 -23.54 -39.22 -2.22
N SER H 126 -23.54 -39.22 -2.22
CA SER H 126 -24.73 -38.43 -1.90
CA SER H 126 -24.72 -38.43 -1.91
C SER H 126 -25.98 -39.31 -1.94
C SER H 126 -25.98 -39.29 -1.94
N GLU H 127 -26.09 -40.19 -2.93
CA GLU H 127 -27.29 -41.02 -3.02
C GLU H 127 -27.38 -42.01 -1.85
N GLU H 128 -26.24 -42.54 -1.39
CA GLU H 128 -26.26 -43.40 -0.22
C GLU H 128 -26.64 -42.62 1.04
N GLU H 129 -26.23 -41.36 1.15
CA GLU H 129 -26.69 -40.53 2.27
C GLU H 129 -28.20 -40.34 2.22
N HIS H 130 -28.76 -40.21 1.02
CA HIS H 130 -30.20 -40.07 0.91
C HIS H 130 -30.90 -41.37 1.31
N ILE H 131 -30.36 -42.51 0.87
CA ILE H 131 -30.90 -43.81 1.32
C ILE H 131 -30.90 -43.90 2.85
N ASP H 132 -29.79 -43.50 3.49
CA ASP H 132 -29.73 -43.51 4.95
C ASP H 132 -30.86 -42.68 5.54
N TYR H 133 -31.05 -41.46 5.05
CA TYR H 133 -32.13 -40.60 5.53
C TYR H 133 -33.49 -41.29 5.39
N LEU H 134 -33.76 -41.85 4.21
CA LEU H 134 -35.07 -42.43 3.95
C LEU H 134 -35.33 -43.67 4.81
N GLU H 135 -34.34 -44.56 4.90
CA GLU H 135 -34.50 -45.73 5.76
C GLU H 135 -34.71 -45.30 7.20
N THR H 136 -34.01 -44.25 7.63
CA THR H 136 -34.16 -43.74 9.00
C THR H 136 -35.57 -43.21 9.26
N GLN H 137 -36.13 -42.46 8.30
CA GLN H 137 -37.48 -41.94 8.48
C GLN H 137 -38.49 -43.07 8.56
N LEU H 138 -38.38 -44.06 7.67
CA LEU H 138 -39.30 -45.19 7.71
C LEU H 138 -39.20 -45.93 9.03
N GLY H 139 -38.00 -46.06 9.57
CA GLY H 139 -37.83 -46.70 10.85
C GLY H 139 -38.42 -45.88 11.99
N LEU H 140 -38.31 -44.56 11.90
CA LEU H 140 -38.87 -43.71 12.94
C LEU H 140 -40.38 -43.80 12.98
N ILE H 141 -41.03 -43.89 11.82
CA ILE H 141 -42.48 -44.09 11.80
C ILE H 141 -42.85 -45.31 12.63
N GLN H 142 -42.08 -46.40 12.50
CA GLN H 142 -42.35 -47.59 13.31
C GLN H 142 -42.07 -47.36 14.80
N LYS H 143 -41.00 -46.63 15.12
CA LYS H 143 -40.58 -46.50 16.52
C LYS H 143 -41.45 -45.51 17.29
N VAL H 144 -41.83 -44.38 16.68
CA VAL H 144 -42.58 -43.36 17.40
C VAL H 144 -44.06 -43.36 17.06
N GLY H 145 -44.47 -44.10 16.04
CA GLY H 145 -45.83 -44.07 15.54
C GLY H 145 -46.03 -42.98 14.52
N LEU H 146 -46.98 -43.22 13.60
CA LEU H 146 -47.18 -42.29 12.49
C LEU H 146 -47.64 -40.92 12.96
N GLU H 147 -48.58 -40.86 13.91
CA GLU H 147 -49.09 -39.58 14.34
C GLU H 147 -48.01 -38.72 14.97
N ASN H 148 -47.18 -39.31 15.83
CA ASN H 148 -46.05 -38.57 16.40
C ASN H 148 -45.04 -38.19 15.32
N TYR H 149 -44.76 -39.10 14.38
CA TYR H 149 -43.79 -38.78 13.34
C TYR H 149 -44.25 -37.56 12.55
N LEU H 150 -45.53 -37.53 12.18
CA LEU H 150 -46.03 -36.39 11.41
C LEU H 150 -46.04 -35.13 12.28
N GLN H 151 -46.43 -35.26 13.56
CA GLN H 151 -46.38 -34.11 14.46
C GLN H 151 -45.00 -33.48 14.49
N SER H 152 -43.96 -34.30 14.58
CA SER H 152 -42.58 -33.82 14.63
C SER H 152 -42.13 -33.17 13.34
N HIS H 153 -42.92 -33.26 12.26
CA HIS H 153 -42.56 -32.67 10.99
C HIS H 153 -43.48 -31.53 10.58
N MET H 154 -44.31 -31.03 11.50
CA MET H 154 -45.17 -29.89 11.22
CA MET H 154 -45.16 -29.89 11.21
C MET H 154 -44.36 -28.59 11.13
N HIS H 155 -43.54 -28.34 12.13
CA HIS H 155 -42.82 -27.07 12.24
C HIS H 155 -41.37 -27.25 11.82
N GLU H 156 -40.85 -26.27 11.09
CA GLU H 156 -39.45 -26.32 10.68
C GLU H 156 -38.50 -26.09 11.84
N MET I 1 29.52 25.85 33.73
CA MET I 1 29.87 25.92 35.17
C MET I 1 31.29 25.38 35.28
N LYS I 2 32.22 26.09 35.92
CA LYS I 2 33.62 25.67 35.87
C LYS I 2 33.82 24.48 36.80
N GLY I 3 34.15 23.32 36.24
CA GLY I 3 34.37 22.12 37.02
C GLY I 3 35.81 22.01 37.49
N ASP I 4 36.01 21.05 38.39
CA ASP I 4 37.33 20.72 38.90
C ASP I 4 38.18 20.07 37.81
N LYS I 5 39.41 20.56 37.64
CA LYS I 5 40.30 20.06 36.60
C LYS I 5 40.53 18.56 36.71
N LYS I 6 40.76 18.04 37.92
CA LYS I 6 41.00 16.62 38.07
C LYS I 6 39.73 15.81 37.83
N VAL I 7 38.57 16.33 38.22
CA VAL I 7 37.32 15.66 37.84
C VAL I 7 37.25 15.50 36.34
N ILE I 8 37.51 16.59 35.60
CA ILE I 8 37.41 16.52 34.14
C ILE I 8 38.42 15.52 33.61
N GLN I 9 39.63 15.50 34.17
CA GLN I 9 40.60 14.48 33.75
C GLN I 9 40.06 13.08 33.96
N HIS I 10 39.45 12.83 35.13
CA HIS I 10 38.87 11.52 35.42
C HIS I 10 37.74 11.19 34.44
N LEU I 11 36.86 12.15 34.17
CA LEU I 11 35.76 11.89 33.25
C LEU I 11 36.30 11.56 31.86
N ASN I 12 37.37 12.26 31.43
CA ASN I 12 38.00 11.93 30.15
C ASN I 12 38.65 10.55 30.15
N LYS I 13 39.19 10.11 31.29
CA LYS I 13 39.75 8.76 31.39
C LYS I 13 38.65 7.72 31.25
N ILE I 14 37.54 7.91 31.98
N ILE I 14 37.50 7.95 31.89
CA ILE I 14 36.38 7.04 31.84
CA ILE I 14 36.41 6.97 31.79
C ILE I 14 35.93 7.01 30.38
C ILE I 14 35.79 7.01 30.40
N LEU I 15 35.72 8.20 29.81
CA LEU I 15 35.32 8.30 28.40
C LEU I 15 36.23 7.46 27.50
N GLY I 16 37.54 7.57 27.70
CA GLY I 16 38.47 6.77 26.91
C GLY I 16 38.22 5.28 27.05
N ASN I 17 37.95 4.81 28.27
CA ASN I 17 37.62 3.41 28.47
C ASN I 17 36.36 3.02 27.71
N GLU I 18 35.32 3.86 27.78
N GLU I 18 35.36 3.89 27.68
CA GLU I 18 34.08 3.62 27.04
CA GLU I 18 34.12 3.55 27.01
C GLU I 18 34.37 3.50 25.55
C GLU I 18 34.27 3.59 25.50
N LEU I 19 35.19 4.40 24.99
CA LEU I 19 35.46 4.40 23.56
C LEU I 19 36.13 3.11 23.11
N ILE I 20 37.06 2.58 23.91
CA ILE I 20 37.62 1.25 23.61
C ILE I 20 36.51 0.20 23.57
N ALA I 21 35.69 0.17 24.61
CA ALA I 21 34.64 -0.83 24.73
C ALA I 21 33.63 -0.75 23.58
N ILE I 22 33.23 0.46 23.19
CA ILE I 22 32.29 0.61 22.05
C ILE I 22 32.81 -0.14 20.85
N ASN I 23 34.08 0.11 20.50
CA ASN I 23 34.66 -0.49 19.28
C ASN I 23 34.89 -1.99 19.45
N GLN I 24 35.41 -2.41 20.60
CA GLN I 24 35.64 -3.83 20.86
C GLN I 24 34.33 -4.60 20.79
N TYR I 25 33.28 -4.09 21.44
CA TYR I 25 32.01 -4.80 21.44
C TYR I 25 31.41 -4.79 20.04
N PHE I 26 31.51 -3.67 19.32
CA PHE I 26 30.92 -3.65 17.99
C PHE I 26 31.61 -4.66 17.07
N LEU I 27 32.94 -4.72 17.11
CA LEU I 27 33.64 -5.70 16.28
C LEU I 27 33.30 -7.13 16.70
N HIS I 28 33.30 -7.41 18.01
CA HIS I 28 32.92 -8.75 18.46
C HIS I 28 31.52 -9.12 17.98
N SER I 29 30.57 -8.17 18.07
CA SER I 29 29.21 -8.41 17.59
C SER I 29 29.21 -8.85 16.13
N ARG I 30 29.93 -8.10 15.30
CA ARG I 30 29.89 -8.39 13.87
C ARG I 30 30.64 -9.68 13.53
N MET I 31 31.65 -10.03 14.31
CA MET I 31 32.31 -11.33 14.15
C MET I 31 31.34 -12.46 14.46
N TRP I 32 30.64 -12.36 15.58
CA TRP I 32 29.66 -13.38 15.94
C TRP I 32 28.58 -13.50 14.88
N ASN I 33 28.09 -12.36 14.34
CA ASN I 33 27.09 -12.43 13.27
C ASN I 33 27.66 -13.14 12.03
N ASP I 34 28.89 -12.80 11.65
CA ASP I 34 29.51 -13.44 10.48
C ASP I 34 29.59 -14.95 10.66
N TRP I 35 29.81 -15.42 11.89
CA TRP I 35 29.90 -16.84 12.17
C TRP I 35 28.54 -17.50 12.35
N GLY I 36 27.45 -16.75 12.31
CA GLY I 36 26.12 -17.31 12.47
C GLY I 36 25.71 -17.50 13.92
N LEU I 37 26.43 -16.89 14.85
CA LEU I 37 26.07 -16.92 16.27
C LEU I 37 25.28 -15.66 16.58
N LYS I 38 24.06 -15.61 16.04
CA LYS I 38 23.33 -14.36 15.97
C LYS I 38 22.82 -13.90 17.33
N ARG I 39 22.58 -14.82 18.27
CA ARG I 39 22.15 -14.38 19.60
C ARG I 39 23.28 -13.66 20.32
N LEU I 40 24.51 -14.17 20.22
CA LEU I 40 25.66 -13.47 20.76
C LEU I 40 25.89 -12.16 20.04
N GLY I 41 25.75 -12.16 18.72
CA GLY I 41 25.95 -10.93 17.96
C GLY I 41 25.00 -9.84 18.38
N ALA I 42 23.73 -10.18 18.59
CA ALA I 42 22.75 -9.19 18.96
C ALA I 42 22.99 -8.68 20.38
N HIS I 43 23.31 -9.57 21.30
CA HIS I 43 23.56 -9.15 22.66
C HIS I 43 24.75 -8.21 22.73
N GLU I 44 25.81 -8.54 21.99
CA GLU I 44 27.03 -7.74 22.01
C GLU I 44 26.82 -6.39 21.33
N TYR I 45 25.98 -6.33 20.30
CA TYR I 45 25.59 -5.05 19.70
C TYR I 45 24.92 -4.17 20.74
N HIS I 46 24.00 -4.73 21.51
CA HIS I 46 23.33 -3.95 22.54
C HIS I 46 24.33 -3.47 23.60
N GLU I 47 25.34 -4.28 23.93
CA GLU I 47 26.38 -3.82 24.84
C GLU I 47 27.13 -2.63 24.26
N SER I 48 27.45 -2.68 22.97
CA SER I 48 28.12 -1.54 22.32
C SER I 48 27.28 -0.28 22.41
N ILE I 49 25.99 -0.37 22.07
CA ILE I 49 25.08 0.77 22.13
C ILE I 49 24.99 1.32 23.55
N ASP I 50 24.90 0.45 24.56
CA ASP I 50 24.81 0.93 25.93
CA ASP I 50 24.79 0.96 25.91
C ASP I 50 26.05 1.72 26.32
N GLU I 51 27.22 1.26 25.87
CA GLU I 51 28.45 2.01 26.14
C GLU I 51 28.45 3.36 25.44
N MET I 52 27.88 3.42 24.23
CA MET I 52 27.72 4.69 23.53
C MET I 52 26.89 5.65 24.37
N LYS I 53 25.83 5.15 25.01
CA LYS I 53 24.98 6.03 25.82
C LYS I 53 25.77 6.60 27.00
N HIS I 54 26.60 5.77 27.64
CA HIS I 54 27.43 6.28 28.74
C HIS I 54 28.41 7.32 28.24
N ALA I 55 29.08 7.04 27.10
CA ALA I 55 30.02 8.00 26.52
C ALA I 55 29.35 9.34 26.26
N ASP I 56 28.12 9.32 25.73
CA ASP I 56 27.38 10.54 25.47
C ASP I 56 27.20 11.34 26.77
N LYS I 57 26.75 10.66 27.83
CA LYS I 57 26.57 11.37 29.10
C LYS I 57 27.86 11.97 29.61
N LEU I 58 28.98 11.27 29.46
CA LEU I 58 30.26 11.81 29.89
C LEU I 58 30.67 13.03 29.08
N ILE I 59 30.51 12.95 27.76
CA ILE I 59 30.82 14.08 26.89
C ILE I 59 29.99 15.30 27.30
N GLU I 60 28.69 15.10 27.51
CA GLU I 60 27.81 16.19 27.90
C GLU I 60 28.23 16.80 29.23
N ARG I 61 28.59 15.95 30.20
CA ARG I 61 29.00 16.46 31.51
C ARG I 61 30.30 17.24 31.42
N ILE I 62 31.26 16.72 30.66
CA ILE I 62 32.54 17.42 30.48
C ILE I 62 32.31 18.81 29.90
N LEU I 63 31.47 18.91 28.87
CA LEU I 63 31.20 20.22 28.25
C LEU I 63 30.51 21.17 29.22
N PHE I 64 29.54 20.67 29.98
CA PHE I 64 28.88 21.51 30.98
C PHE I 64 29.89 22.07 31.96
N LEU I 65 30.85 21.24 32.39
CA LEU I 65 31.92 21.62 33.31
C LEU I 65 33.03 22.43 32.63
N GLU I 66 32.85 22.80 31.37
CA GLU I 66 33.77 23.69 30.65
C GLU I 66 35.11 23.03 30.36
N GLY I 67 35.11 21.70 30.23
CA GLY I 67 36.28 20.98 29.79
C GLY I 67 36.19 20.57 28.32
N LEU I 68 37.27 19.98 27.82
CA LEU I 68 37.37 19.51 26.45
C LEU I 68 37.25 17.99 26.39
N PRO I 69 36.15 17.42 25.88
CA PRO I 69 36.08 15.96 25.74
C PRO I 69 37.14 15.46 24.77
N ASN I 70 37.80 14.38 25.15
CA ASN I 70 38.84 13.77 24.34
C ASN I 70 38.31 12.50 23.68
N LEU I 71 37.97 12.62 22.39
CA LEU I 71 37.57 11.48 21.57
C LEU I 71 38.68 11.08 20.61
N GLN I 72 39.88 11.63 20.77
CA GLN I 72 40.97 11.38 19.85
C GLN I 72 41.85 10.20 20.23
N ASP I 73 42.10 10.06 21.53
N ASP I 73 42.04 9.88 21.52
CA ASP I 73 42.95 9.01 22.04
CA ASP I 73 43.15 9.02 21.96
C ASP I 73 42.10 7.76 22.14
C ASP I 73 42.67 7.61 22.34
N LEU I 74 42.43 6.77 21.33
CA LEU I 74 41.82 5.46 21.47
C LEU I 74 42.86 4.45 21.93
N GLY I 75 42.60 3.81 23.07
CA GLY I 75 43.48 2.79 23.60
C GLY I 75 43.30 1.43 22.94
N LYS I 76 43.95 0.42 23.53
CA LYS I 76 44.11 -0.87 22.89
C LYS I 76 42.83 -1.69 22.96
N LEU I 77 42.30 -2.05 21.79
CA LEU I 77 41.18 -3.00 21.71
C LEU I 77 41.68 -4.41 21.98
N LEU I 78 40.91 -5.16 22.76
CA LEU I 78 41.22 -6.56 23.09
C LEU I 78 40.27 -7.44 22.27
N ILE I 79 40.77 -7.94 21.14
CA ILE I 79 39.95 -8.64 20.16
C ILE I 79 40.26 -10.12 20.28
N GLY I 80 39.25 -10.93 20.54
CA GLY I 80 39.49 -12.36 20.60
C GLY I 80 39.45 -13.01 19.23
N GLU I 81 39.87 -14.29 19.19
CA GLU I 81 39.80 -15.07 17.95
C GLU I 81 38.75 -16.17 17.97
N ASN I 82 38.16 -16.48 19.12
CA ASN I 82 37.04 -17.40 19.22
C ASN I 82 36.15 -16.92 20.36
N THR I 83 35.00 -17.58 20.52
CA THR I 83 33.99 -17.09 21.46
C THR I 83 34.54 -16.99 22.88
N GLN I 84 35.23 -18.04 23.34
CA GLN I 84 35.78 -18.04 24.69
C GLN I 84 36.72 -16.87 24.90
N GLU I 85 37.62 -16.63 23.95
CA GLU I 85 38.59 -15.55 24.09
C GLU I 85 37.92 -14.18 24.04
N MET I 86 36.91 -14.04 23.17
CA MET I 86 36.20 -12.77 23.04
C MET I 86 35.50 -12.39 24.34
N LEU I 87 34.80 -13.35 24.95
CA LEU I 87 34.15 -13.10 26.23
C LEU I 87 35.17 -12.72 27.30
N GLN I 88 36.29 -13.45 27.36
CA GLN I 88 37.31 -13.12 28.34
C GLN I 88 37.94 -11.76 28.08
N CYS I 89 38.15 -11.39 26.81
CA CYS I 89 38.66 -10.06 26.48
C CYS I 89 37.70 -8.97 26.96
N ASP I 90 36.38 -9.17 26.76
CA ASP I 90 35.40 -8.22 27.28
C ASP I 90 35.50 -8.13 28.80
N LEU I 91 35.64 -9.26 29.49
CA LEU I 91 35.72 -9.25 30.95
C LEU I 91 36.99 -8.55 31.41
N ASN I 92 38.10 -8.80 30.72
CA ASN I 92 39.35 -8.12 31.11
C ASN I 92 39.20 -6.60 31.01
N LEU I 93 38.54 -6.13 29.96
CA LEU I 93 38.35 -4.69 29.79
C LEU I 93 37.43 -4.11 30.86
N GLU I 94 36.32 -4.81 31.16
CA GLU I 94 35.34 -4.32 32.14
C GLU I 94 35.96 -4.20 33.52
N LEU I 95 36.88 -5.09 33.88
CA LEU I 95 37.51 -5.02 35.19
C LEU I 95 38.44 -3.81 35.32
N LYS I 96 39.14 -3.44 34.24
CA LYS I 96 39.92 -2.20 34.28
C LYS I 96 38.97 -0.98 34.35
N ALA I 97 37.86 -1.06 33.67
CA ALA I 97 36.90 0.04 33.67
C ALA I 97 36.36 0.30 35.06
N THR I 98 36.07 -0.76 35.83
CA THR I 98 35.49 -0.55 37.16
C THR I 98 36.53 0.01 38.12
N LYS I 99 37.80 -0.39 37.98
CA LYS I 99 38.83 0.21 38.81
C LYS I 99 38.90 1.72 38.58
N ASP I 100 38.85 2.14 37.32
CA ASP I 100 38.93 3.57 37.04
C ASP I 100 37.67 4.31 37.53
N LEU I 101 36.49 3.70 37.41
CA LEU I 101 35.27 4.33 37.92
C LEU I 101 35.35 4.54 39.42
N ARG I 102 35.82 3.55 40.18
CA ARG I 102 35.90 3.70 41.63
C ARG I 102 36.83 4.85 42.01
N GLU I 103 37.97 4.95 41.34
CA GLU I 103 38.91 6.03 41.63
C GLU I 103 38.32 7.39 41.27
N ALA I 104 37.55 7.46 40.18
CA ALA I 104 36.93 8.74 39.82
C ALA I 104 35.86 9.13 40.84
N ILE I 105 35.09 8.16 41.32
CA ILE I 105 34.06 8.47 42.32
C ILE I 105 34.69 9.02 43.59
N VAL I 106 35.81 8.43 44.04
CA VAL I 106 36.52 8.95 45.20
C VAL I 106 36.82 10.44 45.02
N HIS I 107 37.38 10.80 43.86
CA HIS I 107 37.76 12.19 43.70
C HIS I 107 36.56 13.11 43.61
N CYS I 108 35.50 12.69 42.90
CA CYS I 108 34.29 13.50 42.86
C CYS I 108 33.76 13.76 44.27
N GLU I 109 33.74 12.74 45.12
CA GLU I 109 33.27 12.92 46.48
C GLU I 109 34.11 13.97 47.21
N GLN I 110 35.43 13.91 47.00
CA GLN I 110 36.34 14.78 47.75
C GLN I 110 36.25 16.24 47.33
N VAL I 111 35.85 16.54 46.10
CA VAL I 111 35.65 17.93 45.71
C VAL I 111 34.17 18.32 45.67
N HIS I 112 33.29 17.47 46.21
CA HIS I 112 31.88 17.75 46.39
C HIS I 112 31.13 17.85 45.06
N ASP I 113 31.64 17.18 44.03
CA ASP I 113 30.94 17.12 42.73
C ASP I 113 30.01 15.91 42.78
N TYR I 114 28.92 16.08 43.52
CA TYR I 114 28.01 14.98 43.81
C TYR I 114 27.21 14.56 42.59
N VAL I 115 26.97 15.48 41.65
CA VAL I 115 26.27 15.14 40.42
C VAL I 115 27.15 14.30 39.50
N SER I 116 28.43 14.67 39.34
CA SER I 116 29.33 13.77 38.60
C SER I 116 29.45 12.41 39.27
N ARG I 117 29.54 12.39 40.61
CA ARG I 117 29.59 11.09 41.29
C ARG I 117 28.37 10.23 40.95
N ASP I 118 27.17 10.84 40.93
CA ASP I 118 25.95 10.06 40.66
C ASP I 118 25.95 9.49 39.25
N LEU I 119 26.44 10.26 38.27
CA LEU I 119 26.58 9.77 36.90
C LEU I 119 27.50 8.57 36.86
N LEU I 120 28.65 8.68 37.52
CA LEU I 120 29.63 7.60 37.52
C LEU I 120 29.09 6.35 38.25
N LYS I 121 28.37 6.54 39.35
CA LYS I 121 27.74 5.41 40.04
C LYS I 121 26.78 4.68 39.10
N ASP I 122 25.99 5.42 38.33
CA ASP I 122 25.08 4.79 37.38
C ASP I 122 25.84 4.00 36.33
N ILE I 123 26.92 4.56 35.78
CA ILE I 123 27.75 3.83 34.83
C ILE I 123 28.34 2.59 35.49
N LEU I 124 28.83 2.72 36.73
CA LEU I 124 29.41 1.57 37.43
C LEU I 124 28.39 0.45 37.60
N GLU I 125 27.12 0.79 37.90
CA GLU I 125 26.08 -0.23 37.99
C GLU I 125 25.93 -0.97 36.67
N SER I 126 25.95 -0.25 35.55
N SER I 126 25.91 -0.24 35.56
CA SER I 126 25.85 -0.88 34.24
CA SER I 126 25.86 -0.90 34.25
C SER I 126 27.06 -1.76 33.95
C SER I 126 27.05 -1.81 34.05
N GLU I 127 28.25 -1.33 34.36
CA GLU I 127 29.45 -2.14 34.12
C GLU I 127 29.43 -3.41 34.98
N GLU I 128 28.98 -3.32 36.23
CA GLU I 128 28.85 -4.53 37.05
C GLU I 128 27.80 -5.48 36.49
N GLU I 129 26.73 -4.97 35.90
CA GLU I 129 25.77 -5.84 35.21
C GLU I 129 26.43 -6.56 34.05
N HIS I 130 27.28 -5.86 33.30
CA HIS I 130 27.99 -6.52 32.20
C HIS I 130 28.94 -7.60 32.73
N ILE I 131 29.67 -7.32 33.82
CA ILE I 131 30.53 -8.33 34.42
C ILE I 131 29.72 -9.57 34.80
N ASP I 132 28.55 -9.37 35.41
CA ASP I 132 27.68 -10.50 35.75
C ASP I 132 27.35 -11.32 34.51
N TYR I 133 26.95 -10.66 33.41
CA TYR I 133 26.63 -11.36 32.17
C TYR I 133 27.82 -12.18 31.70
N LEU I 134 29.01 -11.57 31.67
CA LEU I 134 30.19 -12.24 31.12
C LEU I 134 30.63 -13.43 31.98
N GLU I 135 30.68 -13.24 33.30
CA GLU I 135 31.01 -14.35 34.19
C GLU I 135 30.00 -15.49 34.03
N THR I 136 28.72 -15.15 33.87
CA THR I 136 27.70 -16.16 33.69
C THR I 136 27.91 -16.94 32.40
N GLN I 137 28.24 -16.25 31.29
CA GLN I 137 28.48 -16.95 30.03
C GLN I 137 29.66 -17.89 30.12
N LEU I 138 30.76 -17.42 30.72
CA LEU I 138 31.92 -18.29 30.87
C LEU I 138 31.58 -19.51 31.72
N GLY I 139 30.78 -19.34 32.78
CA GLY I 139 30.36 -20.46 33.59
C GLY I 139 29.44 -21.42 32.85
N LEU I 140 28.55 -20.91 31.99
CA LEU I 140 27.69 -21.78 31.20
C LEU I 140 28.49 -22.60 30.21
N ILE I 141 29.55 -22.05 29.63
CA ILE I 141 30.40 -22.85 28.74
C ILE I 141 30.90 -24.08 29.48
N GLN I 142 31.29 -23.90 30.74
CA GLN I 142 31.75 -25.04 31.54
C GLN I 142 30.64 -26.03 31.84
N LYS I 143 29.44 -25.54 32.16
CA LYS I 143 28.34 -26.39 32.64
C LYS I 143 27.67 -27.15 31.50
N VAL I 144 27.46 -26.52 30.34
CA VAL I 144 26.75 -27.16 29.25
C VAL I 144 27.67 -27.68 28.15
N GLY I 145 28.95 -27.32 28.18
CA GLY I 145 29.88 -27.64 27.12
C GLY I 145 29.88 -26.58 26.03
N LEU I 146 31.05 -26.41 25.39
CA LEU I 146 31.19 -25.36 24.39
C LEU I 146 30.25 -25.56 23.21
N GLU I 147 30.12 -26.79 22.71
CA GLU I 147 29.29 -27.01 21.51
C GLU I 147 27.83 -26.67 21.80
N ASN I 148 27.30 -27.10 22.94
CA ASN I 148 25.94 -26.73 23.33
C ASN I 148 25.83 -25.23 23.56
N TYR I 149 26.81 -24.62 24.24
CA TYR I 149 26.74 -23.18 24.46
C TYR I 149 26.62 -22.45 23.13
N LEU I 150 27.46 -22.79 22.16
CA LEU I 150 27.40 -22.13 20.86
C LEU I 150 26.09 -22.43 20.15
N GLN I 151 25.63 -23.68 20.19
CA GLN I 151 24.33 -24.03 19.62
C GLN I 151 23.22 -23.12 20.13
N SER I 152 23.19 -22.89 21.45
CA SER I 152 22.17 -22.06 22.07
C SER I 152 22.28 -20.59 21.67
N HIS I 153 23.34 -20.18 20.99
CA HIS I 153 23.51 -18.80 20.58
C HIS I 153 23.48 -18.61 19.08
N MET I 154 23.04 -19.63 18.33
CA MET I 154 22.90 -19.50 16.88
CA MET I 154 22.90 -19.49 16.88
C MET I 154 21.72 -18.61 16.52
N HIS I 155 20.56 -18.87 17.10
CA HIS I 155 19.33 -18.19 16.73
C HIS I 155 18.98 -17.15 17.78
N GLU I 156 18.56 -15.97 17.31
CA GLU I 156 18.16 -14.91 18.23
C GLU I 156 16.89 -15.31 18.97
N MET J 1 -58.88 -25.47 -1.11
CA MET J 1 -60.09 -24.74 -1.60
C MET J 1 -60.37 -25.29 -2.99
N LYS J 2 -61.58 -25.75 -3.27
CA LYS J 2 -61.88 -26.40 -4.54
C LYS J 2 -61.84 -25.38 -5.67
N GLY J 3 -60.86 -25.49 -6.54
CA GLY J 3 -60.74 -24.60 -7.67
C GLY J 3 -61.55 -25.06 -8.87
N ASP J 4 -61.66 -24.16 -9.84
CA ASP J 4 -62.31 -24.44 -11.12
C ASP J 4 -61.46 -25.42 -11.91
N LYS J 5 -62.09 -26.49 -12.42
CA LYS J 5 -61.35 -27.56 -13.10
C LYS J 5 -60.59 -27.01 -14.32
N LYS J 6 -61.22 -26.12 -15.09
CA LYS J 6 -60.58 -25.56 -16.27
C LYS J 6 -59.45 -24.60 -15.91
N VAL J 7 -59.61 -23.83 -14.82
CA VAL J 7 -58.46 -23.05 -14.31
C VAL J 7 -57.28 -23.98 -14.07
N ILE J 8 -57.52 -25.08 -13.35
CA ILE J 8 -56.42 -26.00 -13.02
C ILE J 8 -55.79 -26.56 -14.30
N GLN J 9 -56.61 -26.91 -15.30
CA GLN J 9 -56.05 -27.33 -16.59
C GLN J 9 -55.14 -26.25 -17.17
N HIS J 10 -55.59 -25.00 -17.15
CA HIS J 10 -54.76 -23.92 -17.68
C HIS J 10 -53.47 -23.79 -16.88
N LEU J 11 -53.55 -23.87 -15.55
CA LEU J 11 -52.34 -23.72 -14.75
C LEU J 11 -51.36 -24.84 -15.03
N ASN J 12 -51.86 -26.07 -15.23
CA ASN J 12 -50.99 -27.17 -15.63
C ASN J 12 -50.39 -26.98 -17.02
N LYS J 13 -51.12 -26.34 -17.95
CA LYS J 13 -50.56 -26.04 -19.27
C LYS J 13 -49.42 -25.03 -19.15
N ILE J 14 -49.64 -23.95 -18.41
N ILE J 14 -49.60 -23.99 -18.34
CA ILE J 14 -48.57 -22.99 -18.15
CA ILE J 14 -48.52 -23.01 -18.18
C ILE J 14 -47.38 -23.72 -17.53
C ILE J 14 -47.35 -23.61 -17.41
N LEU J 15 -47.63 -24.50 -16.46
CA LEU J 15 -46.56 -25.24 -15.80
C LEU J 15 -45.76 -26.08 -16.79
N GLY J 16 -46.45 -26.75 -17.72
CA GLY J 16 -45.75 -27.52 -18.73
C GLY J 16 -44.81 -26.66 -19.57
N ASN J 17 -45.26 -25.46 -19.93
CA ASN J 17 -44.42 -24.56 -20.70
C ASN J 17 -43.19 -24.13 -19.89
N GLU J 18 -43.39 -23.80 -18.61
N GLU J 18 -43.38 -23.89 -18.61
CA GLU J 18 -42.25 -23.46 -17.76
CA GLU J 18 -42.24 -23.47 -17.79
C GLU J 18 -41.25 -24.61 -17.70
C GLU J 18 -41.25 -24.60 -17.57
N LEU J 19 -41.72 -25.84 -17.53
CA LEU J 19 -40.80 -26.98 -17.42
C LEU J 19 -39.95 -27.15 -18.69
N ILE J 20 -40.53 -26.93 -19.88
CA ILE J 20 -39.72 -26.93 -21.10
C ILE J 20 -38.63 -25.86 -21.00
N ALA J 21 -39.03 -24.64 -20.64
CA ALA J 21 -38.10 -23.52 -20.60
C ALA J 21 -36.99 -23.74 -19.59
N ILE J 22 -37.30 -24.28 -18.41
CA ILE J 22 -36.26 -24.53 -17.41
C ILE J 22 -35.14 -25.34 -18.04
N ASN J 23 -35.50 -26.44 -18.69
CA ASN J 23 -34.50 -27.36 -19.24
C ASN J 23 -33.80 -26.79 -20.46
N GLN J 24 -34.54 -26.13 -21.36
CA GLN J 24 -33.93 -25.50 -22.52
C GLN J 24 -32.93 -24.44 -22.11
N TYR J 25 -33.32 -23.56 -21.18
CA TYR J 25 -32.41 -22.51 -20.75
C TYR J 25 -31.23 -23.09 -20.01
N PHE J 26 -31.44 -24.11 -19.19
CA PHE J 26 -30.31 -24.67 -18.46
C PHE J 26 -29.29 -25.27 -19.43
N LEU J 27 -29.76 -26.03 -20.41
CA LEU J 27 -28.83 -26.62 -21.38
C LEU J 27 -28.13 -25.53 -22.18
N HIS J 28 -28.87 -24.52 -22.66
CA HIS J 28 -28.22 -23.43 -23.39
C HIS J 28 -27.16 -22.74 -22.53
N SER J 29 -27.46 -22.51 -21.25
CA SER J 29 -26.48 -21.90 -20.35
C SER J 29 -25.18 -22.69 -20.34
N ARG J 30 -25.30 -24.01 -20.14
CA ARG J 30 -24.11 -24.85 -20.00
C ARG J 30 -23.37 -25.01 -21.33
N MET J 31 -24.08 -24.98 -22.46
CA MET J 31 -23.41 -24.91 -23.76
C MET J 31 -22.60 -23.63 -23.90
N TRP J 32 -23.18 -22.48 -23.57
CA TRP J 32 -22.43 -21.23 -23.64
C TRP J 32 -21.23 -21.25 -22.71
N ASN J 33 -21.36 -21.80 -21.50
CA ASN J 33 -20.20 -21.90 -20.61
C ASN J 33 -19.11 -22.78 -21.19
N ASP J 34 -19.48 -23.93 -21.76
CA ASP J 34 -18.50 -24.83 -22.38
C ASP J 34 -17.73 -24.12 -23.49
N TRP J 35 -18.39 -23.24 -24.23
CA TRP J 35 -17.75 -22.49 -25.30
C TRP J 35 -16.97 -21.28 -24.82
N GLY J 36 -16.98 -20.95 -23.54
CA GLY J 36 -16.30 -19.78 -23.02
C GLY J 36 -17.05 -18.49 -23.16
N LEU J 37 -18.34 -18.54 -23.46
CA LEU J 37 -19.18 -17.36 -23.52
C LEU J 37 -19.90 -17.21 -22.19
N LYS J 38 -19.10 -16.87 -21.18
CA LYS J 38 -19.55 -16.98 -19.79
C LYS J 38 -20.61 -15.95 -19.43
N ARG J 39 -20.65 -14.79 -20.08
CA ARG J 39 -21.69 -13.81 -19.78
C ARG J 39 -23.05 -14.30 -20.26
N LEU J 40 -23.11 -14.88 -21.45
CA LEU J 40 -24.33 -15.53 -21.91
C LEU J 40 -24.70 -16.69 -21.02
N GLY J 41 -23.72 -17.52 -20.64
CA GLY J 41 -24.01 -18.66 -19.78
C GLY J 41 -24.62 -18.22 -18.46
N ALA J 42 -24.07 -17.17 -17.85
CA ALA J 42 -24.62 -16.73 -16.57
C ALA J 42 -26.02 -16.14 -16.73
N HIS J 43 -26.24 -15.34 -17.75
CA HIS J 43 -27.56 -14.75 -17.93
C HIS J 43 -28.61 -15.83 -18.18
N GLU J 44 -28.28 -16.83 -18.98
CA GLU J 44 -29.22 -17.88 -19.32
C GLU J 44 -29.51 -18.77 -18.11
N TYR J 45 -28.49 -19.00 -17.27
CA TYR J 45 -28.70 -19.68 -16.00
C TYR J 45 -29.74 -18.95 -15.18
N HIS J 46 -29.60 -17.63 -15.06
CA HIS J 46 -30.57 -16.86 -14.27
C HIS J 46 -31.97 -16.93 -14.90
N GLU J 47 -32.07 -16.98 -16.22
CA GLU J 47 -33.36 -17.20 -16.86
C GLU J 47 -33.97 -18.56 -16.46
N SER J 48 -33.15 -19.61 -16.42
CA SER J 48 -33.64 -20.93 -15.99
C SER J 48 -34.18 -20.88 -14.58
N ILE J 49 -33.44 -20.24 -13.66
CA ILE J 49 -33.84 -20.17 -12.26
C ILE J 49 -35.14 -19.38 -12.13
N ASP J 50 -35.29 -18.31 -12.91
CA ASP J 50 -36.51 -17.53 -12.84
CA ASP J 50 -36.51 -17.52 -12.82
C ASP J 50 -37.71 -18.35 -13.25
N GLU J 51 -37.55 -19.18 -14.29
CA GLU J 51 -38.63 -20.07 -14.71
C GLU J 51 -38.93 -21.08 -13.63
N MET J 52 -37.91 -21.56 -12.91
CA MET J 52 -38.14 -22.45 -11.78
C MET J 52 -39.02 -21.79 -10.73
N LYS J 53 -38.79 -20.51 -10.47
CA LYS J 53 -39.59 -19.81 -9.47
C LYS J 53 -41.04 -19.73 -9.91
N HIS J 54 -41.29 -19.48 -11.19
CA HIS J 54 -42.67 -19.46 -11.68
C HIS J 54 -43.32 -20.84 -11.57
N ALA J 55 -42.58 -21.90 -11.94
CA ALA J 55 -43.11 -23.25 -11.85
C ALA J 55 -43.51 -23.58 -10.41
N ASP J 56 -42.68 -23.18 -9.45
CA ASP J 56 -43.00 -23.41 -8.05
C ASP J 56 -44.32 -22.74 -7.68
N LYS J 57 -44.48 -21.47 -8.04
CA LYS J 57 -45.73 -20.78 -7.70
C LYS J 57 -46.93 -21.47 -8.34
N LEU J 58 -46.80 -21.95 -9.57
CA LEU J 58 -47.92 -22.66 -10.21
C LEU J 58 -48.24 -23.97 -9.49
N ILE J 59 -47.21 -24.74 -9.13
CA ILE J 59 -47.41 -26.00 -8.41
C ILE J 59 -48.12 -25.73 -7.09
N GLU J 60 -47.67 -24.70 -6.37
CA GLU J 60 -48.28 -24.34 -5.11
C GLU J 60 -49.75 -23.95 -5.27
N ARG J 61 -50.07 -23.16 -6.30
CA ARG J 61 -51.45 -22.74 -6.54
C ARG J 61 -52.32 -23.94 -6.90
N ILE J 62 -51.83 -24.82 -7.75
CA ILE J 62 -52.59 -26.00 -8.14
C ILE J 62 -52.94 -26.84 -6.93
N LEU J 63 -51.96 -27.07 -6.04
CA LEU J 63 -52.22 -27.87 -4.85
C LEU J 63 -53.23 -27.19 -3.94
N PHE J 64 -53.10 -25.87 -3.76
CA PHE J 64 -54.09 -25.14 -2.95
C PHE J 64 -55.50 -25.33 -3.50
N LEU J 65 -55.64 -25.31 -4.83
CA LEU J 65 -56.92 -25.46 -5.51
C LEU J 65 -57.36 -26.92 -5.62
N GLU J 66 -56.61 -27.84 -5.01
CA GLU J 66 -56.97 -29.25 -4.90
C GLU J 66 -56.86 -29.99 -6.23
N GLY J 67 -55.93 -29.55 -7.08
CA GLY J 67 -55.61 -30.24 -8.31
C GLY J 67 -54.29 -30.99 -8.19
N LEU J 68 -53.95 -31.72 -9.26
CA LEU J 68 -52.75 -32.52 -9.32
C LEU J 68 -51.75 -31.84 -10.24
N PRO J 69 -50.65 -31.30 -9.72
CA PRO J 69 -49.65 -30.73 -10.63
C PRO J 69 -49.00 -31.80 -11.46
N ASN J 70 -48.85 -31.50 -12.75
CA ASN J 70 -48.30 -32.44 -13.73
C ASN J 70 -46.86 -32.03 -14.04
N LEU J 71 -45.92 -32.75 -13.44
CA LEU J 71 -44.50 -32.59 -13.74
C LEU J 71 -43.97 -33.72 -14.61
N GLN J 72 -44.86 -34.55 -15.13
CA GLN J 72 -44.46 -35.76 -15.83
C GLN J 72 -44.31 -35.54 -17.34
N ASP J 73 -45.22 -34.75 -17.90
N ASP J 73 -45.08 -34.65 -17.97
CA ASP J 73 -45.22 -34.48 -19.31
CA ASP J 73 -45.26 -34.66 -19.44
C ASP J 73 -44.21 -33.39 -19.57
C ASP J 73 -44.50 -33.53 -20.16
N LEU J 74 -43.18 -33.73 -20.34
CA LEU J 74 -42.25 -32.72 -20.81
C LEU J 74 -42.35 -32.57 -22.32
N GLY J 75 -42.68 -31.37 -22.77
CA GLY J 75 -42.75 -31.06 -24.19
C GLY J 75 -41.39 -30.87 -24.84
N LYS J 76 -41.43 -30.46 -26.11
CA LYS J 76 -40.23 -30.47 -26.95
C LYS J 76 -39.30 -29.32 -26.60
N LEU J 77 -38.05 -29.65 -26.25
CA LEU J 77 -37.03 -28.63 -26.05
C LEU J 77 -36.54 -28.13 -27.40
N LEU J 78 -36.38 -26.81 -27.52
CA LEU J 78 -35.89 -26.19 -28.76
C LEU J 78 -34.42 -25.83 -28.53
N ILE J 79 -33.51 -26.67 -29.00
CA ILE J 79 -32.09 -26.53 -28.70
C ILE J 79 -31.39 -26.01 -29.94
N GLY J 80 -30.71 -24.89 -29.82
CA GLY J 80 -29.94 -24.41 -30.95
C GLY J 80 -28.56 -25.06 -31.03
N GLU J 81 -27.87 -24.82 -32.16
CA GLU J 81 -26.50 -25.29 -32.34
C GLU J 81 -25.46 -24.18 -32.36
N ASN J 82 -25.88 -22.91 -32.39
CA ASN J 82 -24.99 -21.77 -32.28
C ASN J 82 -25.78 -20.66 -31.60
N THR J 83 -25.07 -19.59 -31.25
CA THR J 83 -25.64 -18.53 -30.41
C THR J 83 -26.89 -17.93 -31.02
N GLN J 84 -26.84 -17.59 -32.31
CA GLN J 84 -27.99 -17.01 -32.99
CA GLN J 84 -28.01 -16.98 -32.94
C GLN J 84 -29.21 -17.92 -32.90
N GLU J 85 -29.01 -19.21 -33.20
CA GLU J 85 -30.12 -20.18 -33.17
C GLU J 85 -30.67 -20.37 -31.76
N MET J 86 -29.77 -20.42 -30.78
CA MET J 86 -30.20 -20.63 -29.39
C MET J 86 -31.09 -19.48 -28.92
N LEU J 87 -30.67 -18.24 -29.19
CA LEU J 87 -31.47 -17.08 -28.84
C LEU J 87 -32.84 -17.13 -29.54
N GLN J 88 -32.85 -17.47 -30.83
CA GLN J 88 -34.12 -17.54 -31.55
C GLN J 88 -35.00 -18.65 -31.02
N CYS J 89 -34.41 -19.80 -30.64
CA CYS J 89 -35.19 -20.87 -30.05
C CYS J 89 -35.82 -20.44 -28.74
N ASP J 90 -35.08 -19.71 -27.90
CA ASP J 90 -35.65 -19.17 -26.68
C ASP J 90 -36.82 -18.23 -27.01
N LEU J 91 -36.64 -17.36 -28.01
CA LEU J 91 -37.70 -16.42 -28.37
C LEU J 91 -38.94 -17.15 -28.90
N ASN J 92 -38.75 -18.17 -29.73
CA ASN J 92 -39.89 -18.94 -30.22
C ASN J 92 -40.68 -19.55 -29.07
N LEU J 93 -39.97 -20.11 -28.09
CA LEU J 93 -40.65 -20.69 -26.94
C LEU J 93 -41.41 -19.64 -26.14
N GLU J 94 -40.80 -18.47 -25.91
CA GLU J 94 -41.43 -17.41 -25.13
C GLU J 94 -42.70 -16.90 -25.78
N LEU J 95 -42.73 -16.83 -27.11
CA LEU J 95 -43.94 -16.35 -27.79
C LEU J 95 -45.09 -17.35 -27.67
N LYS J 96 -44.80 -18.66 -27.67
CA LYS J 96 -45.83 -19.65 -27.37
C LYS J 96 -46.30 -19.51 -25.91
N ALA J 97 -45.36 -19.24 -25.01
CA ALA J 97 -45.72 -19.15 -23.62
C ALA J 97 -46.65 -17.98 -23.35
N THR J 98 -46.42 -16.83 -24.00
CA THR J 98 -47.27 -15.68 -23.75
C THR J 98 -48.67 -15.88 -24.33
N LYS J 99 -48.77 -16.54 -25.49
CA LYS J 99 -50.10 -16.84 -26.02
C LYS J 99 -50.92 -17.67 -25.03
N ASP J 100 -50.30 -18.68 -24.45
CA ASP J 100 -51.00 -19.53 -23.48
C ASP J 100 -51.33 -18.76 -22.20
N LEU J 101 -50.43 -17.88 -21.76
CA LEU J 101 -50.72 -17.07 -20.58
C LEU J 101 -51.93 -16.17 -20.78
N ARG J 102 -52.03 -15.54 -21.94
CA ARG J 102 -53.16 -14.65 -22.20
C ARG J 102 -54.47 -15.43 -22.20
N GLU J 103 -54.48 -16.61 -22.82
CA GLU J 103 -55.71 -17.43 -22.84
C GLU J 103 -56.09 -17.88 -21.43
N ALA J 104 -55.09 -18.21 -20.60
CA ALA J 104 -55.37 -18.60 -19.22
C ALA J 104 -55.95 -17.44 -18.43
N ILE J 105 -55.42 -16.23 -18.62
CA ILE J 105 -55.93 -15.05 -17.91
C ILE J 105 -57.39 -14.80 -18.29
N VAL J 106 -57.74 -14.91 -19.59
CA VAL J 106 -59.12 -14.73 -20.01
C VAL J 106 -60.03 -15.65 -19.22
N HIS J 107 -59.66 -16.93 -19.15
CA HIS J 107 -60.52 -17.89 -18.47
C HIS J 107 -60.62 -17.59 -16.98
N CYS J 108 -59.49 -17.27 -16.33
CA CYS J 108 -59.56 -16.97 -14.91
C CYS J 108 -60.48 -15.78 -14.63
N GLU J 109 -60.40 -14.73 -15.45
CA GLU J 109 -61.29 -13.59 -15.29
C GLU J 109 -62.76 -14.02 -15.43
N GLN J 110 -63.06 -14.85 -16.44
CA GLN J 110 -64.45 -15.24 -16.69
C GLN J 110 -65.05 -16.05 -15.55
N VAL J 111 -64.26 -16.84 -14.82
CA VAL J 111 -64.77 -17.63 -13.70
C VAL J 111 -64.45 -16.99 -12.34
N HIS J 112 -63.97 -15.74 -12.34
CA HIS J 112 -63.78 -14.94 -11.14
C HIS J 112 -62.67 -15.46 -10.25
N ASP J 113 -61.67 -16.16 -10.83
CA ASP J 113 -60.49 -16.58 -10.07
C ASP J 113 -59.43 -15.49 -10.21
N TYR J 114 -59.64 -14.42 -9.44
CA TYR J 114 -58.84 -13.20 -9.59
C TYR J 114 -57.44 -13.39 -9.02
N VAL J 115 -57.28 -14.28 -8.04
CA VAL J 115 -55.95 -14.53 -7.48
C VAL J 115 -55.10 -15.31 -8.49
N SER J 116 -55.67 -16.32 -9.14
CA SER J 116 -54.94 -17.01 -10.20
C SER J 116 -54.60 -16.06 -11.34
N ARG J 117 -55.54 -15.19 -11.72
CA ARG J 117 -55.24 -14.20 -12.75
C ARG J 117 -54.02 -13.36 -12.36
N ASP J 118 -53.97 -12.89 -11.11
CA ASP J 118 -52.87 -12.02 -10.69
C ASP J 118 -51.54 -12.74 -10.77
N LEU J 119 -51.50 -14.02 -10.37
CA LEU J 119 -50.28 -14.82 -10.50
C LEU J 119 -49.85 -14.92 -11.96
N LEU J 120 -50.80 -15.19 -12.83
CA LEU J 120 -50.46 -15.34 -14.24
C LEU J 120 -50.00 -14.02 -14.86
N LYS J 121 -50.60 -12.90 -14.43
CA LYS J 121 -50.15 -11.60 -14.91
C LYS J 121 -48.70 -11.34 -14.52
N ASP J 122 -48.34 -11.68 -13.28
CA ASP J 122 -46.96 -11.49 -12.85
C ASP J 122 -46.01 -12.35 -13.68
N ILE J 123 -46.38 -13.61 -13.97
CA ILE J 123 -45.56 -14.46 -14.82
C ILE J 123 -45.44 -13.86 -16.22
N LEU J 124 -46.56 -13.37 -16.78
CA LEU J 124 -46.55 -12.74 -18.09
C LEU J 124 -45.62 -11.52 -18.13
N GLU J 125 -45.58 -10.73 -17.05
CA GLU J 125 -44.65 -9.61 -17.00
C GLU J 125 -43.21 -10.10 -17.11
N SER J 126 -42.88 -11.18 -16.38
N SER J 126 -42.87 -11.16 -16.38
CA SER J 126 -41.54 -11.77 -16.46
CA SER J 126 -41.54 -11.75 -16.48
C SER J 126 -41.25 -12.30 -17.87
C SER J 126 -41.26 -12.25 -17.90
N GLU J 127 -42.22 -12.93 -18.51
CA GLU J 127 -41.99 -13.48 -19.84
C GLU J 127 -41.80 -12.36 -20.87
N GLU J 128 -42.56 -11.26 -20.77
CA GLU J 128 -42.34 -10.13 -21.68
C GLU J 128 -40.98 -9.48 -21.45
N GLU J 129 -40.48 -9.44 -20.20
CA GLU J 129 -39.12 -8.99 -19.96
C GLU J 129 -38.12 -9.88 -20.68
N HIS J 130 -38.34 -11.18 -20.66
CA HIS J 130 -37.44 -12.08 -21.37
C HIS J 130 -37.50 -11.85 -22.88
N ILE J 131 -38.69 -11.64 -23.43
CA ILE J 131 -38.82 -11.32 -24.84
C ILE J 131 -38.00 -10.06 -25.18
N ASP J 132 -38.11 -9.02 -24.35
CA ASP J 132 -37.36 -7.79 -24.58
C ASP J 132 -35.86 -8.09 -24.63
N TYR J 133 -35.37 -8.86 -23.65
CA TYR J 133 -33.95 -9.24 -23.64
C TYR J 133 -33.55 -9.93 -24.93
N LEU J 134 -34.33 -10.95 -25.35
CA LEU J 134 -33.98 -11.75 -26.52
C LEU J 134 -34.01 -10.93 -27.81
N GLU J 135 -35.06 -10.11 -28.00
CA GLU J 135 -35.13 -9.25 -29.18
C GLU J 135 -33.96 -8.28 -29.21
N THR J 136 -33.58 -7.77 -28.04
CA THR J 136 -32.46 -6.85 -27.95
C THR J 136 -31.16 -7.54 -28.34
N GLN J 137 -30.92 -8.77 -27.86
CA GLN J 137 -29.69 -9.47 -28.22
C GLN J 137 -29.62 -9.72 -29.71
N LEU J 138 -30.73 -10.19 -30.30
CA LEU J 138 -30.74 -10.44 -31.73
C LEU J 138 -30.46 -9.15 -32.50
N GLY J 139 -31.00 -8.03 -32.00
CA GLY J 139 -30.76 -6.75 -32.63
C GLY J 139 -29.32 -6.32 -32.52
N LEU J 140 -28.70 -6.56 -31.36
CA LEU J 140 -27.30 -6.20 -31.16
C LEU J 140 -26.38 -6.99 -32.08
N ILE J 141 -26.66 -8.27 -32.29
CA ILE J 141 -25.87 -9.04 -33.25
C ILE J 141 -25.84 -8.34 -34.60
N GLN J 142 -26.98 -7.81 -35.04
CA GLN J 142 -27.00 -7.11 -36.33
C GLN J 142 -26.22 -5.80 -36.27
N LYS J 143 -26.33 -5.06 -35.16
CA LYS J 143 -25.75 -3.72 -35.06
C LYS J 143 -24.24 -3.76 -34.85
N VAL J 144 -23.74 -4.68 -34.02
CA VAL J 144 -22.31 -4.71 -33.71
C VAL J 144 -21.57 -5.81 -34.44
N GLY J 145 -22.27 -6.71 -35.11
CA GLY J 145 -21.67 -7.87 -35.76
C GLY J 145 -21.53 -9.04 -34.80
N LEU J 146 -21.62 -10.26 -35.34
CA LEU J 146 -21.57 -11.45 -34.51
C LEU J 146 -20.26 -11.57 -33.74
N GLU J 147 -19.11 -11.36 -34.41
CA GLU J 147 -17.84 -11.55 -33.71
C GLU J 147 -17.73 -10.60 -32.50
N ASN J 148 -18.08 -9.32 -32.66
CA ASN J 148 -18.08 -8.39 -31.54
C ASN J 148 -19.10 -8.80 -30.47
N TYR J 149 -20.30 -9.20 -30.89
CA TYR J 149 -21.32 -9.58 -29.92
C TYR J 149 -20.81 -10.74 -29.05
N LEU J 150 -20.22 -11.75 -29.67
CA LEU J 150 -19.67 -12.87 -28.91
C LEU J 150 -18.51 -12.43 -28.04
N GLN J 151 -17.62 -11.59 -28.56
CA GLN J 151 -16.52 -11.07 -27.75
C GLN J 151 -17.03 -10.42 -26.47
N SER J 152 -18.09 -9.62 -26.57
CA SER J 152 -18.66 -8.91 -25.44
C SER J 152 -19.33 -9.85 -24.45
N HIS J 153 -19.49 -11.13 -24.78
CA HIS J 153 -20.12 -12.10 -23.89
C HIS J 153 -19.17 -13.19 -23.42
N MET J 154 -17.85 -13.00 -23.61
CA MET J 154 -16.87 -13.96 -23.10
CA MET J 154 -16.88 -13.96 -23.10
C MET J 154 -16.74 -13.86 -21.59
N HIS J 155 -16.57 -12.64 -21.07
CA HIS J 155 -16.29 -12.43 -19.65
C HIS J 155 -17.52 -11.95 -18.91
N GLU J 156 -17.70 -12.44 -17.70
CA GLU J 156 -18.84 -12.03 -16.87
C GLU J 156 -18.71 -10.60 -16.34
N MET K 1 9.09 -45.55 3.35
CA MET K 1 8.32 -46.81 3.14
C MET K 1 8.70 -47.28 1.75
N LYS K 2 9.20 -48.49 1.57
CA LYS K 2 9.70 -48.88 0.25
C LYS K 2 8.55 -49.04 -0.73
N GLY K 3 8.57 -48.26 -1.80
CA GLY K 3 7.55 -48.35 -2.83
C GLY K 3 7.88 -49.36 -3.90
N ASP K 4 6.88 -49.63 -4.72
CA ASP K 4 7.03 -50.47 -5.90
C ASP K 4 7.94 -49.78 -6.92
N LYS K 5 8.93 -50.51 -7.45
CA LYS K 5 9.91 -49.89 -8.36
C LYS K 5 9.23 -49.29 -9.58
N LYS K 6 8.28 -50.00 -10.18
CA LYS K 6 7.61 -49.50 -11.38
C LYS K 6 6.70 -48.31 -11.06
N VAL K 7 6.06 -48.30 -9.89
CA VAL K 7 5.32 -47.09 -9.48
C VAL K 7 6.26 -45.90 -9.48
N ILE K 8 7.43 -46.04 -8.84
CA ILE K 8 8.37 -44.93 -8.75
C ILE K 8 8.81 -44.50 -10.14
N GLN K 9 9.02 -45.46 -11.04
CA GLN K 9 9.38 -45.11 -12.41
C GLN K 9 8.25 -44.31 -13.07
N HIS K 10 7.00 -44.74 -12.87
CA HIS K 10 5.87 -43.99 -13.41
C HIS K 10 5.78 -42.59 -12.81
N LEU K 11 5.96 -42.46 -11.50
CA LEU K 11 5.91 -41.13 -10.88
C LEU K 11 7.00 -40.22 -11.45
N ASN K 12 8.22 -40.75 -11.67
CA ASN K 12 9.27 -39.94 -12.30
C ASN K 12 8.92 -39.57 -13.74
N LYS K 13 8.23 -40.45 -14.47
CA LYS K 13 7.80 -40.09 -15.83
C LYS K 13 6.81 -38.94 -15.80
N ILE K 14 5.81 -39.02 -14.91
N ILE K 14 5.85 -38.98 -14.87
CA ILE K 14 4.86 -37.91 -14.72
CA ILE K 14 4.88 -37.89 -14.76
C ILE K 14 5.63 -36.64 -14.35
C ILE K 14 5.54 -36.61 -14.25
N LEU K 15 6.52 -36.73 -13.36
CA LEU K 15 7.30 -35.58 -12.95
C LEU K 15 8.02 -34.95 -14.14
N GLY K 16 8.63 -35.78 -15.00
CA GLY K 16 9.30 -35.27 -16.18
C GLY K 16 8.36 -34.48 -17.07
N ASN K 17 7.13 -34.96 -17.24
CA ASN K 17 6.15 -34.22 -18.04
C ASN K 17 5.81 -32.88 -17.39
N GLU K 18 5.61 -32.88 -16.07
N GLU K 18 5.69 -32.85 -16.07
CA GLU K 18 5.34 -31.63 -15.35
CA GLU K 18 5.34 -31.60 -15.40
C GLU K 18 6.48 -30.63 -15.54
C GLU K 18 6.49 -30.60 -15.43
N LEU K 19 7.73 -31.08 -15.44
CA LEU K 19 8.87 -30.17 -15.57
C LEU K 19 8.93 -29.53 -16.95
N ILE K 20 8.59 -30.28 -18.01
CA ILE K 20 8.48 -29.67 -19.33
C ILE K 20 7.43 -28.58 -19.30
N ALA K 21 6.24 -28.90 -18.80
CA ALA K 21 5.12 -27.95 -18.80
C ALA K 21 5.44 -26.69 -18.00
N ILE K 22 6.10 -26.82 -16.84
CA ILE K 22 6.44 -25.65 -16.05
C ILE K 22 7.20 -24.65 -16.91
N ASN K 23 8.22 -25.12 -17.61
CA ASN K 23 9.08 -24.22 -18.37
C ASN K 23 8.39 -23.70 -19.62
N GLN K 24 7.64 -24.57 -20.31
CA GLN K 24 6.94 -24.13 -21.50
C GLN K 24 5.91 -23.06 -21.15
N TYR K 25 5.10 -23.30 -20.11
CA TYR K 25 4.10 -22.32 -19.71
C TYR K 25 4.76 -21.03 -19.22
N PHE K 26 5.85 -21.14 -18.46
CA PHE K 26 6.49 -19.91 -17.98
C PHE K 26 7.00 -19.07 -19.15
N LEU K 27 7.64 -19.71 -20.13
CA LEU K 27 8.13 -18.95 -21.28
C LEU K 27 6.97 -18.36 -22.09
N HIS K 28 5.92 -19.14 -22.36
CA HIS K 28 4.77 -18.61 -23.08
C HIS K 28 4.18 -17.41 -22.34
N SER K 29 4.11 -17.49 -21.02
CA SER K 29 3.60 -16.38 -20.20
C SER K 29 4.39 -15.11 -20.47
N ARG K 30 5.71 -15.20 -20.39
CA ARG K 30 6.55 -14.01 -20.53
C ARG K 30 6.56 -13.49 -21.96
N MET K 31 6.42 -14.38 -22.96
CA MET K 31 6.23 -13.92 -24.33
C MET K 31 4.95 -13.10 -24.45
N TRP K 32 3.83 -13.63 -23.95
CA TRP K 32 2.58 -12.86 -23.99
C TRP K 32 2.71 -11.52 -23.28
N ASN K 33 3.37 -11.48 -22.12
CA ASN K 33 3.55 -10.19 -21.43
C ASN K 33 4.39 -9.22 -22.27
N ASP K 34 5.44 -9.72 -22.89
CA ASP K 34 6.30 -8.86 -23.72
C ASP K 34 5.51 -8.25 -24.86
N TRP K 35 4.54 -9.00 -25.40
CA TRP K 35 3.71 -8.52 -26.48
C TRP K 35 2.55 -7.63 -26.01
N GLY K 36 2.38 -7.41 -24.72
CA GLY K 36 1.29 -6.61 -24.21
C GLY K 36 -0.02 -7.35 -24.02
N LEU K 37 0.00 -8.68 -24.05
CA LEU K 37 -1.20 -9.49 -23.89
C LEU K 37 -1.20 -10.01 -22.46
N LYS K 38 -1.42 -9.06 -21.55
CA LYS K 38 -1.15 -9.30 -20.13
C LYS K 38 -2.13 -10.27 -19.50
N ARG K 39 -3.37 -10.33 -19.98
CA ARG K 39 -4.33 -11.30 -19.43
C ARG K 39 -3.92 -12.73 -19.78
N LEU K 40 -3.46 -12.97 -21.03
CA LEU K 40 -2.91 -14.28 -21.39
C LEU K 40 -1.66 -14.58 -20.58
N GLY K 41 -0.80 -13.58 -20.43
CA GLY K 41 0.42 -13.79 -19.67
C GLY K 41 0.14 -14.20 -18.24
N ALA K 42 -0.84 -13.55 -17.61
CA ALA K 42 -1.12 -13.87 -16.21
C ALA K 42 -1.75 -15.25 -16.09
N HIS K 43 -2.66 -15.60 -16.99
CA HIS K 43 -3.29 -16.90 -16.91
C HIS K 43 -2.25 -18.00 -17.11
N GLU K 44 -1.34 -17.80 -18.06
CA GLU K 44 -0.35 -18.82 -18.36
C GLU K 44 0.66 -18.95 -17.22
N TYR K 45 0.96 -17.84 -16.55
CA TYR K 45 1.79 -17.91 -15.36
C TYR K 45 1.13 -18.77 -14.30
N HIS K 46 -0.17 -18.58 -14.07
CA HIS K 46 -0.85 -19.41 -13.09
C HIS K 46 -0.83 -20.88 -13.48
N GLU K 47 -0.91 -21.20 -14.78
CA GLU K 47 -0.78 -22.58 -15.22
C GLU K 47 0.60 -23.15 -14.88
N SER K 48 1.65 -22.36 -15.06
CA SER K 48 2.99 -22.80 -14.69
C SER K 48 3.08 -23.10 -13.21
N ILE K 49 2.56 -22.19 -12.36
CA ILE K 49 2.59 -22.39 -10.92
C ILE K 49 1.84 -23.65 -10.54
N ASP K 50 0.68 -23.89 -11.14
CA ASP K 50 -0.11 -25.08 -10.81
CA ASP K 50 -0.08 -25.08 -10.78
C ASP K 50 0.68 -26.35 -11.11
N GLU K 51 1.41 -26.37 -12.24
CA GLU K 51 2.24 -27.52 -12.58
C GLU K 51 3.36 -27.68 -11.56
N MET K 52 3.92 -26.58 -11.07
CA MET K 52 4.91 -26.64 -10.00
C MET K 52 4.35 -27.33 -8.77
N LYS K 53 3.11 -27.04 -8.41
CA LYS K 53 2.52 -27.67 -7.24
C LYS K 53 2.38 -29.18 -7.42
N HIS K 54 2.03 -29.62 -8.65
CA HIS K 54 1.93 -31.05 -8.91
C HIS K 54 3.31 -31.68 -8.86
N ALA K 55 4.31 -31.00 -9.43
CA ALA K 55 5.67 -31.54 -9.39
C ALA K 55 6.13 -31.71 -7.95
N ASP K 56 5.85 -30.72 -7.10
CA ASP K 56 6.19 -30.81 -5.69
C ASP K 56 5.57 -32.06 -5.06
N LYS K 57 4.28 -32.29 -5.26
CA LYS K 57 3.65 -33.47 -4.65
C LYS K 57 4.28 -34.76 -5.17
N LEU K 58 4.66 -34.81 -6.44
CA LEU K 58 5.30 -36.01 -6.98
C LEU K 58 6.66 -36.25 -6.34
N ILE K 59 7.48 -35.19 -6.25
CA ILE K 59 8.79 -35.27 -5.62
C ILE K 59 8.64 -35.78 -4.19
N GLU K 60 7.68 -35.23 -3.45
CA GLU K 60 7.46 -35.64 -2.07
C GLU K 60 7.07 -37.11 -1.98
N ARG K 61 6.17 -37.56 -2.87
CA ARG K 61 5.73 -38.96 -2.85
C ARG K 61 6.88 -39.90 -3.19
N ILE K 62 7.69 -39.55 -4.18
CA ILE K 62 8.83 -40.39 -4.57
C ILE K 62 9.80 -40.53 -3.41
N LEU K 63 10.12 -39.43 -2.71
CA LEU K 63 11.00 -39.50 -1.56
C LEU K 63 10.42 -40.36 -0.45
N PHE K 64 9.12 -40.21 -0.15
CA PHE K 64 8.52 -41.06 0.86
C PHE K 64 8.67 -42.54 0.51
N LEU K 65 8.49 -42.88 -0.77
CA LEU K 65 8.60 -44.26 -1.25
C LEU K 65 10.05 -44.70 -1.46
N GLU K 66 11.01 -43.88 -1.03
CA GLU K 66 12.43 -44.21 -1.03
C GLU K 66 13.01 -44.34 -2.43
N GLY K 67 12.46 -43.57 -3.37
CA GLY K 67 13.04 -43.42 -4.69
C GLY K 67 13.79 -42.11 -4.85
N LEU K 68 14.37 -41.94 -6.04
CA LEU K 68 15.16 -40.76 -6.36
C LEU K 68 14.39 -39.88 -7.35
N PRO K 69 13.89 -38.72 -6.95
CA PRO K 69 13.25 -37.84 -7.94
C PRO K 69 14.24 -37.36 -8.99
N ASN K 70 13.84 -37.43 -10.26
CA ASN K 70 14.69 -37.03 -11.37
C ASN K 70 14.25 -35.65 -11.87
N LEU K 71 15.00 -34.63 -11.49
CA LEU K 71 14.81 -33.28 -12.00
C LEU K 71 15.86 -32.91 -13.04
N GLN K 72 16.67 -33.88 -13.47
CA GLN K 72 17.79 -33.62 -14.37
C GLN K 72 17.42 -33.74 -15.84
N ASP K 73 16.61 -34.74 -16.15
N ASP K 73 16.49 -34.62 -16.23
CA ASP K 73 16.20 -34.98 -17.52
CA ASP K 73 16.38 -35.02 -17.66
C ASP K 73 15.07 -34.02 -17.81
C ASP K 73 15.17 -34.37 -18.36
N LEU K 74 15.33 -33.09 -18.71
CA LEU K 74 14.27 -32.23 -19.22
C LEU K 74 14.00 -32.57 -20.67
N GLY K 75 12.76 -32.96 -20.96
CA GLY K 75 12.34 -33.28 -22.31
C GLY K 75 12.07 -32.04 -23.16
N LYS K 76 11.50 -32.27 -24.34
CA LYS K 76 11.43 -31.24 -25.36
C LYS K 76 10.31 -30.24 -25.07
N LEU K 77 10.70 -28.97 -24.95
CA LEU K 77 9.71 -27.89 -24.82
C LEU K 77 9.10 -27.62 -26.20
N LEU K 78 7.77 -27.46 -26.22
CA LEU K 78 7.02 -27.13 -27.44
C LEU K 78 6.67 -25.64 -27.36
N ILE K 79 7.51 -24.81 -27.97
CA ILE K 79 7.40 -23.35 -27.88
C ILE K 79 6.76 -22.84 -29.17
N GLY K 80 5.64 -22.18 -29.04
CA GLY K 80 5.03 -21.57 -30.20
C GLY K 80 5.62 -20.21 -30.54
N GLU K 81 5.28 -19.72 -31.73
CA GLU K 81 5.72 -18.41 -32.19
C GLU K 81 4.61 -17.38 -32.30
N ASN K 82 3.36 -17.79 -32.16
CA ASN K 82 2.23 -16.87 -32.10
C ASN K 82 1.17 -17.49 -31.19
N THR K 83 0.16 -16.70 -30.84
CA THR K 83 -0.79 -17.10 -29.80
C THR K 83 -1.45 -18.44 -30.11
N GLN K 84 -1.96 -18.63 -31.33
CA GLN K 84 -2.66 -19.88 -31.63
C GLN K 84 -1.72 -21.08 -31.54
N GLU K 85 -0.48 -20.93 -32.03
CA GLU K 85 0.48 -22.02 -31.97
C GLU K 85 0.87 -22.33 -30.52
N MET K 86 1.00 -21.30 -29.69
CA MET K 86 1.38 -21.51 -28.30
C MET K 86 0.30 -22.28 -27.55
N LEU K 87 -0.97 -21.91 -27.75
CA LEU K 87 -2.06 -22.64 -27.12
C LEU K 87 -2.11 -24.09 -27.61
N GLN K 88 -1.92 -24.30 -28.93
CA GLN K 88 -1.92 -25.66 -29.46
C GLN K 88 -0.72 -26.47 -28.95
N CYS K 89 0.44 -25.84 -28.76
CA CYS K 89 1.58 -26.54 -28.18
C CYS K 89 1.29 -26.97 -26.74
N ASP K 90 0.66 -26.09 -25.95
CA ASP K 90 0.25 -26.47 -24.60
C ASP K 90 -0.74 -27.63 -24.65
N LEU K 91 -1.69 -27.58 -25.57
CA LEU K 91 -2.67 -28.67 -25.68
C LEU K 91 -2.01 -29.99 -26.08
N ASN K 92 -1.08 -29.95 -27.04
CA ASN K 92 -0.38 -31.17 -27.44
C ASN K 92 0.36 -31.80 -26.27
N LEU K 93 1.00 -30.98 -25.45
CA LEU K 93 1.70 -31.48 -24.27
C LEU K 93 0.74 -32.08 -23.26
N GLU K 94 -0.40 -31.42 -23.00
CA GLU K 94 -1.35 -31.90 -21.99
C GLU K 94 -1.94 -33.24 -22.39
N LEU K 95 -2.16 -33.48 -23.68
CA LEU K 95 -2.72 -34.75 -24.11
C LEU K 95 -1.72 -35.89 -23.93
N LYS K 96 -0.43 -35.62 -24.12
CA LYS K 96 0.59 -36.62 -23.79
C LYS K 96 0.65 -36.87 -22.27
N ALA K 97 0.50 -35.81 -21.49
CA ALA K 97 0.51 -35.94 -20.05
C ALA K 97 -0.62 -36.83 -19.55
N THR K 98 -1.82 -36.69 -20.12
CA THR K 98 -2.95 -37.48 -19.63
C THR K 98 -2.82 -38.95 -20.01
N LYS K 99 -2.26 -39.24 -21.19
CA LYS K 99 -1.98 -40.63 -21.55
C LYS K 99 -1.08 -41.28 -20.51
N ASP K 100 0.00 -40.59 -20.12
CA ASP K 100 0.93 -41.17 -19.16
C ASP K 100 0.29 -41.29 -17.77
N LEU K 101 -0.56 -40.33 -17.38
CA LEU K 101 -1.25 -40.43 -16.09
C LEU K 101 -2.15 -41.65 -16.04
N ARG K 102 -2.89 -41.92 -17.13
CA ARG K 102 -3.78 -43.08 -17.13
C ARG K 102 -2.99 -44.37 -17.00
N GLU K 103 -1.89 -44.49 -17.74
CA GLU K 103 -1.08 -45.70 -17.67
C GLU K 103 -0.49 -45.89 -16.27
N ALA K 104 -0.13 -44.79 -15.62
CA ALA K 104 0.42 -44.87 -14.27
C ALA K 104 -0.64 -45.31 -13.27
N ILE K 105 -1.88 -44.82 -13.42
CA ILE K 105 -2.95 -45.21 -12.52
C ILE K 105 -3.25 -46.70 -12.63
N VAL K 106 -3.28 -47.22 -13.87
CA VAL K 106 -3.47 -48.65 -14.08
C VAL K 106 -2.46 -49.44 -13.25
N HIS K 107 -1.19 -49.06 -13.33
CA HIS K 107 -0.18 -49.82 -12.60
C HIS K 107 -0.33 -49.67 -11.09
N CYS K 108 -0.60 -48.45 -10.59
CA CYS K 108 -0.81 -48.29 -9.15
C CYS K 108 -1.93 -49.18 -8.65
N GLU K 109 -3.03 -49.27 -9.41
CA GLU K 109 -4.14 -50.13 -9.02
C GLU K 109 -3.70 -51.59 -8.94
N GLN K 110 -2.95 -52.05 -9.94
CA GLN K 110 -2.52 -53.44 -10.00
C GLN K 110 -1.70 -53.84 -8.78
N VAL K 111 -0.84 -52.94 -8.30
CA VAL K 111 0.03 -53.25 -7.18
C VAL K 111 -0.49 -52.71 -5.84
N HIS K 112 -1.73 -52.20 -5.81
CA HIS K 112 -2.42 -51.81 -4.58
C HIS K 112 -1.84 -50.55 -3.95
N ASP K 113 -1.17 -49.71 -4.73
CA ASP K 113 -0.69 -48.42 -4.24
C ASP K 113 -1.81 -47.40 -4.44
N TYR K 114 -2.81 -47.49 -3.56
CA TYR K 114 -4.01 -46.68 -3.73
C TYR K 114 -3.78 -45.21 -3.42
N VAL K 115 -2.83 -44.90 -2.53
CA VAL K 115 -2.51 -43.52 -2.25
C VAL K 115 -1.81 -42.86 -3.44
N SER K 116 -0.86 -43.53 -4.08
CA SER K 116 -0.29 -42.96 -5.29
C SER K 116 -1.36 -42.81 -6.37
N ARG K 117 -2.25 -43.79 -6.50
CA ARG K 117 -3.35 -43.66 -7.45
C ARG K 117 -4.15 -42.38 -7.20
N ASP K 118 -4.49 -42.11 -5.94
CA ASP K 118 -5.32 -40.95 -5.62
C ASP K 118 -4.61 -39.64 -5.95
N LEU K 119 -3.30 -39.57 -5.69
CA LEU K 119 -2.51 -38.40 -6.08
C LEU K 119 -2.56 -38.19 -7.58
N LEU K 120 -2.37 -39.26 -8.35
CA LEU K 120 -2.38 -39.14 -9.80
C LEU K 120 -3.76 -38.78 -10.34
N LYS K 121 -4.82 -39.31 -9.73
CA LYS K 121 -6.16 -38.93 -10.12
C LYS K 121 -6.39 -37.43 -9.92
N ASP K 122 -5.93 -36.88 -8.80
CA ASP K 122 -6.06 -35.44 -8.57
C ASP K 122 -5.29 -34.64 -9.63
N ILE K 123 -4.07 -35.07 -9.97
CA ILE K 123 -3.32 -34.38 -11.02
C ILE K 123 -4.06 -34.50 -12.34
N LEU K 124 -4.58 -35.68 -12.67
CA LEU K 124 -5.34 -35.87 -13.90
C LEU K 124 -6.54 -34.92 -13.96
N GLU K 125 -7.24 -34.73 -12.83
CA GLU K 125 -8.34 -33.77 -12.82
C GLU K 125 -7.86 -32.37 -13.20
N SER K 126 -6.71 -31.95 -12.66
N SER K 126 -6.74 -31.92 -12.63
CA SER K 126 -6.17 -30.63 -12.98
CA SER K 126 -6.17 -30.63 -12.99
C SER K 126 -5.74 -30.54 -14.45
C SER K 126 -5.83 -30.58 -14.48
N GLU K 127 -5.17 -31.62 -14.99
CA GLU K 127 -4.78 -31.61 -16.39
C GLU K 127 -5.99 -31.57 -17.32
N GLU K 128 -7.05 -32.29 -16.98
CA GLU K 128 -8.27 -32.20 -17.81
C GLU K 128 -8.88 -30.81 -17.72
N GLU K 129 -8.83 -30.16 -16.56
CA GLU K 129 -9.28 -28.77 -16.49
C GLU K 129 -8.45 -27.88 -17.40
N HIS K 130 -7.14 -28.13 -17.48
CA HIS K 130 -6.32 -27.34 -18.39
CA HIS K 130 -6.26 -27.38 -18.38
C HIS K 130 -6.68 -27.61 -19.83
N ILE K 131 -6.94 -28.86 -20.20
CA ILE K 131 -7.39 -29.19 -21.55
C ILE K 131 -8.67 -28.42 -21.88
N ASP K 132 -9.62 -28.40 -20.95
CA ASP K 132 -10.86 -27.63 -21.15
C ASP K 132 -10.55 -26.17 -21.44
N TYR K 133 -9.68 -25.55 -20.63
CA TYR K 133 -9.30 -24.16 -20.88
C TYR K 133 -8.74 -23.98 -22.29
N LEU K 134 -7.84 -24.87 -22.68
CA LEU K 134 -7.13 -24.69 -23.95
C LEU K 134 -8.05 -24.88 -25.13
N GLU K 135 -8.84 -25.94 -25.12
CA GLU K 135 -9.82 -26.16 -26.17
C GLU K 135 -10.79 -24.98 -26.27
N THR K 136 -11.18 -24.45 -25.12
CA THR K 136 -12.09 -23.31 -25.11
C THR K 136 -11.45 -22.07 -25.75
N GLN K 137 -10.18 -21.79 -25.43
CA GLN K 137 -9.51 -20.62 -26.02
C GLN K 137 -9.40 -20.77 -27.53
N LEU K 138 -9.03 -21.97 -28.00
CA LEU K 138 -8.90 -22.20 -29.42
C LEU K 138 -10.26 -22.04 -30.12
N GLY K 139 -11.33 -22.49 -29.45
CA GLY K 139 -12.67 -22.28 -29.98
C GLY K 139 -13.09 -20.82 -30.01
N LEU K 140 -12.73 -20.06 -28.97
CA LEU K 140 -13.06 -18.64 -28.97
C LEU K 140 -12.35 -17.89 -30.08
N ILE K 141 -11.09 -18.22 -30.36
CA ILE K 141 -10.39 -17.58 -31.47
C ILE K 141 -11.19 -17.77 -32.76
N GLN K 142 -11.72 -18.97 -32.97
CA GLN K 142 -12.55 -19.21 -34.16
C GLN K 142 -13.85 -18.40 -34.12
N LYS K 143 -14.52 -18.34 -32.96
CA LYS K 143 -15.83 -17.70 -32.88
C LYS K 143 -15.78 -16.18 -32.90
N VAL K 144 -14.82 -15.57 -32.21
CA VAL K 144 -14.75 -14.10 -32.10
C VAL K 144 -13.72 -13.49 -33.05
N GLY K 145 -12.86 -14.30 -33.64
CA GLY K 145 -11.75 -13.83 -34.47
C GLY K 145 -10.51 -13.58 -33.64
N LEU K 146 -9.35 -13.79 -34.26
CA LEU K 146 -8.09 -13.63 -33.55
C LEU K 146 -7.91 -12.20 -33.03
N GLU K 147 -8.19 -11.19 -33.86
CA GLU K 147 -7.98 -9.80 -33.42
C GLU K 147 -8.81 -9.47 -32.18
N ASN K 148 -10.08 -9.85 -32.18
CA ASN K 148 -10.89 -9.60 -30.98
C ASN K 148 -10.42 -10.44 -29.81
N TYR K 149 -10.06 -11.71 -30.05
CA TYR K 149 -9.57 -12.54 -28.96
C TYR K 149 -8.35 -11.90 -28.29
N LEU K 150 -7.38 -11.46 -29.10
CA LEU K 150 -6.19 -10.79 -28.54
C LEU K 150 -6.57 -9.49 -27.85
N GLN K 151 -7.46 -8.70 -28.45
CA GLN K 151 -7.90 -7.45 -27.81
C GLN K 151 -8.42 -7.72 -26.40
N SER K 152 -9.23 -8.76 -26.24
CA SER K 152 -9.79 -9.12 -24.93
C SER K 152 -8.75 -9.64 -23.96
N HIS K 153 -7.52 -9.87 -24.41
CA HIS K 153 -6.48 -10.37 -23.51
C HIS K 153 -5.32 -9.37 -23.32
N MET K 154 -5.53 -8.10 -23.71
CA MET K 154 -4.52 -7.07 -23.50
CA MET K 154 -4.51 -7.08 -23.49
C MET K 154 -4.42 -6.68 -22.03
N HIS K 155 -5.56 -6.39 -21.40
CA HIS K 155 -5.61 -5.88 -20.05
C HIS K 155 -6.02 -6.98 -19.09
N GLU K 156 -5.37 -7.04 -17.93
CA GLU K 156 -5.70 -8.05 -16.93
C GLU K 156 -7.08 -7.81 -16.33
N MET L 1 -38.41 48.53 28.93
CA MET L 1 -38.39 49.12 30.28
C MET L 1 -37.76 50.51 30.15
N LYS L 2 -38.42 51.59 30.56
CA LYS L 2 -37.90 52.92 30.24
C LYS L 2 -36.64 53.21 31.05
N GLY L 3 -35.55 53.49 30.35
CA GLY L 3 -34.30 53.80 31.00
C GLY L 3 -34.12 55.29 31.28
N ASP L 4 -33.05 55.60 32.00
CA ASP L 4 -32.68 56.97 32.29
C ASP L 4 -32.15 57.63 31.01
N LYS L 5 -32.62 58.85 30.74
CA LYS L 5 -32.24 59.52 29.49
C LYS L 5 -30.72 59.69 29.37
N LYS L 6 -30.08 60.12 30.44
CA LYS L 6 -28.64 60.34 30.40
C LYS L 6 -27.87 59.03 30.33
N VAL L 7 -28.37 57.96 30.96
CA VAL L 7 -27.76 56.65 30.73
C VAL L 7 -27.77 56.32 29.25
N ILE L 8 -28.93 56.46 28.60
CA ILE L 8 -29.03 56.14 27.17
C ILE L 8 -28.07 57.00 26.35
N GLN L 9 -27.95 58.28 26.70
CA GLN L 9 -26.99 59.14 26.00
C GLN L 9 -25.56 58.62 26.18
N HIS L 10 -25.19 58.24 27.40
CA HIS L 10 -23.87 57.67 27.64
C HIS L 10 -23.68 56.38 26.85
N LEU L 11 -24.68 55.49 26.85
CA LEU L 11 -24.54 54.24 26.12
C LEU L 11 -24.34 54.50 24.62
N ASN L 12 -25.04 55.51 24.09
CA ASN L 12 -24.86 55.89 22.68
C ASN L 12 -23.48 56.49 22.44
N LYS L 13 -22.92 57.20 23.43
CA LYS L 13 -21.57 57.73 23.27
C LYS L 13 -20.55 56.61 23.21
N ILE L 14 -20.67 55.62 24.12
N ILE L 14 -20.69 55.60 24.07
CA ILE L 14 -19.82 54.44 24.10
CA ILE L 14 -19.76 54.48 24.03
C ILE L 14 -19.96 53.71 22.76
C ILE L 14 -19.96 53.65 22.76
N LEU L 15 -21.20 53.48 22.34
CA LEU L 15 -21.45 52.83 21.05
C LEU L 15 -20.74 53.55 19.92
N GLY L 16 -20.82 54.88 19.91
CA GLY L 16 -20.10 55.65 18.90
C GLY L 16 -18.61 55.38 18.92
N ASN L 17 -18.04 55.26 20.13
CA ASN L 17 -16.61 54.97 20.18
C ASN L 17 -16.32 53.58 19.63
N GLU L 18 -17.16 52.60 19.97
N GLU L 18 -17.18 52.62 19.89
CA GLU L 18 -16.99 51.25 19.44
CA GLU L 18 -16.92 51.27 19.40
C GLU L 18 -17.04 51.26 17.91
C GLU L 18 -17.12 51.16 17.89
N LEU L 19 -18.00 52.00 17.33
CA LEU L 19 -18.14 52.03 15.87
C LEU L 19 -16.90 52.61 15.19
N ILE L 20 -16.28 53.65 15.78
CA ILE L 20 -15.00 54.14 15.25
C ILE L 20 -13.98 53.01 15.26
N ALA L 21 -13.87 52.33 16.40
CA ALA L 21 -12.84 51.31 16.56
C ALA L 21 -13.03 50.14 15.60
N ILE L 22 -14.28 49.71 15.40
CA ILE L 22 -14.54 48.62 14.46
C ILE L 22 -13.91 48.92 13.12
N ASN L 23 -14.17 50.14 12.61
CA ASN L 23 -13.74 50.49 11.26
C ASN L 23 -12.24 50.74 11.21
N GLN L 24 -11.70 51.42 12.24
CA GLN L 24 -10.27 51.65 12.28
C GLN L 24 -9.50 50.34 12.34
N TYR L 25 -9.93 49.42 13.22
CA TYR L 25 -9.22 48.15 13.36
C TYR L 25 -9.37 47.31 12.09
N PHE L 26 -10.56 47.31 11.49
CA PHE L 26 -10.73 46.54 10.27
C PHE L 26 -9.82 47.04 9.16
N LEU L 27 -9.73 48.36 8.98
CA LEU L 27 -8.86 48.89 7.93
C LEU L 27 -7.40 48.61 8.23
N HIS L 28 -6.96 48.84 9.48
CA HIS L 28 -5.59 48.51 9.85
C HIS L 28 -5.27 47.04 9.56
N SER L 29 -6.20 46.14 9.89
CA SER L 29 -6.01 44.71 9.62
C SER L 29 -5.72 44.46 8.15
N ARG L 30 -6.55 45.04 7.28
CA ARG L 30 -6.40 44.77 5.85
C ARG L 30 -5.16 45.46 5.28
N MET L 31 -4.76 46.59 5.85
CA MET L 31 -3.48 47.20 5.48
C MET L 31 -2.33 46.26 5.82
N TRP L 32 -2.32 45.72 7.04
CA TRP L 32 -1.27 44.81 7.42
C TRP L 32 -1.25 43.57 6.53
N ASN L 33 -2.44 43.03 6.18
CA ASN L 33 -2.46 41.86 5.30
C ASN L 33 -1.88 42.19 3.93
N ASP L 34 -2.26 43.35 3.36
CA ASP L 34 -1.75 43.77 2.06
C ASP L 34 -0.23 43.91 2.05
N TRP L 35 0.34 44.30 3.19
CA TRP L 35 1.80 44.42 3.32
C TRP L 35 2.50 43.09 3.61
N GLY L 36 1.77 42.00 3.80
CA GLY L 36 2.40 40.74 4.12
C GLY L 36 2.67 40.52 5.59
N LEU L 37 2.10 41.36 6.45
CA LEU L 37 2.30 41.25 7.90
C LEU L 37 1.07 40.56 8.48
N LYS L 38 0.95 39.28 8.15
CA LYS L 38 -0.30 38.54 8.32
C LYS L 38 -0.61 38.27 9.79
N ARG L 39 0.41 38.15 10.65
CA ARG L 39 0.13 37.96 12.06
C ARG L 39 -0.52 39.20 12.67
N LEU L 40 -0.02 40.40 12.32
CA LEU L 40 -0.68 41.63 12.76
C LEU L 40 -2.06 41.76 12.15
N GLY L 41 -2.18 41.42 10.86
CA GLY L 41 -3.48 41.51 10.23
C GLY L 41 -4.51 40.65 10.93
N ALA L 42 -4.13 39.43 11.30
CA ALA L 42 -5.10 38.54 11.95
C ALA L 42 -5.46 39.03 13.34
N HIS L 43 -4.46 39.45 14.13
CA HIS L 43 -4.76 39.94 15.47
C HIS L 43 -5.67 41.15 15.42
N GLU L 44 -5.40 42.07 14.50
CA GLU L 44 -6.21 43.28 14.42
C GLU L 44 -7.62 42.99 13.92
N TYR L 45 -7.79 41.99 13.03
CA TYR L 45 -9.12 41.54 12.67
C TYR L 45 -9.89 41.09 13.90
N HIS L 46 -9.26 40.28 14.76
CA HIS L 46 -9.96 39.83 15.96
C HIS L 46 -10.30 41.00 16.88
N GLU L 47 -9.45 42.04 16.95
CA GLU L 47 -9.81 43.22 17.72
C GLU L 47 -11.07 43.89 17.16
N SER L 48 -11.18 43.97 15.84
CA SER L 48 -12.37 44.56 15.22
C SER L 48 -13.62 43.76 15.59
N ILE L 49 -13.55 42.44 15.46
CA ILE L 49 -14.70 41.59 15.76
C ILE L 49 -15.09 41.71 17.23
N ASP L 50 -14.10 41.79 18.13
CA ASP L 50 -14.41 41.94 19.54
CA ASP L 50 -14.41 41.94 19.55
C ASP L 50 -15.16 43.24 19.80
N GLU L 51 -14.78 44.33 19.12
CA GLU L 51 -15.49 45.59 19.25
C GLU L 51 -16.91 45.48 18.73
N MET L 52 -17.10 44.73 17.64
CA MET L 52 -18.45 44.45 17.15
C MET L 52 -19.32 43.79 18.21
N LYS L 53 -18.74 42.86 18.98
CA LYS L 53 -19.52 42.18 20.00
C LYS L 53 -19.97 43.17 21.08
N HIS L 54 -19.09 44.10 21.46
CA HIS L 54 -19.49 45.10 22.46
C HIS L 54 -20.56 46.02 21.89
N ALA L 55 -20.42 46.44 20.64
CA ALA L 55 -21.42 47.30 20.02
C ALA L 55 -22.78 46.63 20.01
N ASP L 56 -22.80 45.33 19.71
CA ASP L 56 -24.05 44.58 19.72
C ASP L 56 -24.71 44.65 21.10
N LYS L 57 -23.96 44.39 22.16
CA LYS L 57 -24.55 44.42 23.50
C LYS L 57 -25.07 45.80 23.84
N LEU L 58 -24.37 46.85 23.43
CA LEU L 58 -24.84 48.21 23.68
C LEU L 58 -26.14 48.49 22.95
N ILE L 59 -26.19 48.13 21.65
CA ILE L 59 -27.41 48.32 20.87
C ILE L 59 -28.57 47.61 21.53
N GLU L 60 -28.36 46.34 21.93
CA GLU L 60 -29.41 45.57 22.60
C GLU L 60 -29.88 46.25 23.89
N ARG L 61 -28.96 46.74 24.71
CA ARG L 61 -29.32 47.39 25.98
C ARG L 61 -30.08 48.69 25.73
N ILE L 62 -29.64 49.49 24.77
CA ILE L 62 -30.34 50.73 24.46
C ILE L 62 -31.79 50.44 24.05
N LEU L 63 -32.00 49.42 23.19
CA LEU L 63 -33.35 49.10 22.75
C LEU L 63 -34.21 48.61 23.90
N PHE L 64 -33.63 47.79 24.79
CA PHE L 64 -34.39 47.33 25.95
C PHE L 64 -34.85 48.51 26.80
N LEU L 65 -33.98 49.52 26.95
CA LEU L 65 -34.27 50.72 27.71
C LEU L 65 -35.12 51.72 26.95
N GLU L 66 -35.60 51.35 25.75
CA GLU L 66 -36.52 52.15 24.95
C GLU L 66 -35.87 53.41 24.39
N GLY L 67 -34.57 53.37 24.13
CA GLY L 67 -33.88 54.42 23.44
C GLY L 67 -33.60 54.03 21.99
N LEU L 68 -33.00 54.97 21.28
CA LEU L 68 -32.70 54.83 19.86
C LEU L 68 -31.20 54.64 19.68
N PRO L 69 -30.73 53.46 19.28
CA PRO L 69 -29.29 53.31 19.04
C PRO L 69 -28.89 54.15 17.84
N ASN L 70 -27.80 54.91 17.99
CA ASN L 70 -27.27 55.79 16.96
C ASN L 70 -26.10 55.09 16.28
N LEU L 71 -26.35 54.56 15.08
CA LEU L 71 -25.31 54.00 14.23
C LEU L 71 -24.98 54.94 13.08
N GLN L 72 -25.53 56.15 13.09
CA GLN L 72 -25.40 57.09 11.97
C GLN L 72 -24.19 58.02 12.10
N ASP L 73 -23.97 58.53 13.31
N ASP L 73 -23.79 58.46 13.30
CA ASP L 73 -22.86 59.41 13.55
CA ASP L 73 -22.87 59.61 13.40
C ASP L 73 -21.62 58.56 13.68
C ASP L 73 -21.43 59.20 13.73
N LEU L 74 -20.73 58.68 12.72
CA LEU L 74 -19.41 58.08 12.83
C LEU L 74 -18.37 59.16 13.04
N GLY L 75 -17.65 59.09 14.16
CA GLY L 75 -16.58 60.01 14.45
C GLY L 75 -15.29 59.70 13.70
N LYS L 76 -14.23 60.41 14.07
CA LYS L 76 -13.00 60.44 13.30
C LYS L 76 -12.19 59.14 13.47
N LEU L 77 -11.95 58.46 12.35
CA LEU L 77 -11.06 57.30 12.37
C LEU L 77 -9.62 57.80 12.43
N LEU L 78 -8.80 57.14 13.25
CA LEU L 78 -7.38 57.47 13.40
C LEU L 78 -6.60 56.41 12.63
N ILE L 79 -6.31 56.69 11.35
CA ILE L 79 -5.70 55.72 10.44
C ILE L 79 -4.21 56.03 10.35
N GLY L 80 -3.39 55.09 10.79
CA GLY L 80 -1.96 55.25 10.68
C GLY L 80 -1.48 54.80 9.32
N GLU L 81 -0.26 55.17 8.97
CA GLU L 81 0.29 54.87 7.65
C GLU L 81 1.52 53.97 7.70
N ASN L 82 1.98 53.57 8.88
CA ASN L 82 2.99 52.53 9.05
C ASN L 82 2.67 51.84 10.37
N THR L 83 3.33 50.70 10.61
CA THR L 83 2.98 49.85 11.77
C THR L 83 3.02 50.62 13.08
N GLN L 84 4.12 51.34 13.34
CA GLN L 84 4.25 52.08 14.59
CA GLN L 84 4.27 52.10 14.58
C GLN L 84 3.13 53.08 14.76
N GLU L 85 2.79 53.83 13.70
CA GLU L 85 1.72 54.81 13.78
C GLU L 85 0.36 54.16 14.00
N MET L 86 0.13 53.02 13.33
CA MET L 86 -1.16 52.35 13.46
C MET L 86 -1.39 51.88 14.89
N LEU L 87 -0.37 51.27 15.49
CA LEU L 87 -0.47 50.87 16.89
C LEU L 87 -0.71 52.06 17.80
N GLN L 88 -0.01 53.17 17.59
CA GLN L 88 -0.22 54.34 18.42
C GLN L 88 -1.60 54.95 18.21
N CYS L 89 -2.09 54.95 16.96
CA CYS L 89 -3.44 55.41 16.69
C CYS L 89 -4.48 54.58 17.44
N ASP L 90 -4.32 53.23 17.43
CA ASP L 90 -5.23 52.38 18.20
C ASP L 90 -5.15 52.71 19.69
N LEU L 91 -3.92 52.94 20.21
CA LEU L 91 -3.79 53.25 21.61
C LEU L 91 -4.43 54.60 21.95
N ASN L 92 -4.23 55.61 21.09
CA ASN L 92 -4.88 56.90 21.33
C ASN L 92 -6.39 56.75 21.41
N LEU L 93 -6.97 55.95 20.51
CA LEU L 93 -8.42 55.75 20.51
C LEU L 93 -8.88 55.05 21.79
N GLU L 94 -8.16 53.99 22.21
CA GLU L 94 -8.56 53.23 23.40
C GLU L 94 -8.49 54.07 24.67
N LEU L 95 -7.56 55.01 24.75
CA LEU L 95 -7.49 55.86 25.94
C LEU L 95 -8.67 56.81 26.02
N LYS L 96 -9.15 57.30 24.88
CA LYS L 96 -10.39 58.09 24.87
C LYS L 96 -11.59 57.21 25.28
N ALA L 97 -11.61 55.98 24.78
CA ALA L 97 -12.71 55.08 25.06
C ALA L 97 -12.83 54.80 26.56
N THR L 98 -11.70 54.59 27.24
CA THR L 98 -11.76 54.25 28.66
C THR L 98 -12.18 55.46 29.50
N LYS L 99 -11.76 56.67 29.12
CA LYS L 99 -12.25 57.86 29.80
C LYS L 99 -13.77 57.94 29.73
N ASP L 100 -14.34 57.71 28.55
CA ASP L 100 -15.79 57.79 28.41
C ASP L 100 -16.49 56.67 29.16
N LEU L 101 -15.91 55.46 29.19
CA LEU L 101 -16.52 54.37 29.94
C LEU L 101 -16.58 54.69 31.42
N ARG L 102 -15.52 55.28 31.98
CA ARG L 102 -15.53 55.59 33.40
C ARG L 102 -16.59 56.62 33.73
N GLU L 103 -16.74 57.66 32.89
CA GLU L 103 -17.78 58.67 33.13
C GLU L 103 -19.17 58.07 33.04
N ALA L 104 -19.37 57.13 32.12
CA ALA L 104 -20.66 56.48 31.99
C ALA L 104 -20.97 55.62 33.22
N ILE L 105 -19.97 54.89 33.75
CA ILE L 105 -20.20 54.07 34.93
C ILE L 105 -20.59 54.93 36.13
N VAL L 106 -19.91 56.08 36.30
CA VAL L 106 -20.26 57.00 37.39
C VAL L 106 -21.74 57.34 37.33
N HIS L 107 -22.23 57.68 36.14
CA HIS L 107 -23.62 58.07 36.05
C HIS L 107 -24.56 56.88 36.28
N CYS L 108 -24.26 55.70 35.72
CA CYS L 108 -25.10 54.54 35.97
C CYS L 108 -25.24 54.27 37.46
N GLU L 109 -24.13 54.35 38.20
CA GLU L 109 -24.16 54.15 39.64
C GLU L 109 -25.07 55.17 40.32
N GLN L 110 -24.96 56.43 39.91
CA GLN L 110 -25.72 57.49 40.56
C GLN L 110 -27.22 57.28 40.42
N VAL L 111 -27.66 56.74 39.28
CA VAL L 111 -29.09 56.55 39.03
C VAL L 111 -29.55 55.11 39.27
N HIS L 112 -28.68 54.26 39.82
CA HIS L 112 -29.01 52.90 40.25
C HIS L 112 -29.25 51.94 39.08
N ASP L 113 -28.69 52.24 37.89
CA ASP L 113 -28.78 51.31 36.75
C ASP L 113 -27.58 50.37 36.83
N TYR L 114 -27.71 49.41 37.74
CA TYR L 114 -26.60 48.52 38.08
C TYR L 114 -26.32 47.53 36.95
N VAL L 115 -27.34 47.16 36.17
CA VAL L 115 -27.11 46.26 35.04
C VAL L 115 -26.35 46.96 33.92
N SER L 116 -26.69 48.21 33.60
CA SER L 116 -25.90 48.94 32.62
C SER L 116 -24.47 49.13 33.11
N ARG L 117 -24.29 49.43 34.41
CA ARG L 117 -22.93 49.53 34.95
C ARG L 117 -22.14 48.24 34.70
N ASP L 118 -22.76 47.09 34.96
CA ASP L 118 -22.05 45.82 34.83
C ASP L 118 -21.65 45.56 33.38
N LEU L 119 -22.52 45.89 32.43
CA LEU L 119 -22.17 45.77 31.02
C LEU L 119 -20.96 46.64 30.68
N LEU L 120 -20.98 47.90 31.13
CA LEU L 120 -19.90 48.82 30.83
C LEU L 120 -18.60 48.39 31.51
N LYS L 121 -18.69 47.83 32.71
CA LYS L 121 -17.49 47.31 33.37
C LYS L 121 -16.86 46.18 32.56
N ASP L 122 -17.68 45.27 32.04
CA ASP L 122 -17.17 44.21 31.19
C ASP L 122 -16.47 44.78 29.94
N ILE L 123 -17.08 45.80 29.32
CA ILE L 123 -16.46 46.40 28.14
C ILE L 123 -15.14 47.05 28.54
N LEU L 124 -15.12 47.75 29.68
CA LEU L 124 -13.90 48.40 30.16
C LEU L 124 -12.78 47.41 30.40
N GLU L 125 -13.12 46.21 30.92
CA GLU L 125 -12.09 45.18 31.08
C GLU L 125 -11.50 44.77 29.73
N SER L 126 -12.34 44.60 28.71
N SER L 126 -12.34 44.59 28.71
CA SER L 126 -11.85 44.29 27.38
CA SER L 126 -11.86 44.28 27.37
C SER L 126 -10.97 45.40 26.83
C SER L 126 -10.98 45.40 26.82
N GLU L 127 -11.38 46.66 27.03
CA GLU L 127 -10.59 47.77 26.49
C GLU L 127 -9.25 47.88 27.21
N GLU L 128 -9.20 47.65 28.53
CA GLU L 128 -7.90 47.65 29.22
C GLU L 128 -7.01 46.51 28.72
N GLU L 129 -7.59 45.34 28.41
CA GLU L 129 -6.80 44.26 27.83
C GLU L 129 -6.19 44.69 26.49
N HIS L 130 -6.95 45.46 25.71
CA HIS L 130 -6.42 45.95 24.44
C HIS L 130 -5.30 46.96 24.65
N ILE L 131 -5.47 47.86 25.61
CA ILE L 131 -4.38 48.76 25.97
C ILE L 131 -3.13 47.98 26.36
N ASP L 132 -3.27 46.90 27.15
CA ASP L 132 -2.11 46.08 27.50
C ASP L 132 -1.42 45.54 26.26
N TYR L 133 -2.21 44.98 25.34
CA TYR L 133 -1.63 44.47 24.10
C TYR L 133 -0.86 45.56 23.36
N LEU L 134 -1.48 46.74 23.21
CA LEU L 134 -0.86 47.83 22.42
C LEU L 134 0.41 48.36 23.05
N GLU L 135 0.38 48.63 24.37
CA GLU L 135 1.57 49.06 25.08
C GLU L 135 2.68 48.03 24.95
N THR L 136 2.33 46.74 25.02
CA THR L 136 3.31 45.68 24.89
C THR L 136 3.95 45.68 23.51
N GLN L 137 3.15 45.86 22.45
CA GLN L 137 3.72 45.85 21.09
C GLN L 137 4.66 47.02 20.90
N LEU L 138 4.26 48.21 21.35
CA LEU L 138 5.12 49.39 21.24
C LEU L 138 6.43 49.16 22.00
N GLY L 139 6.36 48.52 23.17
CA GLY L 139 7.57 48.19 23.90
C GLY L 139 8.45 47.17 23.19
N LEU L 140 7.83 46.17 22.54
CA LEU L 140 8.62 45.17 21.84
C LEU L 140 9.36 45.77 20.66
N ILE L 141 8.74 46.73 19.97
CA ILE L 141 9.44 47.42 18.88
C ILE L 141 10.73 48.04 19.41
N GLN L 142 10.67 48.64 20.59
CA GLN L 142 11.88 49.21 21.19
C GLN L 142 12.90 48.13 21.58
N LYS L 143 12.44 47.01 22.15
CA LYS L 143 13.35 46.01 22.68
C LYS L 143 13.99 45.13 21.60
N VAL L 144 13.25 44.78 20.54
CA VAL L 144 13.77 43.87 19.52
C VAL L 144 14.17 44.58 18.24
N GLY L 145 13.85 45.86 18.11
CA GLY L 145 14.03 46.66 16.91
C GLY L 145 12.90 46.46 15.92
N LEU L 146 12.65 47.51 15.12
CA LEU L 146 11.48 47.48 14.24
C LEU L 146 11.59 46.37 13.20
N GLU L 147 12.77 46.17 12.62
CA GLU L 147 12.90 45.16 11.57
C GLU L 147 12.57 43.76 12.10
N ASN L 148 13.11 43.41 13.28
CA ASN L 148 12.78 42.11 13.87
C ASN L 148 11.31 42.04 14.26
N TYR L 149 10.76 43.13 14.81
CA TYR L 149 9.36 43.11 15.21
C TYR L 149 8.47 42.81 13.99
N LEU L 150 8.74 43.48 12.87
CA LEU L 150 7.96 43.23 11.66
C LEU L 150 8.19 41.81 11.14
N GLN L 151 9.45 41.34 11.14
CA GLN L 151 9.74 39.98 10.72
C GLN L 151 8.89 38.97 11.50
N SER L 152 8.79 39.15 12.82
CA SER L 152 8.04 38.25 13.67
C SER L 152 6.55 38.32 13.42
N HIS L 153 6.07 39.27 12.61
CA HIS L 153 4.65 39.36 12.33
C HIS L 153 4.32 39.11 10.88
N MET L 154 5.27 38.57 10.11
CA MET L 154 4.99 38.20 8.72
CA MET L 154 4.98 38.20 8.72
C MET L 154 4.08 36.98 8.66
N HIS L 155 4.42 35.93 9.38
CA HIS L 155 3.75 34.64 9.28
C HIS L 155 2.78 34.46 10.45
N GLU L 156 1.62 33.89 10.15
CA GLU L 156 0.67 33.56 11.22
C GLU L 156 1.18 32.41 12.08
#